data_3C3D
#
_entry.id   3C3D
#
_cell.length_a   185.278
_cell.length_b   185.278
_cell.length_c   67.789
_cell.angle_alpha   90.00
_cell.angle_beta   90.00
_cell.angle_gamma   120.00
#
_symmetry.space_group_name_H-M   'P 32'
#
loop_
_entity.id
_entity.type
_entity.pdbx_description
1 polymer '2-phospho-L-lactate transferase'
2 non-polymer 'PHOSPHATE ION'
3 non-polymer 1-deoxy-1-(8-hydroxy-2,4-dioxo-3,4-dihydropyrimido[4,5-b]quinolin-10(2H)-yl)-D-ribitol
4 water water
#
_entity_poly.entity_id   1
_entity_poly.type   'polypeptide(L)'
_entity_poly.pdbx_seq_one_letter_code
;(MSE)IIFSGGTGTPKLLDGLKEILPEEELTVVVNTAEDLWVSGNLISPDLDTVLYLFSDQIDRKRWWGIENDTFGTYER
(MSE)KELGIEEGLKLGDRDRATHIIRSNIIRDGASLTDSTVKLSSLFGIKANILP(MSE)SDDPVSTYIETAEGI
(MSE)HFQDFWIGKRGEPDVRGVDIRGVSEASISPKVLEAFEKEENILIGPSNPITSIGPIISLPG(MSE)RELLKKKKV
VAVSPIIGNAPVSGPAGKL(MSE)PACGIEVSS(MSE)GVAEYYQDFLDVFVFDERDRADEFAFERLGCHASRADTL
(MSE)TSTEKSKELAEIVVQAFLEHHHHHH
;
_entity_poly.pdbx_strand_id   A,B,C,D
#
loop_
_chem_comp.id
_chem_comp.type
_chem_comp.name
_chem_comp.formula
FO1 non-polymer 1-deoxy-1-(8-hydroxy-2,4-dioxo-3,4-dihydropyrimido[4,5-b]quinolin-10(2H)-yl)-D-ribitol 'C16 H17 N3 O7'
PO4 non-polymer 'PHOSPHATE ION' 'O4 P -3'
#
# COMPACT_ATOMS: atom_id res chain seq x y z
N MSE A 1 12.32 1.37 28.46
CA MSE A 1 12.43 0.59 27.20
C MSE A 1 11.22 0.80 26.30
O MSE A 1 10.09 0.90 26.80
CB MSE A 1 12.53 -0.90 27.53
CG MSE A 1 12.79 -1.75 26.29
SE MSE A 1 12.55 -3.62 26.68
CE MSE A 1 14.16 -3.87 27.75
N ILE A 2 11.45 0.85 25.00
CA ILE A 2 10.35 1.02 24.07
C ILE A 2 10.13 -0.30 23.35
N ILE A 3 8.87 -0.72 23.22
CA ILE A 3 8.56 -1.95 22.51
C ILE A 3 7.56 -1.67 21.38
N PHE A 4 7.89 -2.06 20.16
CA PHE A 4 6.99 -1.87 19.02
C PHE A 4 6.06 -3.07 19.05
N SER A 5 4.76 -2.82 19.15
CA SER A 5 3.81 -3.91 19.25
C SER A 5 2.73 -3.94 18.19
N GLY A 6 2.35 -5.16 17.83
CA GLY A 6 1.31 -5.39 16.84
C GLY A 6 1.02 -6.87 16.83
N GLY A 7 -0.08 -7.30 16.21
CA GLY A 7 -0.35 -8.72 16.19
C GLY A 7 -0.54 -9.33 17.57
N THR A 8 -0.31 -10.63 17.70
CA THR A 8 -0.46 -11.28 18.99
C THR A 8 0.85 -11.72 19.58
N GLY A 9 1.89 -11.78 18.75
CA GLY A 9 3.19 -12.18 19.25
C GLY A 9 3.76 -11.23 20.29
N THR A 10 3.85 -9.95 19.95
CA THR A 10 4.43 -8.98 20.87
C THR A 10 3.66 -8.86 22.18
N PRO A 11 2.33 -8.83 22.11
CA PRO A 11 1.64 -8.72 23.40
C PRO A 11 1.91 -9.94 24.27
N LYS A 12 2.17 -11.10 23.68
CA LYS A 12 2.46 -12.28 24.51
C LYS A 12 3.82 -12.11 25.19
N LEU A 13 4.74 -11.45 24.49
CA LEU A 13 6.07 -11.21 25.03
C LEU A 13 5.97 -10.13 26.10
N LEU A 14 5.09 -9.15 25.90
CA LEU A 14 4.92 -8.09 26.88
C LEU A 14 4.37 -8.67 28.18
N ASP A 15 3.63 -9.76 28.04
CA ASP A 15 3.04 -10.44 29.18
C ASP A 15 4.15 -10.94 30.10
N GLY A 16 5.28 -11.30 29.52
CA GLY A 16 6.40 -11.77 30.32
C GLY A 16 7.27 -10.61 30.78
N LEU A 17 7.46 -9.64 29.89
CA LEU A 17 8.28 -8.46 30.19
C LEU A 17 7.78 -7.64 31.36
N LYS A 18 6.46 -7.57 31.51
CA LYS A 18 5.87 -6.78 32.58
C LYS A 18 6.04 -7.49 33.92
N GLU A 19 6.56 -8.72 33.87
CA GLU A 19 6.80 -9.50 35.08
C GLU A 19 8.26 -9.41 35.53
N ILE A 20 9.13 -8.78 34.73
CA ILE A 20 10.53 -8.70 35.11
C ILE A 20 11.13 -7.31 35.06
N LEU A 21 10.30 -6.32 34.81
CA LEU A 21 10.75 -4.94 34.78
C LEU A 21 9.61 -4.09 35.33
N PRO A 22 9.95 -2.92 35.89
CA PRO A 22 8.91 -2.06 36.44
C PRO A 22 8.04 -1.56 35.28
N GLU A 23 6.73 -1.77 35.40
CA GLU A 23 5.79 -1.37 34.37
C GLU A 23 5.86 0.09 33.93
N GLU A 24 6.21 0.98 34.84
CA GLU A 24 6.28 2.41 34.52
C GLU A 24 7.39 2.69 33.52
N GLU A 25 8.34 1.76 33.42
CA GLU A 25 9.46 1.92 32.50
C GLU A 25 9.19 1.33 31.11
N LEU A 26 8.03 0.71 30.92
CA LEU A 26 7.73 0.13 29.61
C LEU A 26 6.84 1.07 28.82
N THR A 27 7.33 1.49 27.67
CA THR A 27 6.60 2.36 26.77
C THR A 27 6.36 1.51 25.54
N VAL A 28 5.10 1.34 25.18
CA VAL A 28 4.75 0.53 24.03
C VAL A 28 4.26 1.38 22.88
N VAL A 29 4.92 1.31 21.72
CA VAL A 29 4.49 2.06 20.56
C VAL A 29 3.67 1.06 19.74
N VAL A 30 2.39 1.36 19.55
CA VAL A 30 1.50 0.42 18.86
C VAL A 30 1.10 0.72 17.43
N ASN A 31 0.97 -0.35 16.65
CA ASN A 31 0.56 -0.24 15.26
C ASN A 31 -0.90 0.22 15.18
N THR A 32 -1.23 1.05 14.18
CA THR A 32 -2.60 1.51 14.05
C THR A 32 -3.11 1.30 12.63
N ALA A 33 -2.32 0.59 11.82
CA ALA A 33 -2.70 0.35 10.43
C ALA A 33 -3.89 -0.58 10.27
N GLU A 34 -4.35 -1.16 11.38
CA GLU A 34 -5.49 -2.06 11.35
C GLU A 34 -6.72 -1.35 11.91
N ASP A 35 -6.56 -0.11 12.40
CA ASP A 35 -7.68 0.63 12.97
C ASP A 35 -8.81 0.87 11.96
N LEU A 36 -10.05 0.63 12.39
CA LEU A 36 -11.23 0.84 11.55
C LEU A 36 -12.41 1.35 12.35
N TRP A 37 -13.19 2.24 11.74
CA TRP A 37 -14.39 2.70 12.41
C TRP A 37 -15.40 1.59 12.09
N VAL A 38 -15.99 1.00 13.11
CA VAL A 38 -16.96 -0.08 12.93
C VAL A 38 -18.18 0.23 13.77
N SER A 39 -19.36 0.19 13.15
CA SER A 39 -20.58 0.45 13.86
C SER A 39 -20.55 1.78 14.64
N GLY A 40 -20.04 2.82 13.99
CA GLY A 40 -19.99 4.14 14.62
C GLY A 40 -18.84 4.46 15.54
N ASN A 41 -17.96 3.49 15.77
CA ASN A 41 -16.86 3.74 16.69
C ASN A 41 -15.53 3.16 16.26
N LEU A 42 -14.47 3.87 16.59
CA LEU A 42 -13.14 3.46 16.20
C LEU A 42 -12.58 2.24 16.94
N ILE A 43 -12.15 1.26 16.18
CA ILE A 43 -11.57 0.10 16.81
C ILE A 43 -10.06 0.10 16.53
N SER A 44 -9.28 0.07 17.61
CA SER A 44 -7.82 0.03 17.50
C SER A 44 -7.45 -1.25 18.19
N PRO A 45 -7.50 -2.35 17.44
CA PRO A 45 -7.20 -3.69 17.92
C PRO A 45 -5.84 -3.89 18.58
N ASP A 46 -4.79 -3.31 18.02
CA ASP A 46 -3.47 -3.49 18.62
C ASP A 46 -3.31 -2.66 19.89
N LEU A 47 -3.90 -1.48 19.88
CA LEU A 47 -3.88 -0.59 21.03
C LEU A 47 -4.66 -1.20 22.19
N ASP A 48 -5.85 -1.71 21.87
CA ASP A 48 -6.73 -2.31 22.85
C ASP A 48 -6.20 -3.57 23.50
N THR A 49 -5.57 -4.42 22.71
CA THR A 49 -5.01 -5.65 23.22
C THR A 49 -3.97 -5.28 24.29
N VAL A 50 -3.15 -4.29 24.00
CA VAL A 50 -2.15 -3.87 24.96
C VAL A 50 -2.82 -3.27 26.19
N LEU A 51 -3.86 -2.47 25.97
CA LEU A 51 -4.58 -1.86 27.09
C LEU A 51 -5.15 -2.94 28.01
N TYR A 52 -5.73 -3.97 27.40
CA TYR A 52 -6.34 -5.07 28.15
C TYR A 52 -5.29 -5.94 28.83
N LEU A 53 -4.15 -6.10 28.18
CA LEU A 53 -3.09 -6.90 28.75
C LEU A 53 -2.56 -6.22 30.02
N PHE A 54 -2.40 -4.91 29.98
CA PHE A 54 -1.90 -4.20 31.16
C PHE A 54 -2.95 -3.83 32.20
N SER A 55 -4.18 -4.27 32.00
CA SER A 55 -5.25 -3.96 32.94
C SER A 55 -5.89 -5.26 33.40
N ASP A 56 -5.19 -6.36 33.13
CA ASP A 56 -5.61 -7.70 33.49
C ASP A 56 -7.04 -8.07 33.08
N GLN A 57 -7.39 -7.77 31.84
CA GLN A 57 -8.71 -8.12 31.35
C GLN A 57 -8.67 -8.77 29.97
N ILE A 58 -7.47 -8.95 29.44
CA ILE A 58 -7.33 -9.55 28.11
C ILE A 58 -7.80 -11.00 28.12
N ASP A 59 -8.36 -11.45 27.00
CA ASP A 59 -8.82 -12.83 26.87
C ASP A 59 -7.62 -13.64 26.41
N ARG A 60 -7.03 -14.39 27.34
CA ARG A 60 -5.84 -15.18 27.02
C ARG A 60 -6.08 -16.39 26.13
N LYS A 61 -7.33 -16.65 25.80
CA LYS A 61 -7.65 -17.77 24.94
C LYS A 61 -7.42 -17.41 23.46
N ARG A 62 -7.87 -16.21 23.05
CA ARG A 62 -7.69 -15.75 21.67
C ARG A 62 -6.66 -14.62 21.60
N TRP A 63 -6.37 -14.05 22.76
CA TRP A 63 -5.42 -12.95 22.87
C TRP A 63 -5.91 -11.65 22.23
N TRP A 64 -7.22 -11.43 22.30
CA TRP A 64 -7.85 -10.21 21.80
C TRP A 64 -9.20 -10.15 22.48
N GLY A 65 -9.70 -8.93 22.70
CA GLY A 65 -10.99 -8.80 23.36
C GLY A 65 -10.85 -9.00 24.86
N ILE A 66 -11.96 -8.82 25.57
CA ILE A 66 -11.97 -8.95 27.02
C ILE A 66 -12.39 -10.34 27.50
N GLU A 67 -11.80 -10.79 28.60
CA GLU A 67 -12.09 -12.10 29.17
C GLU A 67 -13.54 -12.22 29.64
N ASN A 68 -14.18 -13.33 29.29
CA ASN A 68 -15.58 -13.61 29.62
C ASN A 68 -16.49 -12.39 29.43
N ASP A 69 -16.40 -11.81 28.24
CA ASP A 69 -17.18 -10.63 27.88
C ASP A 69 -18.51 -11.12 27.33
N THR A 70 -19.52 -10.25 27.37
CA THR A 70 -20.83 -10.60 26.85
C THR A 70 -20.95 -10.10 25.41
N PHE A 71 -21.91 -10.65 24.68
CA PHE A 71 -22.13 -10.29 23.28
C PHE A 71 -23.61 -10.05 22.97
N GLY A 72 -24.27 -9.28 23.82
CA GLY A 72 -25.67 -8.98 23.63
C GLY A 72 -25.97 -8.33 22.29
N THR A 73 -25.27 -7.26 22.00
CA THR A 73 -25.51 -6.56 20.75
C THR A 73 -25.14 -7.36 19.51
N TYR A 74 -23.99 -8.01 19.58
CA TYR A 74 -23.50 -8.82 18.47
C TYR A 74 -24.48 -9.93 18.14
N GLU A 75 -24.98 -10.61 19.18
CA GLU A 75 -25.90 -11.70 18.97
C GLU A 75 -27.24 -11.25 18.41
N ARG A 76 -27.73 -10.11 18.89
CA ARG A 76 -28.98 -9.58 18.40
C ARG A 76 -28.89 -9.36 16.89
N MSE A 77 -27.82 -8.74 16.43
CA MSE A 77 -27.66 -8.48 15.01
C MSE A 77 -27.50 -9.76 14.20
O MSE A 77 -27.85 -9.80 13.02
CB MSE A 77 -26.47 -7.55 14.78
CG MSE A 77 -26.79 -6.12 15.12
SE MSE A 77 -25.22 -5.02 15.25
CE MSE A 77 -24.98 -4.60 13.38
N LYS A 78 -26.96 -10.80 14.84
CA LYS A 78 -26.77 -12.06 14.16
C LYS A 78 -28.14 -12.69 13.90
N GLU A 79 -29.04 -12.58 14.86
CA GLU A 79 -30.40 -13.11 14.73
C GLU A 79 -31.09 -12.43 13.56
N LEU A 80 -30.72 -11.17 13.30
CA LEU A 80 -31.31 -10.39 12.23
C LEU A 80 -30.51 -10.55 10.94
N GLY A 81 -29.45 -11.34 11.01
CA GLY A 81 -28.62 -11.59 9.83
C GLY A 81 -27.73 -10.44 9.40
N ILE A 82 -27.26 -9.66 10.36
CA ILE A 82 -26.38 -8.53 10.05
C ILE A 82 -25.03 -8.76 10.72
N GLU A 83 -23.97 -8.72 9.93
CA GLU A 83 -22.61 -8.94 10.47
C GLU A 83 -21.89 -7.61 10.65
N GLU A 84 -21.28 -7.39 11.82
CA GLU A 84 -20.56 -6.13 12.03
C GLU A 84 -19.21 -6.20 11.33
N GLY A 85 -18.68 -7.40 11.17
CA GLY A 85 -17.39 -7.58 10.53
C GLY A 85 -16.41 -8.31 11.42
N LEU A 86 -16.75 -8.40 12.70
CA LEU A 86 -15.93 -9.09 13.68
C LEU A 86 -16.76 -9.19 14.94
N LYS A 87 -16.43 -10.14 15.80
CA LYS A 87 -17.19 -10.34 17.02
C LYS A 87 -16.88 -9.25 18.08
N LEU A 88 -17.81 -8.31 18.23
CA LEU A 88 -17.64 -7.22 19.18
C LEU A 88 -18.37 -7.45 20.50
N GLY A 89 -17.62 -7.64 21.59
CA GLY A 89 -18.25 -7.84 22.89
C GLY A 89 -18.77 -6.54 23.47
N ASP A 90 -19.73 -6.63 24.39
CA ASP A 90 -20.31 -5.44 25.00
C ASP A 90 -19.31 -4.60 25.77
N ARG A 91 -18.48 -5.24 26.61
CA ARG A 91 -17.49 -4.51 27.39
C ARG A 91 -16.43 -3.88 26.49
N ASP A 92 -16.03 -4.61 25.45
CA ASP A 92 -15.03 -4.14 24.49
C ASP A 92 -15.57 -2.91 23.75
N ARG A 93 -16.86 -2.93 23.40
CA ARG A 93 -17.46 -1.81 22.68
C ARG A 93 -17.38 -0.53 23.51
N ALA A 94 -17.39 -0.68 24.84
CA ALA A 94 -17.31 0.49 25.73
C ALA A 94 -16.00 1.24 25.49
N THR A 95 -14.94 0.48 25.22
CA THR A 95 -13.62 1.03 24.95
C THR A 95 -13.66 1.84 23.66
N HIS A 96 -14.29 1.30 22.63
CA HIS A 96 -14.41 1.99 21.35
C HIS A 96 -15.21 3.29 21.54
N ILE A 97 -16.29 3.22 22.31
CA ILE A 97 -17.12 4.39 22.56
C ILE A 97 -16.36 5.50 23.32
N ILE A 98 -15.75 5.15 24.46
CA ILE A 98 -14.99 6.12 25.25
C ILE A 98 -13.93 6.76 24.37
N ARG A 99 -13.23 5.94 23.60
CA ARG A 99 -12.20 6.49 22.72
C ARG A 99 -12.80 7.39 21.64
N SER A 100 -13.89 6.94 21.02
CA SER A 100 -14.51 7.71 19.95
C SER A 100 -15.19 9.00 20.41
N ASN A 101 -15.76 9.00 21.62
CA ASN A 101 -16.37 10.24 22.09
C ASN A 101 -15.27 11.29 22.21
N ILE A 102 -14.10 10.85 22.67
CA ILE A 102 -12.97 11.77 22.81
C ILE A 102 -12.52 12.29 21.44
N ILE A 103 -12.41 11.41 20.46
CA ILE A 103 -12.00 11.86 19.14
C ILE A 103 -13.08 12.77 18.53
N ARG A 104 -14.33 12.42 18.76
CA ARG A 104 -15.43 13.23 18.24
C ARG A 104 -15.42 14.63 18.85
N ASP A 105 -14.95 14.76 20.08
CA ASP A 105 -14.87 16.06 20.70
C ASP A 105 -13.72 16.91 20.18
N GLY A 106 -12.84 16.34 19.37
CA GLY A 106 -11.75 17.14 18.82
C GLY A 106 -10.35 16.75 19.28
N ALA A 107 -10.26 15.77 20.17
CA ALA A 107 -8.97 15.32 20.66
C ALA A 107 -8.41 14.23 19.73
N SER A 108 -7.15 13.86 19.95
CA SER A 108 -6.47 12.86 19.13
C SER A 108 -6.52 11.43 19.66
N LEU A 109 -6.11 10.50 18.81
CA LEU A 109 -6.07 9.10 19.21
C LEU A 109 -5.18 8.94 20.43
N THR A 110 -4.06 9.66 20.46
CA THR A 110 -3.16 9.57 21.61
C THR A 110 -3.86 10.04 22.89
N ASP A 111 -4.54 11.19 22.79
CA ASP A 111 -5.30 11.74 23.92
C ASP A 111 -6.27 10.69 24.45
N SER A 112 -6.95 9.97 23.56
CA SER A 112 -7.90 8.97 24.03
C SER A 112 -7.19 7.79 24.67
N THR A 113 -5.96 7.54 24.27
CA THR A 113 -5.23 6.43 24.85
C THR A 113 -4.78 6.80 26.26
N VAL A 114 -4.46 8.07 26.45
CA VAL A 114 -4.06 8.54 27.77
C VAL A 114 -5.24 8.40 28.74
N LYS A 115 -6.42 8.82 28.30
CA LYS A 115 -7.60 8.72 29.13
C LYS A 115 -7.97 7.27 29.46
N LEU A 116 -7.97 6.41 28.46
CA LEU A 116 -8.29 5.01 28.68
C LEU A 116 -7.28 4.36 29.63
N SER A 117 -6.03 4.82 29.59
CA SER A 117 -5.00 4.27 30.45
C SER A 117 -5.30 4.66 31.90
N SER A 118 -5.77 5.89 32.10
CA SER A 118 -6.11 6.34 33.44
C SER A 118 -7.27 5.52 33.95
N LEU A 119 -8.33 5.45 33.15
CA LEU A 119 -9.53 4.70 33.53
C LEU A 119 -9.21 3.28 33.91
N PHE A 120 -8.33 2.64 33.14
CA PHE A 120 -7.96 1.26 33.39
C PHE A 120 -6.90 1.11 34.49
N GLY A 121 -6.33 2.23 34.91
CA GLY A 121 -5.31 2.19 35.95
C GLY A 121 -4.02 1.52 35.53
N ILE A 122 -3.58 1.83 34.31
CA ILE A 122 -2.35 1.28 33.74
C ILE A 122 -1.15 2.17 34.05
N LYS A 123 -0.04 1.56 34.47
CA LYS A 123 1.17 2.29 34.81
C LYS A 123 2.08 2.40 33.58
N ALA A 124 1.97 1.43 32.68
CA ALA A 124 2.78 1.45 31.46
C ALA A 124 2.38 2.61 30.56
N ASN A 125 3.31 3.04 29.72
CA ASN A 125 3.05 4.15 28.83
C ASN A 125 2.72 3.60 27.42
N ILE A 126 1.43 3.61 27.08
CA ILE A 126 0.96 3.09 25.79
C ILE A 126 0.71 4.20 24.79
N LEU A 127 1.41 4.15 23.66
CA LEU A 127 1.28 5.19 22.66
C LEU A 127 1.05 4.70 21.23
N PRO A 128 0.10 5.32 20.52
CA PRO A 128 -0.08 4.83 19.16
C PRO A 128 1.04 5.41 18.31
N MSE A 129 1.48 4.66 17.31
CA MSE A 129 2.57 5.13 16.45
C MSE A 129 2.35 6.49 15.82
O MSE A 129 3.30 7.25 15.60
CB MSE A 129 2.79 4.12 15.33
CG MSE A 129 1.61 4.02 14.35
SE MSE A 129 1.85 2.65 13.02
CE MSE A 129 1.49 3.65 11.40
N SER A 130 1.11 6.80 15.49
CA SER A 130 0.81 8.05 14.82
C SER A 130 -0.64 8.41 15.06
N ASP A 131 -0.96 9.69 14.94
CA ASP A 131 -2.33 10.16 15.13
C ASP A 131 -3.03 10.21 13.76
N ASP A 132 -2.25 10.10 12.70
CA ASP A 132 -2.78 10.13 11.33
C ASP A 132 -3.35 8.77 10.91
N PRO A 133 -4.35 8.78 10.03
CA PRO A 133 -4.96 7.53 9.58
C PRO A 133 -4.05 6.72 8.67
N VAL A 134 -3.97 5.41 8.91
CA VAL A 134 -3.15 4.52 8.11
C VAL A 134 -3.97 3.23 7.97
N SER A 135 -4.11 2.75 6.73
CA SER A 135 -4.91 1.55 6.46
C SER A 135 -4.18 0.49 5.67
N THR A 136 -4.20 -0.73 6.18
CA THR A 136 -3.54 -1.82 5.51
C THR A 136 -4.48 -2.54 4.57
N TYR A 137 -4.10 -2.56 3.29
CA TYR A 137 -4.92 -3.24 2.31
C TYR A 137 -4.16 -4.44 1.78
N ILE A 138 -4.87 -5.52 1.55
CA ILE A 138 -4.26 -6.74 1.02
C ILE A 138 -4.69 -6.93 -0.43
N GLU A 139 -3.70 -7.05 -1.31
CA GLU A 139 -4.00 -7.23 -2.73
C GLU A 139 -4.05 -8.73 -3.03
N THR A 140 -5.23 -9.25 -3.32
CA THR A 140 -5.39 -10.67 -3.61
C THR A 140 -5.78 -10.90 -5.05
N ALA A 141 -5.86 -12.16 -5.44
CA ALA A 141 -6.24 -12.52 -6.81
C ALA A 141 -7.70 -12.20 -7.06
N GLU A 142 -8.48 -12.12 -5.98
CA GLU A 142 -9.91 -11.82 -6.02
C GLU A 142 -10.13 -10.30 -6.02
N GLY A 143 -9.11 -9.56 -5.61
CA GLY A 143 -9.21 -8.12 -5.58
C GLY A 143 -8.57 -7.53 -4.34
N ILE A 144 -8.53 -6.21 -4.27
CA ILE A 144 -7.94 -5.53 -3.14
C ILE A 144 -8.98 -5.33 -2.04
N MSE A 145 -8.58 -5.61 -0.79
CA MSE A 145 -9.47 -5.45 0.36
C MSE A 145 -8.71 -5.06 1.64
O MSE A 145 -7.48 -5.12 1.69
CB MSE A 145 -10.22 -6.75 0.63
CG MSE A 145 -9.32 -7.88 1.05
SE MSE A 145 -10.18 -9.63 1.02
CE MSE A 145 -10.27 -9.85 -0.92
N HIS A 146 -9.46 -4.68 2.66
CA HIS A 146 -8.87 -4.30 3.94
C HIS A 146 -8.41 -5.57 4.66
N PHE A 147 -7.36 -5.45 5.47
CA PHE A 147 -6.80 -6.57 6.20
C PHE A 147 -7.90 -7.39 6.89
N GLN A 148 -8.80 -6.70 7.58
CA GLN A 148 -9.91 -7.35 8.28
C GLN A 148 -10.73 -8.23 7.33
N ASP A 149 -11.05 -7.71 6.16
CA ASP A 149 -11.85 -8.49 5.19
C ASP A 149 -11.12 -9.76 4.81
N PHE A 150 -9.80 -9.64 4.64
CA PHE A 150 -8.95 -10.75 4.28
C PHE A 150 -8.75 -11.76 5.41
N TRP A 151 -8.40 -11.27 6.60
CA TRP A 151 -8.14 -12.14 7.74
C TRP A 151 -9.36 -12.67 8.48
N ILE A 152 -10.35 -11.82 8.75
CA ILE A 152 -11.54 -12.26 9.47
C ILE A 152 -12.65 -12.68 8.52
N GLY A 153 -12.96 -11.83 7.55
CA GLY A 153 -14.00 -12.15 6.59
C GLY A 153 -13.68 -13.38 5.75
N LYS A 154 -12.51 -13.39 5.10
CA LYS A 154 -12.09 -14.50 4.25
C LYS A 154 -11.25 -15.55 4.98
N ARG A 155 -11.04 -15.36 6.28
CA ARG A 155 -10.25 -16.28 7.08
C ARG A 155 -8.82 -16.49 6.57
N GLY A 156 -8.27 -15.46 5.92
CA GLY A 156 -6.91 -15.56 5.40
C GLY A 156 -6.75 -16.56 4.27
N GLU A 157 -7.86 -16.95 3.64
CA GLU A 157 -7.84 -17.92 2.55
C GLU A 157 -7.38 -17.40 1.18
N PRO A 158 -7.81 -16.19 0.78
CA PRO A 158 -7.41 -15.62 -0.52
C PRO A 158 -5.91 -15.75 -0.81
N ASP A 159 -5.54 -15.74 -2.09
CA ASP A 159 -4.15 -15.82 -2.49
C ASP A 159 -3.61 -14.41 -2.52
N VAL A 160 -2.70 -14.13 -1.60
CA VAL A 160 -2.12 -12.80 -1.48
C VAL A 160 -1.07 -12.53 -2.53
N ARG A 161 -1.19 -11.39 -3.21
CA ARG A 161 -0.25 -11.01 -4.25
C ARG A 161 0.39 -9.66 -3.96
N GLY A 162 -0.02 -9.01 -2.88
CA GLY A 162 0.55 -7.73 -2.55
C GLY A 162 0.03 -7.12 -1.25
N VAL A 163 0.78 -6.19 -0.68
CA VAL A 163 0.33 -5.55 0.53
C VAL A 163 0.49 -4.06 0.31
N ASP A 164 -0.54 -3.29 0.68
CA ASP A 164 -0.51 -1.84 0.52
C ASP A 164 -0.90 -1.12 1.81
N ILE A 165 0.06 -0.46 2.43
CA ILE A 165 -0.18 0.29 3.66
C ILE A 165 -0.45 1.73 3.26
N ARG A 166 -1.72 2.04 3.02
CA ARG A 166 -2.09 3.38 2.59
C ARG A 166 -2.01 4.47 3.65
N GLY A 167 -1.46 5.60 3.25
CA GLY A 167 -1.35 6.73 4.16
C GLY A 167 -0.09 6.81 4.98
N VAL A 168 0.66 5.72 5.06
CA VAL A 168 1.87 5.72 5.88
C VAL A 168 2.85 6.83 5.48
N SER A 169 3.02 7.05 4.18
CA SER A 169 3.93 8.09 3.69
C SER A 169 3.41 9.49 4.04
N GLU A 170 2.10 9.64 4.16
CA GLU A 170 1.54 10.95 4.48
C GLU A 170 1.43 11.13 6.00
N ALA A 171 1.48 10.03 6.73
CA ALA A 171 1.37 10.09 8.18
C ALA A 171 2.68 10.52 8.81
N SER A 172 2.61 10.93 10.06
CA SER A 172 3.80 11.35 10.78
C SER A 172 3.91 10.62 12.10
N ILE A 173 5.14 10.45 12.58
CA ILE A 173 5.35 9.78 13.85
C ILE A 173 4.73 10.63 14.96
N SER A 174 3.94 10.01 15.82
CA SER A 174 3.31 10.74 16.91
C SER A 174 4.33 11.57 17.70
N PRO A 175 4.03 12.86 17.94
CA PRO A 175 4.93 13.75 18.69
C PRO A 175 5.29 13.14 20.05
N LYS A 176 4.35 12.45 20.68
CA LYS A 176 4.66 11.83 21.97
C LYS A 176 5.65 10.66 21.81
N VAL A 177 5.64 10.02 20.65
CA VAL A 177 6.57 8.93 20.42
C VAL A 177 7.96 9.54 20.24
N LEU A 178 8.03 10.66 19.52
CA LEU A 178 9.32 11.30 19.31
C LEU A 178 9.90 11.74 20.65
N GLU A 179 9.03 12.23 21.53
CA GLU A 179 9.45 12.67 22.85
C GLU A 179 9.97 11.46 23.64
N ALA A 180 9.27 10.33 23.55
CA ALA A 180 9.71 9.13 24.24
C ALA A 180 11.09 8.65 23.75
N PHE A 181 11.32 8.75 22.45
CA PHE A 181 12.60 8.34 21.86
C PHE A 181 13.74 9.21 22.34
N GLU A 182 13.44 10.48 22.56
CA GLU A 182 14.45 11.42 23.01
C GLU A 182 15.07 10.96 24.32
N LYS A 183 14.28 10.27 25.13
CA LYS A 183 14.74 9.80 26.43
C LYS A 183 15.11 8.32 26.48
N GLU A 184 14.66 7.56 25.50
CA GLU A 184 14.94 6.12 25.45
C GLU A 184 16.19 5.82 24.68
N GLU A 185 16.77 4.67 24.97
CA GLU A 185 17.98 4.24 24.28
C GLU A 185 17.80 2.80 23.77
N ASN A 186 16.88 2.06 24.38
CA ASN A 186 16.62 0.67 24.00
C ASN A 186 15.25 0.45 23.36
N ILE A 187 15.26 -0.11 22.16
CA ILE A 187 14.04 -0.38 21.43
C ILE A 187 13.92 -1.88 21.16
N LEU A 188 12.76 -2.45 21.46
CA LEU A 188 12.50 -3.86 21.23
C LEU A 188 11.41 -4.06 20.17
N ILE A 189 11.64 -4.97 19.22
CA ILE A 189 10.66 -5.26 18.19
C ILE A 189 10.15 -6.65 18.51
N GLY A 190 8.91 -6.72 18.99
CA GLY A 190 8.32 -7.99 19.36
C GLY A 190 8.25 -8.97 18.23
N PRO A 191 7.98 -10.26 18.53
CA PRO A 191 7.88 -11.31 17.51
C PRO A 191 6.53 -11.29 16.79
N SER A 192 6.33 -10.28 15.97
CA SER A 192 5.09 -10.15 15.20
C SER A 192 5.40 -10.05 13.72
N ASN A 193 4.35 -10.13 12.92
CA ASN A 193 4.45 -10.05 11.47
C ASN A 193 5.24 -8.81 11.10
N PRO A 194 6.39 -8.98 10.44
CA PRO A 194 7.23 -7.84 10.03
C PRO A 194 6.63 -7.00 8.91
N ILE A 195 5.60 -7.51 8.25
CA ILE A 195 5.00 -6.77 7.15
C ILE A 195 3.86 -5.83 7.53
N THR A 196 2.88 -6.36 8.28
CA THR A 196 1.71 -5.59 8.68
C THR A 196 1.60 -5.22 10.17
N SER A 197 2.35 -5.90 11.03
CA SER A 197 2.28 -5.59 12.46
C SER A 197 3.39 -4.62 12.88
N ILE A 198 4.60 -4.84 12.39
CA ILE A 198 5.74 -3.99 12.70
C ILE A 198 6.01 -3.02 11.56
N GLY A 199 5.86 -3.53 10.33
CA GLY A 199 6.12 -2.76 9.13
C GLY A 199 5.57 -1.35 9.10
N PRO A 200 4.27 -1.17 9.39
CA PRO A 200 3.69 0.17 9.37
C PRO A 200 4.45 1.14 10.27
N ILE A 201 4.85 0.66 11.45
CA ILE A 201 5.57 1.50 12.38
C ILE A 201 6.93 1.94 11.84
N ILE A 202 7.73 0.98 11.36
CA ILE A 202 9.04 1.36 10.86
C ILE A 202 8.97 2.04 9.49
N SER A 203 7.81 2.00 8.85
CA SER A 203 7.62 2.62 7.55
C SER A 203 7.30 4.11 7.68
N LEU A 204 6.95 4.55 8.89
CA LEU A 204 6.65 5.96 9.08
C LEU A 204 7.88 6.76 8.71
N PRO A 205 7.69 7.92 8.04
CA PRO A 205 8.85 8.73 7.65
C PRO A 205 9.73 9.15 8.81
N GLY A 206 11.02 8.91 8.64
CA GLY A 206 12.01 9.26 9.64
C GLY A 206 12.27 8.19 10.68
N MSE A 207 11.35 7.23 10.83
CA MSE A 207 11.52 6.18 11.83
C MSE A 207 12.80 5.37 11.68
O MSE A 207 13.49 5.16 12.66
CB MSE A 207 10.30 5.25 11.83
CG MSE A 207 10.29 4.22 12.98
SE MSE A 207 10.56 5.00 14.78
CE MSE A 207 8.69 5.26 15.31
N ARG A 208 13.09 4.91 10.47
CA ARG A 208 14.29 4.13 10.22
C ARG A 208 15.54 4.84 10.69
N GLU A 209 15.69 6.10 10.30
CA GLU A 209 16.86 6.86 10.69
C GLU A 209 16.87 7.06 12.19
N LEU A 210 15.69 7.06 12.78
CA LEU A 210 15.58 7.23 14.22
C LEU A 210 16.06 5.94 14.92
N LEU A 211 15.70 4.78 14.37
CA LEU A 211 16.10 3.51 14.95
C LEU A 211 17.61 3.27 14.88
N LYS A 212 18.25 3.78 13.84
CA LYS A 212 19.69 3.61 13.69
C LYS A 212 20.47 4.17 14.86
N LYS A 213 20.02 5.29 15.40
CA LYS A 213 20.73 5.90 16.51
C LYS A 213 20.38 5.26 17.86
N LYS A 214 19.81 4.06 17.83
CA LYS A 214 19.46 3.39 19.08
C LYS A 214 19.78 1.91 19.12
N LYS A 215 19.75 1.33 20.31
CA LYS A 215 20.04 -0.09 20.45
C LYS A 215 18.74 -0.84 20.19
N VAL A 216 18.69 -1.55 19.06
CA VAL A 216 17.50 -2.29 18.68
C VAL A 216 17.67 -3.80 18.74
N VAL A 217 16.71 -4.46 19.38
CA VAL A 217 16.70 -5.90 19.51
C VAL A 217 15.38 -6.40 18.92
N ALA A 218 15.44 -7.45 18.12
CA ALA A 218 14.22 -7.99 17.53
C ALA A 218 14.15 -9.49 17.82
N VAL A 219 12.94 -10.01 17.96
CA VAL A 219 12.72 -11.43 18.21
C VAL A 219 11.98 -11.95 16.99
N SER A 220 12.55 -12.97 16.35
CA SER A 220 11.95 -13.54 15.16
C SER A 220 10.59 -14.18 15.42
N PRO A 221 9.60 -13.89 14.56
CA PRO A 221 8.24 -14.43 14.70
C PRO A 221 8.13 -15.73 13.91
N ILE A 222 9.19 -16.07 13.17
CA ILE A 222 9.19 -17.28 12.36
C ILE A 222 10.01 -18.43 12.96
N ILE A 223 9.39 -19.60 13.05
CA ILE A 223 10.07 -20.78 13.56
C ILE A 223 10.15 -21.76 12.40
N GLY A 224 11.31 -21.84 11.77
CA GLY A 224 11.47 -22.73 10.64
C GLY A 224 11.19 -22.00 9.34
N ASN A 225 10.06 -22.33 8.71
CA ASN A 225 9.67 -21.73 7.43
C ASN A 225 8.23 -21.21 7.48
N ALA A 226 7.70 -21.10 8.69
CA ALA A 226 6.35 -20.61 8.88
C ALA A 226 6.25 -19.90 10.22
N PRO A 227 5.29 -18.97 10.35
CA PRO A 227 5.11 -18.24 11.60
C PRO A 227 4.34 -19.09 12.60
N VAL A 228 4.42 -18.72 13.86
CA VAL A 228 3.71 -19.44 14.92
C VAL A 228 2.20 -19.30 14.70
N SER A 229 1.78 -18.12 14.24
CA SER A 229 0.37 -17.82 13.96
C SER A 229 0.26 -16.62 13.03
N GLY A 230 -0.87 -16.46 12.37
CA GLY A 230 -1.03 -15.32 11.48
C GLY A 230 -0.73 -15.63 10.04
N PRO A 231 -1.04 -14.69 9.13
CA PRO A 231 -0.81 -14.85 7.69
C PRO A 231 0.56 -14.40 7.19
N ALA A 232 1.55 -14.32 8.07
CA ALA A 232 2.88 -13.89 7.65
C ALA A 232 3.42 -14.77 6.52
N GLY A 233 2.97 -16.02 6.50
CA GLY A 233 3.40 -16.96 5.49
C GLY A 233 2.99 -16.54 4.09
N LYS A 234 1.90 -15.79 4.00
CA LYS A 234 1.44 -15.32 2.70
C LYS A 234 1.87 -13.88 2.46
N LEU A 235 1.81 -13.05 3.50
CA LEU A 235 2.18 -11.65 3.32
C LEU A 235 3.65 -11.40 3.05
N MSE A 236 4.52 -12.21 3.64
CA MSE A 236 5.94 -11.99 3.42
C MSE A 236 6.38 -12.28 1.98
O MSE A 236 6.97 -11.41 1.33
CB MSE A 236 6.75 -12.82 4.42
CG MSE A 236 6.69 -12.23 5.82
SE MSE A 236 7.59 -13.36 7.11
CE MSE A 236 9.44 -12.87 6.74
N PRO A 237 6.08 -13.48 1.48
CA PRO A 237 6.48 -13.81 0.10
C PRO A 237 5.82 -12.87 -0.91
N ALA A 238 4.66 -12.32 -0.53
CA ALA A 238 3.95 -11.40 -1.41
C ALA A 238 4.69 -10.05 -1.46
N CYS A 239 5.76 -9.91 -0.68
CA CYS A 239 6.56 -8.69 -0.67
C CYS A 239 8.00 -9.00 -1.01
N GLY A 240 8.23 -10.18 -1.56
CA GLY A 240 9.57 -10.58 -1.95
C GLY A 240 10.49 -10.89 -0.79
N ILE A 241 9.90 -11.39 0.29
CA ILE A 241 10.69 -11.73 1.48
C ILE A 241 10.55 -13.21 1.77
N GLU A 242 11.69 -13.87 1.98
CA GLU A 242 11.71 -15.31 2.26
C GLU A 242 11.16 -15.53 3.68
N VAL A 243 10.27 -16.51 3.83
CA VAL A 243 9.71 -16.78 5.15
C VAL A 243 10.68 -17.56 6.03
N SER A 244 11.61 -16.85 6.66
CA SER A 244 12.61 -17.46 7.55
C SER A 244 13.16 -16.41 8.49
N SER A 245 13.75 -16.85 9.61
CA SER A 245 14.33 -15.91 10.54
C SER A 245 15.33 -15.03 9.82
N MSE A 246 16.03 -15.60 8.84
CA MSE A 246 17.01 -14.86 8.09
C MSE A 246 16.31 -13.76 7.29
O MSE A 246 16.78 -12.61 7.24
CB MSE A 246 17.78 -15.80 7.16
CG MSE A 246 18.98 -15.17 6.47
SE MSE A 246 20.37 -14.55 7.70
CE MSE A 246 21.67 -13.91 6.39
N GLY A 247 15.18 -14.09 6.67
CA GLY A 247 14.45 -13.11 5.90
C GLY A 247 14.07 -11.95 6.79
N VAL A 248 13.59 -12.26 7.99
CA VAL A 248 13.20 -11.22 8.94
C VAL A 248 14.38 -10.33 9.32
N ALA A 249 15.53 -10.96 9.56
CA ALA A 249 16.73 -10.20 9.93
C ALA A 249 17.16 -9.26 8.81
N GLU A 250 17.04 -9.71 7.56
CA GLU A 250 17.43 -8.88 6.41
C GLU A 250 16.48 -7.70 6.29
N TYR A 251 15.22 -7.94 6.65
CA TYR A 251 14.21 -6.90 6.58
C TYR A 251 14.54 -5.73 7.53
N TYR A 252 15.14 -6.04 8.68
CA TYR A 252 15.49 -5.01 9.64
C TYR A 252 16.96 -4.61 9.59
N GLN A 253 17.68 -5.26 8.69
CA GLN A 253 19.11 -5.05 8.48
C GLN A 253 19.61 -3.63 8.73
N ASP A 254 18.90 -2.65 8.19
CA ASP A 254 19.27 -1.26 8.35
C ASP A 254 19.49 -0.76 9.77
N PHE A 255 18.84 -1.38 10.76
CA PHE A 255 18.97 -0.90 12.12
C PHE A 255 19.07 -1.96 13.21
N LEU A 256 18.88 -3.22 12.85
CA LEU A 256 18.93 -4.29 13.82
C LEU A 256 20.30 -4.44 14.49
N ASP A 257 20.32 -4.52 15.81
CA ASP A 257 21.60 -4.69 16.51
C ASP A 257 21.72 -6.10 17.06
N VAL A 258 20.65 -6.63 17.61
CA VAL A 258 20.66 -7.97 18.20
C VAL A 258 19.43 -8.73 17.71
N PHE A 259 19.62 -9.97 17.31
CA PHE A 259 18.52 -10.76 16.80
C PHE A 259 18.35 -12.04 17.60
N VAL A 260 17.12 -12.39 17.93
CA VAL A 260 16.84 -13.58 18.68
C VAL A 260 15.87 -14.49 17.92
N PHE A 261 16.33 -15.65 17.46
CA PHE A 261 15.43 -16.57 16.75
C PHE A 261 15.33 -17.90 17.50
N ASP A 262 14.41 -18.76 17.08
CA ASP A 262 14.19 -20.03 17.78
C ASP A 262 15.35 -21.03 17.70
N GLU A 263 15.40 -21.93 18.70
CA GLU A 263 16.43 -22.95 18.78
C GLU A 263 16.27 -23.97 17.67
N ARG A 264 15.02 -24.29 17.34
CA ARG A 264 14.74 -25.27 16.30
C ARG A 264 15.42 -24.97 14.97
N ASP A 265 16.03 -23.80 14.82
CA ASP A 265 16.67 -23.48 13.55
C ASP A 265 18.16 -23.71 13.42
N ARG A 266 18.93 -23.36 14.44
CA ARG A 266 20.37 -23.56 14.37
C ARG A 266 20.87 -23.04 13.02
N ALA A 267 20.96 -21.73 12.88
CA ALA A 267 21.42 -21.15 11.63
C ALA A 267 22.83 -20.59 11.75
N ASP A 268 23.49 -20.46 10.60
CA ASP A 268 24.85 -19.95 10.52
C ASP A 268 24.96 -18.58 11.19
N GLU A 269 25.75 -18.51 12.25
CA GLU A 269 25.95 -17.25 12.95
C GLU A 269 26.77 -16.28 12.11
N PHE A 270 27.47 -16.81 11.10
CA PHE A 270 28.27 -15.98 10.21
C PHE A 270 27.36 -15.16 9.30
N ALA A 271 26.25 -15.78 8.91
CA ALA A 271 25.26 -15.14 8.05
C ALA A 271 24.73 -13.87 8.73
N PHE A 272 24.33 -14.00 9.98
CA PHE A 272 23.81 -12.86 10.73
C PHE A 272 24.92 -11.82 10.93
N GLU A 273 26.12 -12.28 11.26
CA GLU A 273 27.24 -11.36 11.46
C GLU A 273 27.44 -10.51 10.21
N ARG A 274 27.27 -11.14 9.04
CA ARG A 274 27.42 -10.45 7.77
C ARG A 274 26.36 -9.36 7.62
N LEU A 275 25.18 -9.60 8.18
CA LEU A 275 24.07 -8.63 8.14
C LEU A 275 24.33 -7.49 9.13
N GLY A 276 25.33 -7.69 9.98
CA GLY A 276 25.67 -6.66 10.96
C GLY A 276 24.84 -6.69 12.23
N CYS A 277 24.65 -7.86 12.81
CA CYS A 277 23.88 -7.94 14.05
C CYS A 277 24.20 -9.22 14.81
N HIS A 278 24.37 -9.10 16.12
CA HIS A 278 24.67 -10.25 16.93
C HIS A 278 23.40 -11.08 17.04
N ALA A 279 23.50 -12.38 16.82
CA ALA A 279 22.33 -13.24 16.90
C ALA A 279 22.50 -14.36 17.91
N SER A 280 21.39 -14.79 18.51
CA SER A 280 21.40 -15.87 19.49
C SER A 280 20.04 -16.56 19.43
N ARG A 281 19.99 -17.79 19.93
CA ARG A 281 18.75 -18.55 19.89
C ARG A 281 18.10 -18.75 21.26
N ALA A 282 16.83 -19.11 21.24
CA ALA A 282 16.08 -19.35 22.47
C ALA A 282 14.76 -19.96 22.07
N ASP A 283 13.97 -20.40 23.05
CA ASP A 283 12.67 -20.97 22.76
C ASP A 283 11.69 -19.80 22.61
N THR A 284 11.37 -19.43 21.38
CA THR A 284 10.46 -18.32 21.12
C THR A 284 9.00 -18.75 21.05
N LEU A 285 8.74 -20.02 21.33
CA LEU A 285 7.38 -20.53 21.29
C LEU A 285 6.75 -20.33 22.66
N MSE A 286 5.99 -19.24 22.80
CA MSE A 286 5.36 -18.90 24.07
C MSE A 286 4.02 -19.57 24.27
O MSE A 286 2.97 -19.01 23.92
CB MSE A 286 5.19 -17.39 24.15
CG MSE A 286 6.51 -16.66 24.00
SE MSE A 286 6.23 -14.75 23.92
CE MSE A 286 6.04 -14.60 21.99
N THR A 287 4.05 -20.74 24.88
CA THR A 287 2.83 -21.49 25.14
C THR A 287 2.21 -21.19 26.50
N SER A 288 2.84 -20.30 27.27
CA SER A 288 2.33 -19.93 28.58
C SER A 288 3.01 -18.68 29.11
N THR A 289 2.50 -18.17 30.22
CA THR A 289 3.08 -16.98 30.81
C THR A 289 4.55 -17.25 31.18
N GLU A 290 4.83 -18.41 31.75
CA GLU A 290 6.19 -18.74 32.13
C GLU A 290 7.14 -18.73 30.94
N LYS A 291 6.71 -19.32 29.83
CA LYS A 291 7.56 -19.32 28.64
C LYS A 291 7.84 -17.90 28.14
N SER A 292 6.83 -17.02 28.23
CA SER A 292 6.99 -15.63 27.81
C SER A 292 7.97 -14.95 28.76
N LYS A 293 7.84 -15.24 30.04
CA LYS A 293 8.74 -14.67 31.03
C LYS A 293 10.17 -15.09 30.71
N GLU A 294 10.36 -16.39 30.44
CA GLU A 294 11.68 -16.90 30.10
C GLU A 294 12.27 -16.20 28.87
N LEU A 295 11.44 -16.00 27.85
CA LEU A 295 11.90 -15.32 26.65
C LEU A 295 12.16 -13.83 26.94
N ALA A 296 11.34 -13.22 27.80
CA ALA A 296 11.55 -11.81 28.12
C ALA A 296 12.89 -11.63 28.85
N GLU A 297 13.25 -12.60 29.68
CA GLU A 297 14.52 -12.52 30.40
C GLU A 297 15.69 -12.57 29.41
N ILE A 298 15.61 -13.47 28.44
CA ILE A 298 16.68 -13.54 27.45
C ILE A 298 16.74 -12.24 26.66
N VAL A 299 15.58 -11.64 26.41
CA VAL A 299 15.55 -10.38 25.69
C VAL A 299 16.21 -9.30 26.54
N VAL A 300 15.90 -9.24 27.83
CA VAL A 300 16.54 -8.23 28.66
C VAL A 300 18.05 -8.45 28.69
N GLN A 301 18.45 -9.71 28.72
CA GLN A 301 19.86 -10.06 28.74
C GLN A 301 20.52 -9.52 27.45
N ALA A 302 19.80 -9.61 26.32
CA ALA A 302 20.33 -9.12 25.05
C ALA A 302 20.67 -7.63 25.12
N PHE A 303 19.84 -6.86 25.81
CA PHE A 303 20.09 -5.42 25.95
C PHE A 303 21.25 -5.17 26.89
N LEU A 304 21.40 -6.03 27.90
CA LEU A 304 22.48 -5.88 28.86
C LEU A 304 23.84 -6.25 28.26
N GLU A 305 23.89 -7.37 27.52
CA GLU A 305 25.15 -7.82 26.91
C GLU A 305 25.67 -6.81 25.89
N HIS A 306 24.76 -6.21 25.13
CA HIS A 306 25.09 -5.21 24.12
C HIS A 306 25.98 -5.79 23.00
N MSE B 1 -54.79 4.30 7.04
CA MSE B 1 -54.89 5.47 7.97
C MSE B 1 -53.54 5.99 8.41
O MSE B 1 -52.59 5.23 8.59
CB MSE B 1 -55.68 5.09 9.21
CG MSE B 1 -56.08 6.31 10.01
SE MSE B 1 -56.48 5.84 11.80
CE MSE B 1 -58.30 5.20 11.55
N ILE B 2 -53.46 7.29 8.60
CA ILE B 2 -52.22 7.90 9.03
C ILE B 2 -52.31 8.33 10.48
N ILE B 3 -51.32 7.94 11.27
CA ILE B 3 -51.28 8.29 12.68
C ILE B 3 -50.01 9.08 13.01
N PHE B 4 -50.18 10.26 13.60
CA PHE B 4 -49.07 11.12 14.01
C PHE B 4 -48.69 10.65 15.42
N SER B 5 -47.47 10.12 15.56
CA SER B 5 -47.04 9.59 16.84
C SER B 5 -45.82 10.21 17.46
N GLY B 6 -45.85 10.32 18.77
CA GLY B 6 -44.72 10.86 19.49
C GLY B 6 -44.99 10.58 20.94
N GLY B 7 -43.96 10.61 21.76
CA GLY B 7 -44.16 10.36 23.18
C GLY B 7 -44.64 8.95 23.48
N THR B 8 -45.28 8.77 24.62
CA THR B 8 -45.76 7.44 24.98
C THR B 8 -47.28 7.28 24.78
N GLY B 9 -48.00 8.40 24.68
CA GLY B 9 -49.43 8.32 24.49
C GLY B 9 -49.88 7.62 23.22
N THR B 10 -49.42 8.11 22.07
CA THR B 10 -49.83 7.50 20.83
C THR B 10 -49.45 6.03 20.69
N PRO B 11 -48.24 5.68 21.10
CA PRO B 11 -47.93 4.26 20.96
C PRO B 11 -48.87 3.40 21.81
N LYS B 12 -49.37 3.95 22.91
CA LYS B 12 -50.30 3.16 23.72
C LYS B 12 -51.61 2.96 22.96
N LEU B 13 -52.01 3.97 22.21
CA LEU B 13 -53.23 3.89 21.44
C LEU B 13 -53.02 2.96 20.24
N LEU B 14 -51.87 3.10 19.58
CA LEU B 14 -51.56 2.25 18.47
C LEU B 14 -51.59 0.80 18.94
N ASP B 15 -51.31 0.60 20.22
CA ASP B 15 -51.31 -0.76 20.77
C ASP B 15 -52.69 -1.37 20.62
N GLY B 16 -53.72 -0.53 20.72
CA GLY B 16 -55.08 -1.00 20.57
C GLY B 16 -55.53 -0.95 19.11
N LEU B 17 -55.13 0.09 18.38
CA LEU B 17 -55.50 0.23 16.98
C LEU B 17 -55.05 -0.94 16.13
N LYS B 18 -53.88 -1.49 16.45
CA LYS B 18 -53.36 -2.58 15.66
C LYS B 18 -54.14 -3.88 15.92
N GLU B 19 -55.13 -3.80 16.80
CA GLU B 19 -55.96 -4.97 17.13
C GLU B 19 -57.33 -4.89 16.47
N ILE B 20 -57.61 -3.79 15.79
CA ILE B 20 -58.92 -3.64 15.14
C ILE B 20 -58.84 -3.24 13.68
N LEU B 21 -57.62 -3.06 13.17
CA LEU B 21 -57.42 -2.71 11.76
C LEU B 21 -56.27 -3.51 11.19
N PRO B 22 -56.31 -3.76 9.86
CA PRO B 22 -55.21 -4.52 9.26
C PRO B 22 -53.92 -3.71 9.36
N GLU B 23 -52.87 -4.36 9.88
CA GLU B 23 -51.58 -3.72 10.08
C GLU B 23 -51.03 -2.97 8.85
N GLU B 24 -51.17 -3.57 7.67
CA GLU B 24 -50.68 -2.96 6.43
C GLU B 24 -51.28 -1.58 6.17
N GLU B 25 -52.51 -1.37 6.62
CA GLU B 25 -53.19 -0.11 6.40
C GLU B 25 -52.79 0.97 7.39
N LEU B 26 -51.93 0.63 8.35
CA LEU B 26 -51.49 1.59 9.35
C LEU B 26 -50.19 2.31 8.98
N THR B 27 -50.29 3.60 8.71
CA THR B 27 -49.13 4.41 8.38
C THR B 27 -48.86 5.35 9.57
N VAL B 28 -47.75 5.12 10.26
CA VAL B 28 -47.40 5.94 11.42
C VAL B 28 -46.31 6.95 11.08
N VAL B 29 -46.65 8.22 11.16
CA VAL B 29 -45.69 9.27 10.88
C VAL B 29 -45.11 9.66 12.25
N VAL B 30 -43.83 9.38 12.45
CA VAL B 30 -43.19 9.63 13.74
C VAL B 30 -42.35 10.90 13.85
N ASN B 31 -42.39 11.50 15.04
CA ASN B 31 -41.63 12.71 15.35
C ASN B 31 -40.15 12.35 15.43
N THR B 32 -39.28 13.21 14.89
CA THR B 32 -37.84 12.96 14.95
C THR B 32 -37.09 14.07 15.66
N ALA B 33 -37.83 15.03 16.24
CA ALA B 33 -37.22 16.16 16.94
C ALA B 33 -36.50 15.79 18.23
N GLU B 34 -36.50 14.51 18.56
CA GLU B 34 -35.87 14.02 19.78
C GLU B 34 -34.65 13.19 19.39
N ASP B 35 -34.46 13.00 18.09
CA ASP B 35 -33.33 12.20 17.60
C ASP B 35 -31.97 12.78 18.01
N LEU B 36 -31.11 11.93 18.56
CA LEU B 36 -29.77 12.35 18.97
C LEU B 36 -28.74 11.29 18.67
N TRP B 37 -27.57 11.72 18.21
CA TRP B 37 -26.50 10.77 17.96
C TRP B 37 -25.87 10.57 19.33
N VAL B 38 -25.76 9.32 19.76
CA VAL B 38 -25.21 9.00 21.06
C VAL B 38 -24.27 7.81 20.91
N SER B 39 -23.04 7.97 21.37
CA SER B 39 -22.05 6.92 21.28
C SER B 39 -21.83 6.42 19.85
N GLY B 40 -21.80 7.38 18.93
CA GLY B 40 -21.56 7.07 17.53
C GLY B 40 -22.75 6.61 16.73
N ASN B 41 -23.91 6.48 17.36
CA ASN B 41 -25.07 6.02 16.62
C ASN B 41 -26.34 6.80 16.84
N LEU B 42 -27.12 6.91 15.77
CA LEU B 42 -28.36 7.66 15.81
C LEU B 42 -29.47 6.99 16.62
N ILE B 43 -30.02 7.72 17.58
CA ILE B 43 -31.11 7.20 18.37
C ILE B 43 -32.39 7.96 18.01
N SER B 44 -33.40 7.23 17.51
CA SER B 44 -34.70 7.80 17.18
C SER B 44 -35.67 7.15 18.12
N PRO B 45 -35.76 7.69 19.34
CA PRO B 45 -36.64 7.14 20.37
C PRO B 45 -38.09 6.93 19.98
N ASP B 46 -38.71 7.93 19.35
CA ASP B 46 -40.11 7.80 18.96
C ASP B 46 -40.28 6.79 17.83
N LEU B 47 -39.28 6.70 16.97
CA LEU B 47 -39.32 5.75 15.86
C LEU B 47 -39.16 4.32 16.38
N ASP B 48 -38.25 4.15 17.33
CA ASP B 48 -37.97 2.85 17.91
C ASP B 48 -39.10 2.30 18.79
N THR B 49 -39.76 3.18 19.52
CA THR B 49 -40.86 2.76 20.36
C THR B 49 -41.93 2.13 19.48
N VAL B 50 -42.18 2.73 18.33
CA VAL B 50 -43.18 2.20 17.42
C VAL B 50 -42.67 0.90 16.79
N LEU B 51 -41.41 0.86 16.41
CA LEU B 51 -40.84 -0.36 15.83
C LEU B 51 -40.91 -1.51 16.81
N TYR B 52 -40.65 -1.23 18.08
CA TYR B 52 -40.66 -2.26 19.10
C TYR B 52 -42.10 -2.65 19.43
N LEU B 53 -43.00 -1.68 19.40
CA LEU B 53 -44.39 -1.94 19.69
C LEU B 53 -44.94 -2.89 18.60
N PHE B 54 -44.71 -2.58 17.33
CA PHE B 54 -45.20 -3.44 16.26
C PHE B 54 -44.45 -4.77 16.11
N SER B 55 -43.36 -4.97 16.85
CA SER B 55 -42.62 -6.22 16.74
C SER B 55 -42.65 -7.02 18.05
N ASP B 56 -43.57 -6.62 18.93
CA ASP B 56 -43.78 -7.28 20.21
C ASP B 56 -42.52 -7.40 21.08
N GLN B 57 -41.73 -6.34 21.15
CA GLN B 57 -40.54 -6.38 21.98
C GLN B 57 -40.41 -5.15 22.87
N ILE B 58 -41.38 -4.25 22.76
CA ILE B 58 -41.41 -3.02 23.56
C ILE B 58 -41.47 -3.37 25.05
N ASP B 59 -40.87 -2.52 25.88
CA ASP B 59 -40.89 -2.74 27.33
C ASP B 59 -42.14 -2.01 27.82
N ARG B 60 -43.19 -2.80 28.05
CA ARG B 60 -44.49 -2.27 28.49
C ARG B 60 -44.52 -1.71 29.91
N LYS B 61 -43.35 -1.60 30.53
CA LYS B 61 -43.29 -1.06 31.87
C LYS B 61 -42.96 0.43 31.77
N ARG B 62 -42.01 0.78 30.91
CA ARG B 62 -41.64 2.18 30.74
C ARG B 62 -42.13 2.70 29.41
N TRP B 63 -42.49 1.77 28.53
CA TRP B 63 -42.95 2.09 27.18
C TRP B 63 -41.90 2.75 26.32
N TRP B 64 -40.68 2.20 26.39
CA TRP B 64 -39.54 2.62 25.59
C TRP B 64 -38.49 1.55 25.80
N GLY B 65 -37.67 1.29 24.80
CA GLY B 65 -36.66 0.26 24.94
C GLY B 65 -37.21 -1.14 24.78
N ILE B 66 -36.32 -2.12 24.82
CA ILE B 66 -36.71 -3.51 24.64
C ILE B 66 -36.93 -4.26 25.95
N GLU B 67 -37.96 -5.11 25.96
CA GLU B 67 -38.30 -5.91 27.12
C GLU B 67 -37.12 -6.77 27.54
N ASN B 68 -36.85 -6.79 28.84
CA ASN B 68 -35.74 -7.54 29.43
C ASN B 68 -34.48 -7.50 28.57
N ASP B 69 -34.01 -6.30 28.30
CA ASP B 69 -32.81 -6.12 27.49
C ASP B 69 -31.61 -6.12 28.45
N THR B 70 -30.42 -6.44 27.93
CA THR B 70 -29.23 -6.44 28.76
C THR B 70 -28.54 -5.06 28.69
N PHE B 71 -27.63 -4.80 29.60
CA PHE B 71 -26.91 -3.51 29.59
C PHE B 71 -25.41 -3.64 29.81
N GLY B 72 -24.80 -4.61 29.12
CA GLY B 72 -23.36 -4.82 29.24
C GLY B 72 -22.52 -3.58 29.01
N THR B 73 -22.71 -2.93 27.86
CA THR B 73 -21.92 -1.74 27.55
C THR B 73 -22.22 -0.60 28.50
N TYR B 74 -23.51 -0.37 28.76
CA TYR B 74 -23.92 0.69 29.66
C TYR B 74 -23.34 0.53 31.06
N GLU B 75 -23.36 -0.69 31.57
CA GLU B 75 -22.84 -0.95 32.91
C GLU B 75 -21.34 -0.80 32.99
N ARG B 76 -20.64 -1.33 31.98
CA ARG B 76 -19.18 -1.24 31.97
C ARG B 76 -18.76 0.21 31.98
N MSE B 77 -19.39 1.03 31.16
CA MSE B 77 -19.04 2.45 31.10
C MSE B 77 -19.36 3.17 32.40
O MSE B 77 -18.67 4.12 32.77
CB MSE B 77 -19.76 3.11 29.95
CG MSE B 77 -19.14 2.77 28.62
SE MSE B 77 -20.08 3.63 27.19
CE MSE B 77 -19.20 5.36 27.31
N LYS B 78 -20.40 2.72 33.07
CA LYS B 78 -20.78 3.34 34.32
C LYS B 78 -19.72 3.02 35.39
N GLU B 79 -19.13 1.83 35.32
CA GLU B 79 -18.09 1.43 36.27
C GLU B 79 -16.86 2.32 36.10
N LEU B 80 -16.67 2.84 34.89
CA LEU B 80 -15.56 3.70 34.59
C LEU B 80 -15.92 5.15 34.86
N GLY B 81 -17.16 5.38 35.28
CA GLY B 81 -17.59 6.74 35.56
C GLY B 81 -18.04 7.53 34.35
N ILE B 82 -18.46 6.84 33.29
CA ILE B 82 -18.93 7.52 32.08
C ILE B 82 -20.45 7.32 31.93
N GLU B 83 -21.15 8.39 31.57
CA GLU B 83 -22.61 8.33 31.41
C GLU B 83 -22.99 8.60 29.96
N GLU B 84 -23.68 7.66 29.32
CA GLU B 84 -24.08 7.85 27.92
C GLU B 84 -25.17 8.90 27.78
N GLY B 85 -25.86 9.20 28.88
CA GLY B 85 -26.91 10.20 28.81
C GLY B 85 -28.28 9.57 28.99
N LEU B 86 -28.38 8.29 28.67
CA LEU B 86 -29.61 7.54 28.82
C LEU B 86 -29.25 6.08 28.92
N LYS B 87 -30.16 5.27 29.46
CA LYS B 87 -29.89 3.86 29.62
C LYS B 87 -30.04 3.13 28.29
N LEU B 88 -28.91 2.87 27.64
CA LEU B 88 -28.88 2.18 26.35
C LEU B 88 -28.68 0.68 26.52
N GLY B 89 -29.70 -0.11 26.19
CA GLY B 89 -29.56 -1.55 26.31
C GLY B 89 -28.77 -2.13 25.14
N ASP B 90 -28.28 -3.35 25.29
CA ASP B 90 -27.49 -3.96 24.22
C ASP B 90 -28.29 -4.25 22.95
N ARG B 91 -29.48 -4.81 23.09
CA ARG B 91 -30.31 -5.12 21.93
C ARG B 91 -30.80 -3.83 21.28
N ASP B 92 -31.12 -2.86 22.12
CA ASP B 92 -31.59 -1.57 21.63
C ASP B 92 -30.50 -0.89 20.79
N ARG B 93 -29.24 -1.07 21.20
CA ARG B 93 -28.11 -0.47 20.50
C ARG B 93 -28.01 -1.02 19.08
N ALA B 94 -28.34 -2.30 18.91
CA ALA B 94 -28.29 -2.93 17.60
C ALA B 94 -29.13 -2.14 16.60
N THR B 95 -30.31 -1.71 17.02
CA THR B 95 -31.20 -0.93 16.18
C THR B 95 -30.51 0.37 15.74
N HIS B 96 -29.87 1.05 16.69
CA HIS B 96 -29.17 2.30 16.42
C HIS B 96 -28.08 2.06 15.39
N ILE B 97 -27.34 0.97 15.58
CA ILE B 97 -26.25 0.63 14.70
C ILE B 97 -26.73 0.28 13.29
N ILE B 98 -27.71 -0.63 13.20
CA ILE B 98 -28.25 -1.01 11.89
C ILE B 98 -28.74 0.23 11.14
N ARG B 99 -29.44 1.12 11.85
CA ARG B 99 -29.95 2.34 11.24
C ARG B 99 -28.83 3.25 10.81
N SER B 100 -27.84 3.40 11.68
CA SER B 100 -26.72 4.30 11.40
C SER B 100 -25.77 3.81 10.30
N ASN B 101 -25.60 2.50 10.17
CA ASN B 101 -24.73 1.97 9.11
C ASN B 101 -25.39 2.28 7.77
N ILE B 102 -26.72 2.21 7.73
CA ILE B 102 -27.43 2.50 6.50
C ILE B 102 -27.27 3.99 6.16
N ILE B 103 -27.37 4.84 7.16
CA ILE B 103 -27.22 6.27 6.96
C ILE B 103 -25.78 6.63 6.59
N ARG B 104 -24.83 5.88 7.15
CA ARG B 104 -23.44 6.16 6.84
C ARG B 104 -23.11 5.77 5.40
N ASP B 105 -23.92 4.91 4.80
CA ASP B 105 -23.69 4.50 3.41
C ASP B 105 -24.37 5.43 2.41
N GLY B 106 -25.02 6.47 2.91
CA GLY B 106 -25.68 7.42 2.04
C GLY B 106 -27.19 7.41 2.02
N ALA B 107 -27.79 6.31 2.49
CA ALA B 107 -29.24 6.17 2.52
C ALA B 107 -29.85 7.14 3.55
N SER B 108 -31.15 7.38 3.43
CA SER B 108 -31.86 8.31 4.31
C SER B 108 -32.44 7.64 5.55
N LEU B 109 -32.90 8.47 6.47
CA LEU B 109 -33.52 7.98 7.69
C LEU B 109 -34.73 7.10 7.32
N THR B 110 -35.47 7.47 6.28
CA THR B 110 -36.62 6.67 5.86
C THR B 110 -36.14 5.31 5.38
N ASP B 111 -35.05 5.27 4.61
CA ASP B 111 -34.53 4.01 4.12
C ASP B 111 -34.20 3.06 5.27
N SER B 112 -33.51 3.55 6.29
CA SER B 112 -33.17 2.69 7.43
C SER B 112 -34.42 2.20 8.15
N THR B 113 -35.43 3.06 8.24
CA THR B 113 -36.66 2.67 8.92
C THR B 113 -37.39 1.57 8.15
N VAL B 114 -37.39 1.69 6.83
CA VAL B 114 -38.02 0.68 5.98
C VAL B 114 -37.30 -0.65 6.15
N LYS B 115 -35.97 -0.61 6.18
CA LYS B 115 -35.15 -1.81 6.34
C LYS B 115 -35.39 -2.43 7.72
N LEU B 116 -35.35 -1.61 8.75
CA LEU B 116 -35.56 -2.10 10.09
C LEU B 116 -36.94 -2.76 10.17
N SER B 117 -37.92 -2.19 9.49
CA SER B 117 -39.25 -2.78 9.49
C SER B 117 -39.23 -4.17 8.87
N SER B 118 -38.44 -4.37 7.82
CA SER B 118 -38.36 -5.68 7.21
C SER B 118 -37.65 -6.63 8.15
N LEU B 119 -36.54 -6.18 8.73
CA LEU B 119 -35.80 -7.03 9.65
C LEU B 119 -36.66 -7.45 10.82
N PHE B 120 -37.49 -6.54 11.30
CA PHE B 120 -38.36 -6.83 12.43
C PHE B 120 -39.65 -7.55 12.04
N GLY B 121 -39.87 -7.74 10.75
CA GLY B 121 -41.07 -8.41 10.29
C GLY B 121 -42.33 -7.57 10.51
N ILE B 122 -42.22 -6.26 10.34
CA ILE B 122 -43.36 -5.38 10.56
C ILE B 122 -44.09 -5.10 9.23
N LYS B 123 -45.42 -5.12 9.26
CA LYS B 123 -46.22 -4.86 8.05
C LYS B 123 -46.72 -3.43 8.01
N ALA B 124 -46.77 -2.79 9.17
CA ALA B 124 -47.22 -1.42 9.24
C ALA B 124 -46.22 -0.53 8.52
N ASN B 125 -46.68 0.63 8.06
CA ASN B 125 -45.84 1.56 7.35
C ASN B 125 -45.34 2.63 8.33
N ILE B 126 -44.18 2.39 8.93
CA ILE B 126 -43.59 3.32 9.90
C ILE B 126 -42.66 4.30 9.20
N LEU B 127 -42.94 5.58 9.33
CA LEU B 127 -42.13 6.56 8.64
C LEU B 127 -41.76 7.78 9.49
N PRO B 128 -40.55 8.30 9.29
CA PRO B 128 -40.17 9.48 10.08
C PRO B 128 -40.78 10.70 9.39
N MSE B 129 -41.17 11.71 10.15
CA MSE B 129 -41.78 12.90 9.57
C MSE B 129 -40.93 13.54 8.49
O MSE B 129 -41.46 14.09 7.51
CB MSE B 129 -42.00 13.92 10.66
CG MSE B 129 -40.74 14.28 11.42
SE MSE B 129 -41.17 15.57 12.81
CE MSE B 129 -39.81 16.93 12.43
N SER B 130 -39.62 13.49 8.67
CA SER B 130 -38.69 14.12 7.75
C SER B 130 -37.36 13.38 7.72
N ASP B 131 -36.64 13.53 6.62
CA ASP B 131 -35.33 12.90 6.46
C ASP B 131 -34.28 13.90 6.93
N ASP B 132 -34.72 15.11 7.23
CA ASP B 132 -33.83 16.19 7.68
C ASP B 132 -33.74 16.28 9.21
N PRO B 133 -32.58 16.71 9.72
CA PRO B 133 -32.38 16.84 11.17
C PRO B 133 -33.20 17.97 11.79
N VAL B 134 -33.82 17.66 12.93
CA VAL B 134 -34.62 18.63 13.67
C VAL B 134 -34.37 18.32 15.14
N SER B 135 -34.11 19.35 15.95
CA SER B 135 -33.83 19.13 17.37
C SER B 135 -34.65 20.02 18.25
N THR B 136 -35.06 19.49 19.39
CA THR B 136 -35.87 20.23 20.32
C THR B 136 -35.06 20.73 21.52
N TYR B 137 -35.04 22.05 21.70
CA TYR B 137 -34.31 22.67 22.80
C TYR B 137 -35.26 23.35 23.77
N ILE B 138 -35.05 23.11 25.07
CA ILE B 138 -35.88 23.70 26.11
C ILE B 138 -35.17 24.88 26.75
N GLU B 139 -35.77 26.06 26.63
CA GLU B 139 -35.20 27.27 27.20
C GLU B 139 -35.62 27.42 28.65
N THR B 140 -34.76 27.00 29.56
CA THR B 140 -35.03 27.09 31.00
C THR B 140 -34.25 28.22 31.66
N ALA B 141 -34.40 28.32 32.98
CA ALA B 141 -33.71 29.34 33.76
C ALA B 141 -32.23 28.98 33.89
N GLU B 142 -31.95 27.68 33.96
CA GLU B 142 -30.58 27.17 34.07
C GLU B 142 -29.87 27.23 32.72
N GLY B 143 -30.54 27.84 31.74
CA GLY B 143 -29.95 27.94 30.41
C GLY B 143 -30.73 27.17 29.36
N ILE B 144 -30.21 27.15 28.14
CA ILE B 144 -30.84 26.45 27.04
C ILE B 144 -30.16 25.10 26.85
N MSE B 145 -30.95 24.04 26.84
CA MSE B 145 -30.43 22.69 26.67
C MSE B 145 -31.34 21.86 25.77
O MSE B 145 -32.41 22.30 25.37
CB MSE B 145 -30.35 22.00 28.03
CG MSE B 145 -31.68 21.94 28.73
SE MSE B 145 -31.55 21.34 30.56
CE MSE B 145 -31.31 23.05 31.41
N HIS B 146 -30.89 20.64 25.47
CA HIS B 146 -31.67 19.74 24.63
C HIS B 146 -32.77 19.09 25.48
N PHE B 147 -33.83 18.65 24.82
CA PHE B 147 -34.95 18.01 25.50
C PHE B 147 -34.48 16.85 26.38
N GLN B 148 -33.54 16.05 25.86
CA GLN B 148 -33.01 14.91 26.60
C GLN B 148 -32.41 15.33 27.94
N ASP B 149 -31.50 16.29 27.89
CA ASP B 149 -30.84 16.79 29.10
C ASP B 149 -31.88 17.26 30.10
N PHE B 150 -32.91 17.92 29.61
CA PHE B 150 -33.95 18.44 30.48
C PHE B 150 -34.84 17.36 31.07
N TRP B 151 -35.37 16.49 30.21
CA TRP B 151 -36.28 15.45 30.66
C TRP B 151 -35.60 14.29 31.35
N ILE B 152 -34.47 13.83 30.83
CA ILE B 152 -33.75 12.71 31.41
C ILE B 152 -32.64 13.18 32.37
N GLY B 153 -31.73 13.99 31.85
CA GLY B 153 -30.63 14.47 32.67
C GLY B 153 -31.07 15.30 33.87
N LYS B 154 -32.18 16.02 33.76
CA LYS B 154 -32.66 16.84 34.85
C LYS B 154 -34.02 16.40 35.36
N ARG B 155 -34.49 15.25 34.89
CA ARG B 155 -35.78 14.70 35.30
C ARG B 155 -36.92 15.71 35.13
N GLY B 156 -36.74 16.64 34.18
CA GLY B 156 -37.75 17.64 33.92
C GLY B 156 -38.04 18.55 35.11
N GLU B 157 -37.12 18.57 36.07
CA GLU B 157 -37.28 19.41 37.26
C GLU B 157 -37.12 20.90 36.99
N PRO B 158 -36.14 21.29 36.15
CA PRO B 158 -35.92 22.71 35.83
C PRO B 158 -37.22 23.41 35.45
N ASP B 159 -37.18 24.74 35.46
CA ASP B 159 -38.34 25.55 35.09
C ASP B 159 -38.18 25.99 33.64
N VAL B 160 -39.20 25.71 32.83
CA VAL B 160 -39.17 26.06 31.40
C VAL B 160 -39.70 27.47 31.13
N ARG B 161 -39.00 28.18 30.26
CA ARG B 161 -39.39 29.55 29.89
C ARG B 161 -39.76 29.64 28.42
N GLY B 162 -39.38 28.63 27.65
CA GLY B 162 -39.68 28.61 26.23
C GLY B 162 -39.27 27.31 25.55
N VAL B 163 -39.76 27.09 24.33
CA VAL B 163 -39.44 25.89 23.58
C VAL B 163 -38.94 26.27 22.20
N ASP B 164 -37.92 25.58 21.71
CA ASP B 164 -37.36 25.88 20.40
C ASP B 164 -37.09 24.61 19.59
N ILE B 165 -37.82 24.44 18.49
CA ILE B 165 -37.65 23.28 17.61
C ILE B 165 -36.83 23.76 16.42
N ARG B 166 -35.52 23.57 16.51
CA ARG B 166 -34.62 24.04 15.48
C ARG B 166 -34.54 23.15 14.25
N GLY B 167 -34.51 23.77 13.09
CA GLY B 167 -34.41 23.05 11.85
C GLY B 167 -35.73 22.69 11.19
N VAL B 168 -36.82 22.76 11.95
CA VAL B 168 -38.14 22.41 11.41
C VAL B 168 -38.52 23.22 10.17
N SER B 169 -38.23 24.53 10.21
CA SER B 169 -38.54 25.44 9.11
C SER B 169 -37.73 25.08 7.87
N GLU B 170 -36.51 24.58 8.08
CA GLU B 170 -35.64 24.21 6.97
C GLU B 170 -35.85 22.77 6.51
N ALA B 171 -36.58 22.01 7.33
CA ALA B 171 -36.84 20.60 7.03
C ALA B 171 -37.88 20.41 5.94
N SER B 172 -37.98 19.20 5.43
CA SER B 172 -38.95 18.91 4.39
C SER B 172 -39.69 17.65 4.79
N ILE B 173 -41.00 17.63 4.50
CA ILE B 173 -41.79 16.46 4.82
C ILE B 173 -41.25 15.30 4.01
N SER B 174 -41.08 14.17 4.66
CA SER B 174 -40.57 12.99 4.01
C SER B 174 -41.33 12.66 2.72
N PRO B 175 -40.59 12.33 1.65
CA PRO B 175 -41.21 12.00 0.37
C PRO B 175 -42.23 10.88 0.49
N LYS B 176 -41.94 9.90 1.34
CA LYS B 176 -42.87 8.79 1.51
C LYS B 176 -44.09 9.18 2.33
N VAL B 177 -43.97 10.22 3.14
CA VAL B 177 -45.10 10.70 3.93
C VAL B 177 -46.02 11.48 2.99
N LEU B 178 -45.43 12.24 2.08
CA LEU B 178 -46.23 13.00 1.12
C LEU B 178 -46.94 12.03 0.19
N GLU B 179 -46.33 10.87 -0.01
CA GLU B 179 -46.89 9.83 -0.87
C GLU B 179 -48.10 9.22 -0.16
N ALA B 180 -47.96 9.02 1.15
CA ALA B 180 -49.05 8.48 1.95
C ALA B 180 -50.21 9.47 1.98
N PHE B 181 -49.89 10.76 2.12
CA PHE B 181 -50.93 11.78 2.17
C PHE B 181 -51.68 11.87 0.83
N GLU B 182 -51.03 11.40 -0.22
CA GLU B 182 -51.62 11.43 -1.55
C GLU B 182 -52.68 10.34 -1.71
N LYS B 183 -52.57 9.28 -0.91
CA LYS B 183 -53.51 8.16 -0.99
C LYS B 183 -54.39 7.97 0.25
N GLU B 184 -54.22 8.85 1.22
CA GLU B 184 -55.00 8.76 2.46
C GLU B 184 -55.90 9.96 2.62
N GLU B 185 -56.88 9.85 3.51
CA GLU B 185 -57.82 10.93 3.78
C GLU B 185 -58.07 11.05 5.28
N ASN B 186 -57.69 10.02 6.03
CA ASN B 186 -57.88 10.03 7.48
C ASN B 186 -56.57 10.18 8.24
N ILE B 187 -56.52 11.16 9.13
CA ILE B 187 -55.33 11.41 9.94
C ILE B 187 -55.72 11.39 11.41
N LEU B 188 -55.02 10.58 12.20
CA LEU B 188 -55.30 10.49 13.62
C LEU B 188 -54.15 11.08 14.44
N ILE B 189 -54.45 12.02 15.31
CA ILE B 189 -53.40 12.60 16.14
C ILE B 189 -53.50 11.96 17.51
N GLY B 190 -52.55 11.09 17.82
CA GLY B 190 -52.55 10.40 19.10
C GLY B 190 -52.53 11.32 20.30
N PRO B 191 -52.88 10.82 21.50
CA PRO B 191 -52.92 11.59 22.74
C PRO B 191 -51.53 11.82 23.34
N SER B 192 -50.76 12.66 22.67
CA SER B 192 -49.41 12.99 23.09
C SER B 192 -49.23 14.49 23.28
N ASN B 193 -48.05 14.87 23.76
CA ASN B 193 -47.72 16.26 23.98
C ASN B 193 -47.85 17.05 22.69
N PRO B 194 -48.78 18.00 22.63
CA PRO B 194 -48.99 18.80 21.43
C PRO B 194 -47.82 19.72 21.09
N ILE B 195 -47.02 20.09 22.10
CA ILE B 195 -45.90 20.98 21.87
C ILE B 195 -44.65 20.28 21.34
N THR B 196 -44.13 19.33 22.12
CA THR B 196 -42.91 18.63 21.74
C THR B 196 -43.06 17.28 21.02
N SER B 197 -44.20 16.62 21.16
CA SER B 197 -44.39 15.33 20.50
C SER B 197 -45.07 15.46 19.13
N ILE B 198 -46.20 16.17 19.10
CA ILE B 198 -46.94 16.35 17.84
C ILE B 198 -46.55 17.62 17.09
N GLY B 199 -46.44 18.72 17.83
CA GLY B 199 -46.08 20.00 17.24
C GLY B 199 -45.01 19.94 16.16
N PRO B 200 -43.88 19.27 16.42
CA PRO B 200 -42.82 19.18 15.42
C PRO B 200 -43.33 18.71 14.05
N ILE B 201 -44.19 17.69 14.08
CA ILE B 201 -44.73 17.13 12.84
C ILE B 201 -45.62 18.14 12.12
N ILE B 202 -46.56 18.76 12.83
CA ILE B 202 -47.44 19.71 12.19
C ILE B 202 -46.73 21.02 11.85
N SER B 203 -45.59 21.28 12.49
CA SER B 203 -44.83 22.50 12.23
C SER B 203 -44.05 22.44 10.92
N LEU B 204 -43.88 21.25 10.35
CA LEU B 204 -43.15 21.11 9.10
C LEU B 204 -43.83 21.95 8.02
N PRO B 205 -43.04 22.55 7.12
CA PRO B 205 -43.61 23.38 6.05
C PRO B 205 -44.55 22.63 5.10
N GLY B 206 -45.76 23.16 4.99
CA GLY B 206 -46.78 22.60 4.12
C GLY B 206 -47.69 21.60 4.80
N MSE B 207 -47.43 21.27 6.06
CA MSE B 207 -48.22 20.29 6.79
C MSE B 207 -49.58 20.80 7.21
O MSE B 207 -50.57 20.08 7.11
CB MSE B 207 -47.48 19.80 8.04
CG MSE B 207 -48.14 18.60 8.74
SE MSE B 207 -48.49 17.08 7.54
CE MSE B 207 -46.83 16.07 7.74
N ARG B 208 -49.64 22.04 7.68
CA ARG B 208 -50.92 22.59 8.11
C ARG B 208 -51.94 22.63 6.97
N GLU B 209 -51.51 23.06 5.79
CA GLU B 209 -52.43 23.16 4.67
C GLU B 209 -52.81 21.77 4.16
N LEU B 210 -51.95 20.81 4.43
CA LEU B 210 -52.16 19.44 4.01
C LEU B 210 -53.22 18.79 4.93
N LEU B 211 -53.18 19.11 6.22
CA LEU B 211 -54.13 18.56 7.17
C LEU B 211 -55.52 19.17 6.95
N LYS B 212 -55.56 20.42 6.51
CA LYS B 212 -56.84 21.08 6.27
C LYS B 212 -57.63 20.35 5.18
N LYS B 213 -56.94 19.66 4.29
CA LYS B 213 -57.60 18.95 3.22
C LYS B 213 -57.91 17.50 3.58
N LYS B 214 -58.01 17.20 4.87
CA LYS B 214 -58.30 15.84 5.29
C LYS B 214 -59.12 15.76 6.57
N LYS B 215 -59.65 14.58 6.86
CA LYS B 215 -60.44 14.38 8.06
C LYS B 215 -59.45 14.11 9.18
N VAL B 216 -59.40 15.01 10.15
CA VAL B 216 -58.48 14.87 11.25
C VAL B 216 -59.16 14.63 12.58
N VAL B 217 -58.76 13.55 13.25
CA VAL B 217 -59.31 13.24 14.56
C VAL B 217 -58.15 13.35 15.56
N ALA B 218 -58.42 13.86 16.76
CA ALA B 218 -57.39 13.99 17.78
C ALA B 218 -57.92 13.53 19.12
N VAL B 219 -57.07 12.93 19.93
CA VAL B 219 -57.48 12.46 21.26
C VAL B 219 -56.71 13.28 22.30
N SER B 220 -57.45 13.92 23.21
CA SER B 220 -56.82 14.73 24.25
C SER B 220 -55.86 13.99 25.18
N PRO B 221 -54.63 14.52 25.33
CA PRO B 221 -53.63 13.90 26.19
C PRO B 221 -53.80 14.34 27.65
N ILE B 222 -54.69 15.30 27.87
CA ILE B 222 -54.97 15.81 29.21
C ILE B 222 -56.30 15.31 29.76
N ILE B 223 -56.28 14.82 31.00
CA ILE B 223 -57.47 14.32 31.66
C ILE B 223 -57.79 15.30 32.77
N GLY B 224 -58.21 16.50 32.41
CA GLY B 224 -58.54 17.50 33.40
C GLY B 224 -57.74 18.78 33.20
N ASN B 225 -56.72 18.97 34.04
CA ASN B 225 -55.86 20.14 33.98
C ASN B 225 -54.39 19.75 33.90
N ALA B 226 -54.14 18.44 33.76
CA ALA B 226 -52.78 17.91 33.66
C ALA B 226 -52.75 16.61 32.84
N PRO B 227 -51.67 16.40 32.07
CA PRO B 227 -51.52 15.20 31.24
C PRO B 227 -51.28 13.94 32.07
N VAL B 228 -51.59 12.79 31.49
CA VAL B 228 -51.41 11.51 32.17
C VAL B 228 -49.94 11.34 32.55
N SER B 229 -49.06 11.92 31.75
CA SER B 229 -47.62 11.86 31.99
C SER B 229 -46.87 12.78 31.02
N GLY B 230 -45.59 13.00 31.29
CA GLY B 230 -44.79 13.85 30.42
C GLY B 230 -44.65 15.27 30.96
N PRO B 231 -43.76 16.07 30.34
CA PRO B 231 -43.52 17.46 30.74
C PRO B 231 -44.51 18.44 30.12
N ALA B 232 -45.71 17.96 29.80
CA ALA B 232 -46.74 18.80 29.19
C ALA B 232 -47.23 19.88 30.16
N GLY B 233 -47.09 19.60 31.46
CA GLY B 233 -47.51 20.55 32.47
C GLY B 233 -46.72 21.84 32.45
N LYS B 234 -45.47 21.77 32.00
CA LYS B 234 -44.62 22.95 31.95
C LYS B 234 -44.43 23.50 30.54
N LEU B 235 -44.16 22.61 29.59
CA LEU B 235 -43.93 23.00 28.21
C LEU B 235 -45.11 23.74 27.56
N MSE B 236 -46.33 23.32 27.88
CA MSE B 236 -47.51 23.97 27.28
C MSE B 236 -47.70 25.41 27.72
O MSE B 236 -47.76 26.32 26.90
CB MSE B 236 -48.78 23.16 27.58
CG MSE B 236 -48.84 21.82 26.86
SE MSE B 236 -50.57 20.98 27.07
CE MSE B 236 -51.51 21.92 25.66
N PRO B 237 -47.80 25.66 29.05
CA PRO B 237 -47.99 27.03 29.48
C PRO B 237 -46.87 27.94 28.97
N ALA B 238 -45.65 27.40 28.97
CA ALA B 238 -44.49 28.16 28.51
C ALA B 238 -44.67 28.63 27.06
N CYS B 239 -45.64 28.05 26.38
CA CYS B 239 -45.92 28.43 24.99
C CYS B 239 -47.25 29.17 24.89
N GLY B 240 -47.76 29.61 26.04
CA GLY B 240 -49.03 30.34 26.05
C GLY B 240 -50.23 29.50 25.71
N ILE B 241 -50.23 28.27 26.21
CA ILE B 241 -51.32 27.33 25.95
C ILE B 241 -51.90 26.80 27.26
N GLU B 242 -53.20 26.98 27.44
CA GLU B 242 -53.88 26.52 28.64
C GLU B 242 -53.79 24.99 28.72
N VAL B 243 -53.32 24.48 29.85
CA VAL B 243 -53.19 23.04 30.04
C VAL B 243 -54.54 22.39 30.35
N SER B 244 -55.35 22.19 29.30
CA SER B 244 -56.66 21.57 29.44
C SER B 244 -57.06 20.97 28.10
N SER B 245 -58.09 20.13 28.11
CA SER B 245 -58.57 19.52 26.88
C SER B 245 -58.96 20.61 25.89
N MSE B 246 -59.48 21.71 26.42
CA MSE B 246 -59.90 22.82 25.58
C MSE B 246 -58.69 23.50 24.95
O MSE B 246 -58.76 24.02 23.83
CB MSE B 246 -60.69 23.83 26.41
CG MSE B 246 -61.38 24.90 25.59
SE MSE B 246 -62.64 24.16 24.32
CE MSE B 246 -63.30 25.82 23.54
N GLY B 247 -57.57 23.49 25.67
CA GLY B 247 -56.36 24.11 25.16
C GLY B 247 -55.84 23.34 23.97
N VAL B 248 -55.76 22.01 24.12
CA VAL B 248 -55.27 21.15 23.05
C VAL B 248 -56.13 21.34 21.81
N ALA B 249 -57.45 21.36 22.01
CA ALA B 249 -58.40 21.54 20.91
C ALA B 249 -58.14 22.86 20.18
N GLU B 250 -57.96 23.94 20.95
CA GLU B 250 -57.71 25.25 20.37
C GLU B 250 -56.38 25.24 19.63
N TYR B 251 -55.44 24.44 20.13
CA TYR B 251 -54.13 24.37 19.50
C TYR B 251 -54.24 23.78 18.08
N TYR B 252 -55.08 22.76 17.91
CA TYR B 252 -55.25 22.12 16.59
C TYR B 252 -56.43 22.71 15.83
N GLN B 253 -57.06 23.69 16.45
CA GLN B 253 -58.22 24.37 15.89
C GLN B 253 -58.21 24.53 14.37
N ASP B 254 -57.10 25.02 13.83
CA ASP B 254 -56.98 25.24 12.39
C ASP B 254 -57.34 24.07 11.47
N PHE B 255 -57.27 22.84 11.96
CA PHE B 255 -57.57 21.69 11.11
C PHE B 255 -58.25 20.51 11.80
N LEU B 256 -58.66 20.69 13.05
CA LEU B 256 -59.30 19.61 13.79
C LEU B 256 -60.79 19.45 13.46
N ASP B 257 -61.18 18.28 12.97
CA ASP B 257 -62.57 18.00 12.65
C ASP B 257 -63.29 17.34 13.81
N VAL B 258 -62.66 16.32 14.39
CA VAL B 258 -63.24 15.59 15.52
C VAL B 258 -62.27 15.55 16.68
N PHE B 259 -62.77 15.77 17.89
CA PHE B 259 -61.94 15.76 19.09
C PHE B 259 -62.48 14.75 20.10
N VAL B 260 -61.59 14.01 20.76
CA VAL B 260 -62.03 13.02 21.73
C VAL B 260 -61.37 13.25 23.08
N PHE B 261 -62.13 13.69 24.08
CA PHE B 261 -61.53 13.92 25.40
C PHE B 261 -62.08 12.96 26.44
N ASP B 262 -61.46 12.95 27.62
CA ASP B 262 -61.86 12.03 28.67
C ASP B 262 -63.24 12.28 29.27
N GLU B 263 -63.81 11.22 29.83
CA GLU B 263 -65.13 11.27 30.45
C GLU B 263 -65.13 12.21 31.64
N ARG B 264 -64.18 12.04 32.54
CA ARG B 264 -64.10 12.89 33.72
C ARG B 264 -64.24 14.38 33.46
N ASP B 265 -63.69 14.87 32.35
CA ASP B 265 -63.78 16.30 32.05
C ASP B 265 -65.19 16.86 32.04
N ARG B 266 -66.09 16.20 31.30
CA ARG B 266 -67.47 16.66 31.20
C ARG B 266 -67.45 18.14 30.86
N ALA B 267 -66.89 18.45 29.70
CA ALA B 267 -66.78 19.83 29.26
C ALA B 267 -67.92 20.22 28.32
N ASP B 268 -68.09 21.52 28.15
CA ASP B 268 -69.13 22.09 27.29
C ASP B 268 -68.94 21.66 25.85
N GLU B 269 -69.62 20.58 25.47
CA GLU B 269 -69.54 20.06 24.11
C GLU B 269 -70.03 21.09 23.10
N PHE B 270 -70.74 22.11 23.58
CA PHE B 270 -71.25 23.17 22.71
C PHE B 270 -70.12 24.15 22.45
N ALA B 271 -69.21 24.24 23.41
CA ALA B 271 -68.05 25.14 23.31
C ALA B 271 -67.11 24.64 22.21
N PHE B 272 -66.89 23.33 22.17
CA PHE B 272 -66.01 22.73 21.16
C PHE B 272 -66.56 23.01 19.77
N GLU B 273 -67.89 22.98 19.64
CA GLU B 273 -68.51 23.25 18.35
C GLU B 273 -68.18 24.66 17.89
N ARG B 274 -67.98 25.56 18.86
CA ARG B 274 -67.63 26.94 18.52
C ARG B 274 -66.28 26.97 17.81
N LEU B 275 -65.36 26.12 18.26
CA LEU B 275 -64.03 26.03 17.65
C LEU B 275 -64.13 25.48 16.24
N GLY B 276 -65.26 24.85 15.95
CA GLY B 276 -65.50 24.30 14.63
C GLY B 276 -65.15 22.83 14.52
N CYS B 277 -65.35 22.09 15.60
CA CYS B 277 -65.04 20.66 15.58
C CYS B 277 -66.01 19.87 16.43
N HIS B 278 -66.33 18.66 15.98
CA HIS B 278 -67.24 17.81 16.72
C HIS B 278 -66.46 17.08 17.80
N ALA B 279 -66.96 17.10 19.02
CA ALA B 279 -66.27 16.45 20.12
C ALA B 279 -67.10 15.39 20.81
N SER B 280 -66.44 14.33 21.26
CA SER B 280 -67.11 13.25 21.98
C SER B 280 -66.19 12.77 23.09
N ARG B 281 -66.76 12.12 24.09
CA ARG B 281 -65.96 11.65 25.22
C ARG B 281 -65.73 10.15 25.20
N ALA B 282 -64.73 9.72 25.96
CA ALA B 282 -64.37 8.31 26.09
C ALA B 282 -63.34 8.19 27.20
N ASP B 283 -63.01 6.95 27.58
CA ASP B 283 -62.02 6.72 28.63
C ASP B 283 -60.64 6.70 27.97
N THR B 284 -59.91 7.80 28.09
CA THR B 284 -58.59 7.90 27.49
C THR B 284 -57.45 7.41 28.38
N LEU B 285 -57.77 6.90 29.56
CA LEU B 285 -56.75 6.41 30.48
C LEU B 285 -56.45 4.96 30.17
N MSE B 286 -55.49 4.74 29.28
CA MSE B 286 -55.15 3.39 28.85
C MSE B 286 -54.25 2.63 29.82
O MSE B 286 -53.03 2.66 29.71
CB MSE B 286 -54.50 3.46 27.48
CG MSE B 286 -55.32 4.24 26.49
SE MSE B 286 -54.36 4.65 24.86
CE MSE B 286 -53.66 6.42 25.36
N THR B 287 -54.87 1.92 30.75
CA THR B 287 -54.13 1.16 31.72
C THR B 287 -53.80 -0.24 31.24
N SER B 288 -54.28 -0.62 30.06
CA SER B 288 -53.99 -1.94 29.53
C SER B 288 -54.31 -1.95 28.05
N THR B 289 -53.91 -3.01 27.35
CA THR B 289 -54.18 -3.12 25.94
C THR B 289 -55.69 -3.07 25.69
N GLU B 290 -56.47 -3.80 26.50
CA GLU B 290 -57.93 -3.81 26.35
C GLU B 290 -58.51 -2.41 26.42
N LYS B 291 -58.01 -1.61 27.35
CA LYS B 291 -58.49 -0.24 27.48
C LYS B 291 -58.11 0.53 26.22
N SER B 292 -56.91 0.27 25.69
CA SER B 292 -56.43 0.94 24.48
C SER B 292 -57.31 0.54 23.29
N LYS B 293 -57.58 -0.76 23.21
CA LYS B 293 -58.43 -1.30 22.15
C LYS B 293 -59.80 -0.65 22.20
N GLU B 294 -60.35 -0.47 23.39
CA GLU B 294 -61.67 0.14 23.49
C GLU B 294 -61.64 1.58 23.04
N LEU B 295 -60.53 2.26 23.26
CA LEU B 295 -60.45 3.66 22.86
C LEU B 295 -60.23 3.72 21.36
N ALA B 296 -59.52 2.72 20.84
CA ALA B 296 -59.25 2.69 19.41
C ALA B 296 -60.57 2.49 18.64
N GLU B 297 -61.47 1.65 19.16
CA GLU B 297 -62.74 1.41 18.47
C GLU B 297 -63.55 2.71 18.39
N ILE B 298 -63.59 3.44 19.49
CA ILE B 298 -64.32 4.71 19.54
C ILE B 298 -63.74 5.66 18.53
N VAL B 299 -62.41 5.64 18.40
CA VAL B 299 -61.74 6.49 17.43
C VAL B 299 -62.10 6.10 16.01
N VAL B 300 -62.10 4.81 15.72
CA VAL B 300 -62.44 4.35 14.38
C VAL B 300 -63.86 4.77 14.03
N GLN B 301 -64.78 4.58 14.98
CA GLN B 301 -66.17 4.96 14.78
C GLN B 301 -66.25 6.46 14.48
N ALA B 302 -65.37 7.23 15.10
CA ALA B 302 -65.33 8.67 14.87
C ALA B 302 -65.04 8.98 13.41
N PHE B 303 -64.22 8.15 12.78
CA PHE B 303 -63.88 8.36 11.39
C PHE B 303 -65.02 7.93 10.47
N LEU B 304 -65.69 6.84 10.84
CA LEU B 304 -66.80 6.30 10.06
C LEU B 304 -68.03 7.20 10.09
N GLU B 305 -68.36 7.76 11.26
CA GLU B 305 -69.51 8.64 11.38
C GLU B 305 -69.33 9.93 10.60
N HIS B 306 -70.44 10.60 10.32
CA HIS B 306 -70.40 11.84 9.56
C HIS B 306 -71.21 12.93 10.26
N MSE C 1 55.16 -12.64 -19.18
CA MSE C 1 55.17 -12.19 -17.76
C MSE C 1 53.78 -12.02 -17.17
O MSE C 1 52.85 -11.61 -17.86
CB MSE C 1 55.89 -10.87 -17.62
CG MSE C 1 56.25 -10.56 -16.19
SE MSE C 1 56.62 -8.71 -16.01
CE MSE C 1 58.44 -8.69 -16.65
N ILE C 2 53.67 -12.31 -15.89
CA ILE C 2 52.39 -12.17 -15.19
C ILE C 2 52.41 -10.97 -14.26
N ILE C 3 51.43 -10.09 -14.41
CA ILE C 3 51.34 -8.91 -13.56
C ILE C 3 50.03 -8.94 -12.77
N PHE C 4 50.13 -8.73 -11.45
CA PHE C 4 48.97 -8.68 -10.56
C PHE C 4 48.54 -7.22 -10.54
N SER C 5 47.32 -6.95 -11.01
CA SER C 5 46.84 -5.58 -11.07
C SER C 5 45.57 -5.26 -10.33
N GLY C 6 45.56 -4.09 -9.72
CA GLY C 6 44.39 -3.64 -9.00
C GLY C 6 44.63 -2.18 -8.73
N GLY C 7 43.57 -1.41 -8.56
CA GLY C 7 43.74 0.00 -8.28
C GLY C 7 44.26 0.79 -9.44
N THR C 8 44.84 1.96 -9.16
CA THR C 8 45.36 2.80 -10.23
C THR C 8 46.88 2.63 -10.38
N GLY C 9 47.55 2.14 -9.33
CA GLY C 9 48.98 1.96 -9.40
C GLY C 9 49.48 1.07 -10.52
N THR C 10 49.14 -0.22 -10.46
CA THR C 10 49.58 -1.16 -11.46
C THR C 10 49.24 -0.77 -12.91
N PRO C 11 48.03 -0.25 -13.13
CA PRO C 11 47.73 0.12 -14.51
C PRO C 11 48.66 1.25 -14.97
N LYS C 12 49.10 2.10 -14.05
CA LYS C 12 50.01 3.17 -14.46
C LYS C 12 51.37 2.60 -14.89
N LEU C 13 51.78 1.54 -14.22
CA LEU C 13 53.04 0.89 -14.52
C LEU C 13 52.88 0.11 -15.84
N LEU C 14 51.77 -0.61 -15.98
CA LEU C 14 51.53 -1.35 -17.22
C LEU C 14 51.57 -0.38 -18.39
N ASP C 15 51.28 0.89 -18.12
CA ASP C 15 51.30 1.89 -19.18
C ASP C 15 52.72 1.99 -19.72
N GLY C 16 53.70 1.76 -18.85
CA GLY C 16 55.09 1.81 -19.26
C GLY C 16 55.58 0.45 -19.74
N LEU C 17 55.16 -0.62 -19.06
CA LEU C 17 55.58 -1.97 -19.43
C LEU C 17 55.19 -2.34 -20.86
N LYS C 18 54.03 -1.88 -21.31
CA LYS C 18 53.58 -2.21 -22.65
C LYS C 18 54.41 -1.49 -23.72
N GLU C 19 55.30 -0.62 -23.29
CA GLU C 19 56.14 0.14 -24.22
C GLU C 19 57.53 -0.49 -24.35
N ILE C 20 57.83 -1.50 -23.53
CA ILE C 20 59.14 -2.13 -23.58
C ILE C 20 59.10 -3.64 -23.69
N LEU C 21 57.90 -4.21 -23.82
CA LEU C 21 57.77 -5.64 -23.98
C LEU C 21 56.67 -5.94 -24.97
N PRO C 22 56.75 -7.08 -25.65
CA PRO C 22 55.70 -7.40 -26.62
C PRO C 22 54.39 -7.61 -25.87
N GLU C 23 53.33 -6.98 -26.37
CA GLU C 23 52.01 -7.07 -25.73
C GLU C 23 51.50 -8.49 -25.50
N GLU C 24 51.71 -9.38 -26.47
CA GLU C 24 51.27 -10.77 -26.38
C GLU C 24 51.84 -11.49 -25.17
N GLU C 25 53.02 -11.07 -24.73
CA GLU C 25 53.68 -11.71 -23.60
C GLU C 25 53.19 -11.21 -22.25
N LEU C 26 52.32 -10.21 -22.25
CA LEU C 26 51.83 -9.67 -20.99
C LEU C 26 50.54 -10.33 -20.53
N THR C 27 50.59 -10.96 -19.36
CA THR C 27 49.42 -11.60 -18.79
C THR C 27 49.08 -10.84 -17.51
N VAL C 28 47.95 -10.13 -17.52
CA VAL C 28 47.54 -9.34 -16.38
C VAL C 28 46.45 -10.07 -15.59
N VAL C 29 46.75 -10.46 -14.36
CA VAL C 29 45.77 -11.13 -13.52
C VAL C 29 45.12 -10.00 -12.71
N VAL C 30 43.84 -9.75 -12.95
CA VAL C 30 43.15 -8.65 -12.29
C VAL C 30 42.27 -9.00 -11.09
N ASN C 31 42.26 -8.11 -10.11
CA ASN C 31 41.45 -8.27 -8.91
C ASN C 31 39.97 -8.12 -9.25
N THR C 32 39.11 -8.98 -8.70
CA THR C 32 37.69 -8.87 -8.96
C THR C 32 36.88 -8.62 -7.69
N ALA C 33 37.57 -8.31 -6.59
CA ALA C 33 36.91 -8.09 -5.31
C ALA C 33 36.15 -6.78 -5.21
N GLU C 34 36.17 -6.01 -6.30
CA GLU C 34 35.48 -4.74 -6.36
C GLU C 34 34.29 -4.87 -7.29
N ASP C 35 34.18 -6.00 -7.98
CA ASP C 35 33.11 -6.22 -8.94
C ASP C 35 31.72 -6.08 -8.31
N LEU C 36 30.84 -5.31 -8.96
CA LEU C 36 29.48 -5.11 -8.47
C LEU C 36 28.49 -5.05 -9.61
N TRP C 37 27.33 -5.66 -9.39
CA TRP C 37 26.27 -5.59 -10.40
C TRP C 37 25.59 -4.25 -10.13
N VAL C 38 25.50 -3.41 -11.16
CA VAL C 38 24.90 -2.08 -11.02
C VAL C 38 24.01 -1.82 -12.23
N SER C 39 22.75 -1.50 -11.97
CA SER C 39 21.78 -1.24 -13.02
C SER C 39 21.65 -2.41 -13.98
N GLY C 40 21.66 -3.61 -13.42
CA GLY C 40 21.50 -4.82 -14.23
C GLY C 40 22.72 -5.37 -14.92
N ASN C 41 23.86 -4.74 -14.74
CA ASN C 41 25.05 -5.23 -15.39
C ASN C 41 26.29 -5.26 -14.53
N LEU C 42 27.12 -6.27 -14.77
CA LEU C 42 28.33 -6.44 -14.00
C LEU C 42 29.41 -5.41 -14.29
N ILE C 43 29.92 -4.77 -13.25
CA ILE C 43 30.99 -3.80 -13.42
C ILE C 43 32.26 -4.37 -12.78
N SER C 44 33.29 -4.56 -13.61
CA SER C 44 34.58 -5.06 -13.14
C SER C 44 35.53 -3.91 -13.37
N PRO C 45 35.58 -2.97 -12.44
CA PRO C 45 36.43 -1.77 -12.52
C PRO C 45 37.91 -2.02 -12.82
N ASP C 46 38.52 -2.91 -12.05
CA ASP C 46 39.93 -3.21 -12.24
C ASP C 46 40.17 -3.91 -13.58
N LEU C 47 39.20 -4.72 -14.03
CA LEU C 47 39.32 -5.41 -15.31
C LEU C 47 39.17 -4.43 -16.47
N ASP C 48 38.22 -3.51 -16.34
CA ASP C 48 37.95 -2.51 -17.36
C ASP C 48 39.05 -1.48 -17.52
N THR C 49 39.66 -1.09 -16.41
CA THR C 49 40.73 -0.11 -16.46
C THR C 49 41.86 -0.68 -17.32
N VAL C 50 42.14 -1.96 -17.14
CA VAL C 50 43.19 -2.59 -17.92
C VAL C 50 42.74 -2.73 -19.38
N LEU C 51 41.50 -3.12 -19.61
CA LEU C 51 41.00 -3.25 -20.97
C LEU C 51 41.08 -1.92 -21.69
N TYR C 52 40.74 -0.83 -20.99
CA TYR C 52 40.75 0.49 -21.60
C TYR C 52 42.18 0.98 -21.79
N LEU C 53 43.06 0.63 -20.87
CA LEU C 53 44.44 1.03 -20.98
C LEU C 53 45.05 0.35 -22.20
N PHE C 54 44.84 -0.96 -22.36
CA PHE C 54 45.41 -1.61 -23.53
C PHE C 54 44.70 -1.33 -24.85
N SER C 55 43.60 -0.56 -24.82
CA SER C 55 42.89 -0.26 -26.06
C SER C 55 42.88 1.25 -26.34
N ASP C 56 43.77 1.96 -25.63
CA ASP C 56 43.93 3.40 -25.77
C ASP C 56 42.65 4.21 -25.61
N GLN C 57 41.83 3.86 -24.63
CA GLN C 57 40.61 4.63 -24.41
C GLN C 57 40.44 5.02 -22.95
N ILE C 58 41.39 4.63 -22.11
CA ILE C 58 41.34 4.94 -20.69
C ILE C 58 41.34 6.47 -20.51
N ASP C 59 40.67 6.93 -19.46
CA ASP C 59 40.64 8.36 -19.16
C ASP C 59 41.85 8.63 -18.27
N ARG C 60 42.90 9.15 -18.89
CA ARG C 60 44.16 9.42 -18.19
C ARG C 60 44.13 10.54 -17.16
N LYS C 61 42.94 11.05 -16.90
CA LYS C 61 42.80 12.10 -15.91
C LYS C 61 42.46 11.46 -14.57
N ARG C 62 41.47 10.56 -14.56
CA ARG C 62 41.08 9.90 -13.31
C ARG C 62 41.62 8.48 -13.28
N TRP C 63 42.03 7.99 -14.44
CA TRP C 63 42.53 6.65 -14.60
C TRP C 63 41.50 5.57 -14.34
N TRP C 64 40.29 5.80 -14.85
CA TRP C 64 39.17 4.87 -14.79
C TRP C 64 38.15 5.40 -15.77
N GLY C 65 37.37 4.51 -16.38
CA GLY C 65 36.39 4.98 -17.34
C GLY C 65 37.01 5.35 -18.68
N ILE C 66 36.17 5.68 -19.65
CA ILE C 66 36.63 6.00 -20.97
C ILE C 66 36.88 7.50 -21.20
N GLU C 67 37.90 7.81 -21.98
CA GLU C 67 38.25 9.19 -22.29
C GLU C 67 37.08 9.86 -23.02
N ASN C 68 36.73 11.05 -22.55
CA ASN C 68 35.62 11.86 -23.09
C ASN C 68 34.38 11.02 -23.43
N ASP C 69 33.84 10.38 -22.40
CA ASP C 69 32.65 9.56 -22.56
C ASP C 69 31.43 10.41 -22.24
N THR C 70 30.27 10.01 -22.75
CA THR C 70 29.05 10.75 -22.47
C THR C 70 28.33 10.15 -21.28
N PHE C 71 27.36 10.87 -20.73
CA PHE C 71 26.62 10.36 -19.57
C PHE C 71 25.11 10.52 -19.70
N GLY C 72 24.57 10.22 -20.88
CA GLY C 72 23.14 10.35 -21.10
C GLY C 72 22.25 9.72 -20.04
N THR C 73 22.46 8.44 -19.79
CA THR C 73 21.65 7.71 -18.83
C THR C 73 21.88 8.20 -17.41
N TYR C 74 23.15 8.41 -17.07
CA TYR C 74 23.51 8.88 -15.74
C TYR C 74 22.86 10.22 -15.41
N GLU C 75 22.91 11.14 -16.36
CA GLU C 75 22.33 12.46 -16.18
C GLU C 75 20.82 12.43 -16.08
N ARG C 76 20.19 11.68 -16.98
CA ARG C 76 18.74 11.56 -16.97
C ARG C 76 18.25 11.08 -15.61
N MSE C 77 18.90 10.05 -15.08
CA MSE C 77 18.52 9.52 -13.79
C MSE C 77 18.79 10.51 -12.67
O MSE C 77 18.05 10.55 -11.67
CB MSE C 77 19.24 8.21 -13.54
CG MSE C 77 18.69 7.07 -14.36
SE MSE C 77 19.66 5.44 -14.09
CE MSE C 77 18.77 4.84 -12.48
N LYS C 78 19.83 11.31 -12.82
CA LYS C 78 20.16 12.27 -11.80
C LYS C 78 19.03 13.31 -11.73
N GLU C 79 18.49 13.70 -12.88
CA GLU C 79 17.39 14.66 -12.95
C GLU C 79 16.17 14.13 -12.18
N LEU C 80 15.95 12.83 -12.27
CA LEU C 80 14.84 12.19 -11.59
C LEU C 80 15.20 11.93 -10.14
N GLY C 81 16.42 12.29 -9.76
CA GLY C 81 16.84 12.08 -8.39
C GLY C 81 17.28 10.67 -8.05
N ILE C 82 17.79 9.93 -9.03
CA ILE C 82 18.26 8.56 -8.80
C ILE C 82 19.78 8.47 -9.00
N GLU C 83 20.48 7.91 -8.02
CA GLU C 83 21.94 7.78 -8.09
C GLU C 83 22.34 6.34 -8.35
N GLU C 84 23.07 6.09 -9.43
CA GLU C 84 23.48 4.72 -9.73
C GLU C 84 24.52 4.25 -8.74
N GLY C 85 25.22 5.18 -8.09
CA GLY C 85 26.24 4.80 -7.14
C GLY C 85 27.63 5.19 -7.59
N LEU C 86 27.77 5.45 -8.88
CA LEU C 86 29.04 5.87 -9.47
C LEU C 86 28.73 6.44 -10.83
N LYS C 87 29.62 7.30 -11.33
CA LYS C 87 29.41 7.93 -12.61
C LYS C 87 29.63 6.92 -13.74
N LEU C 88 28.52 6.40 -14.26
CA LEU C 88 28.57 5.43 -15.35
C LEU C 88 28.40 6.09 -16.70
N GLY C 89 29.44 6.06 -17.53
CA GLY C 89 29.32 6.67 -18.85
C GLY C 89 28.58 5.78 -19.85
N ASP C 90 28.12 6.35 -20.94
CA ASP C 90 27.39 5.56 -21.93
C ASP C 90 28.24 4.52 -22.65
N ARG C 91 29.46 4.89 -23.05
CA ARG C 91 30.33 3.94 -23.74
C ARG C 91 30.81 2.87 -22.75
N ASP C 92 31.08 3.30 -21.53
CA ASP C 92 31.53 2.40 -20.48
C ASP C 92 30.46 1.35 -20.18
N ARG C 93 29.19 1.76 -20.24
CA ARG C 93 28.09 0.84 -19.95
C ARG C 93 28.04 -0.28 -20.98
N ALA C 94 28.42 0.01 -22.23
CA ALA C 94 28.42 -0.99 -23.27
C ALA C 94 29.29 -2.17 -22.87
N THR C 95 30.42 -1.87 -22.24
CA THR C 95 31.33 -2.91 -21.78
C THR C 95 30.65 -3.82 -20.76
N HIS C 96 29.94 -3.21 -19.80
CA HIS C 96 29.22 -3.94 -18.76
C HIS C 96 28.19 -4.85 -19.40
N ILE C 97 27.46 -4.30 -20.36
CA ILE C 97 26.43 -5.02 -21.07
C ILE C 97 26.99 -6.17 -21.88
N ILE C 98 28.02 -5.89 -22.69
CA ILE C 98 28.61 -6.95 -23.50
C ILE C 98 29.09 -8.09 -22.60
N ARG C 99 29.68 -7.73 -21.47
CA ARG C 99 30.17 -8.73 -20.52
C ARG C 99 29.04 -9.50 -19.89
N SER C 100 28.04 -8.78 -19.43
CA SER C 100 26.91 -9.38 -18.75
C SER C 100 26.03 -10.25 -19.63
N ASN C 101 25.94 -9.93 -20.91
CA ASN C 101 25.13 -10.76 -21.82
C ASN C 101 25.83 -12.10 -21.98
N ILE C 102 27.15 -12.09 -22.00
CA ILE C 102 27.92 -13.32 -22.12
C ILE C 102 27.71 -14.15 -20.86
N ILE C 103 27.76 -13.51 -19.70
CA ILE C 103 27.58 -14.21 -18.44
C ILE C 103 26.15 -14.74 -18.32
N ARG C 104 25.19 -13.98 -18.84
CA ARG C 104 23.81 -14.40 -18.77
C ARG C 104 23.56 -15.62 -19.66
N ASP C 105 24.40 -15.82 -20.67
CA ASP C 105 24.24 -16.98 -21.54
C ASP C 105 24.93 -18.23 -21.01
N GLY C 106 25.51 -18.15 -19.81
CA GLY C 106 26.17 -19.30 -19.23
C GLY C 106 27.69 -19.25 -19.17
N ALA C 107 28.31 -18.43 -20.02
CA ALA C 107 29.76 -18.32 -20.04
C ALA C 107 30.30 -17.68 -18.75
N SER C 108 31.61 -17.80 -18.53
CA SER C 108 32.25 -17.26 -17.33
C SER C 108 32.80 -15.86 -17.50
N LEU C 109 33.18 -15.27 -16.38
CA LEU C 109 33.76 -13.94 -16.38
C LEU C 109 34.99 -13.94 -17.30
N THR C 110 35.78 -15.02 -17.24
CA THR C 110 36.97 -15.12 -18.10
C THR C 110 36.55 -15.11 -19.57
N ASP C 111 35.50 -15.84 -19.92
CA ASP C 111 35.02 -15.86 -21.29
C ASP C 111 34.66 -14.46 -21.78
N SER C 112 33.97 -13.68 -20.96
CA SER C 112 33.61 -12.32 -21.38
C SER C 112 34.84 -11.45 -21.53
N THR C 113 35.83 -11.65 -20.67
CA THR C 113 37.04 -10.85 -20.75
C THR C 113 37.80 -11.16 -22.02
N VAL C 114 37.86 -12.43 -22.39
CA VAL C 114 38.52 -12.84 -23.61
C VAL C 114 37.81 -12.23 -24.82
N LYS C 115 36.49 -12.27 -24.82
CA LYS C 115 35.69 -11.71 -25.91
C LYS C 115 35.89 -10.20 -26.00
N LEU C 116 35.81 -9.52 -24.87
CA LEU C 116 35.99 -8.08 -24.85
C LEU C 116 37.36 -7.72 -25.40
N SER C 117 38.38 -8.53 -25.06
CA SER C 117 39.72 -8.29 -25.56
C SER C 117 39.76 -8.37 -27.09
N SER C 118 39.04 -9.34 -27.67
CA SER C 118 39.01 -9.44 -29.12
C SER C 118 38.31 -8.22 -29.69
N LEU C 119 37.15 -7.88 -29.13
CA LEU C 119 36.39 -6.73 -29.62
C LEU C 119 37.21 -5.47 -29.56
N PHE C 120 38.00 -5.32 -28.51
CA PHE C 120 38.82 -4.13 -28.35
C PHE C 120 40.12 -4.20 -29.14
N GLY C 121 40.42 -5.36 -29.71
CA GLY C 121 41.64 -5.50 -30.47
C GLY C 121 42.87 -5.58 -29.58
N ILE C 122 42.73 -6.17 -28.39
CA ILE C 122 43.85 -6.29 -27.47
C ILE C 122 44.62 -7.60 -27.64
N LYS C 123 45.95 -7.55 -27.59
CA LYS C 123 46.76 -8.76 -27.75
C LYS C 123 47.25 -9.29 -26.41
N ALA C 124 47.22 -8.44 -25.41
CA ALA C 124 47.65 -8.86 -24.09
C ALA C 124 46.65 -9.85 -23.53
N ASN C 125 47.10 -10.70 -22.63
CA ASN C 125 46.26 -11.71 -22.04
C ASN C 125 45.73 -11.20 -20.69
N ILE C 126 44.55 -10.56 -20.72
CA ILE C 126 43.92 -9.99 -19.52
C ILE C 126 42.96 -11.03 -18.90
N LEU C 127 43.17 -11.31 -17.61
CA LEU C 127 42.36 -12.32 -16.98
C LEU C 127 41.94 -11.99 -15.56
N PRO C 128 40.71 -12.37 -15.19
CA PRO C 128 40.28 -12.07 -13.81
C PRO C 128 40.87 -13.13 -12.90
N MSE C 129 41.19 -12.77 -11.67
CA MSE C 129 41.77 -13.73 -10.74
C MSE C 129 40.96 -15.00 -10.59
O MSE C 129 41.51 -16.10 -10.46
CB MSE C 129 41.92 -13.08 -9.37
CG MSE C 129 40.62 -12.56 -8.78
SE MSE C 129 40.97 -11.62 -7.13
CE MSE C 129 39.59 -12.41 -5.99
N SER C 130 39.65 -14.85 -10.59
CA SER C 130 38.73 -15.96 -10.40
C SER C 130 37.43 -15.74 -11.13
N ASP C 131 36.75 -16.84 -11.45
CA ASP C 131 35.47 -16.77 -12.12
C ASP C 131 34.36 -16.71 -11.06
N ASP C 132 34.75 -16.94 -9.80
CA ASP C 132 33.83 -16.93 -8.68
C ASP C 132 33.66 -15.54 -8.07
N PRO C 133 32.50 -15.26 -7.47
CA PRO C 133 32.22 -13.96 -6.86
C PRO C 133 33.00 -13.75 -5.57
N VAL C 134 33.57 -12.55 -5.42
CA VAL C 134 34.32 -12.19 -4.23
C VAL C 134 34.04 -10.71 -4.01
N SER C 135 33.75 -10.31 -2.77
CA SER C 135 33.45 -8.91 -2.47
C SER C 135 34.21 -8.38 -1.28
N THR C 136 34.60 -7.12 -1.36
CA THR C 136 35.34 -6.48 -0.31
C THR C 136 34.47 -5.55 0.52
N TYR C 137 34.43 -5.81 1.83
CA TYR C 137 33.64 -5.01 2.76
C TYR C 137 34.52 -4.30 3.77
N ILE C 138 34.22 -3.03 4.05
CA ILE C 138 35.00 -2.24 4.99
C ILE C 138 34.23 -2.09 6.30
N GLU C 139 34.83 -2.56 7.39
CA GLU C 139 34.21 -2.48 8.71
C GLU C 139 34.55 -1.15 9.37
N THR C 140 33.66 -0.18 9.18
CA THR C 140 33.86 1.16 9.75
C THR C 140 33.03 1.35 11.02
N ALA C 141 33.20 2.52 11.65
CA ALA C 141 32.47 2.84 12.86
C ALA C 141 31.00 3.11 12.49
N GLU C 142 30.76 3.54 11.26
CA GLU C 142 29.40 3.82 10.78
C GLU C 142 28.72 2.53 10.32
N GLY C 143 29.34 1.40 10.63
CA GLY C 143 28.76 0.13 10.23
C GLY C 143 29.56 -0.56 9.14
N ILE C 144 29.15 -1.78 8.80
CA ILE C 144 29.82 -2.55 7.76
C ILE C 144 29.19 -2.22 6.42
N MSE C 145 30.03 -1.94 5.44
CA MSE C 145 29.56 -1.60 4.10
C MSE C 145 30.51 -2.13 3.03
O MSE C 145 31.55 -2.71 3.34
CB MSE C 145 29.44 -0.09 3.97
CG MSE C 145 30.73 0.64 4.30
SE MSE C 145 30.56 2.56 4.15
CE MSE C 145 30.27 2.99 6.02
N HIS C 146 30.15 -1.91 1.77
CA HIS C 146 30.97 -2.36 0.66
C HIS C 146 32.05 -1.31 0.37
N PHE C 147 33.13 -1.73 -0.27
CA PHE C 147 34.23 -0.83 -0.61
C PHE C 147 33.75 0.37 -1.42
N GLN C 148 32.83 0.13 -2.35
CA GLN C 148 32.30 1.19 -3.19
C GLN C 148 31.62 2.29 -2.39
N ASP C 149 30.74 1.89 -1.47
CA ASP C 149 30.02 2.85 -0.65
C ASP C 149 30.98 3.66 0.21
N PHE C 150 32.03 2.99 0.66
CA PHE C 150 33.03 3.65 1.49
C PHE C 150 33.95 4.59 0.73
N TRP C 151 34.49 4.12 -0.39
CA TRP C 151 35.41 4.93 -1.17
C TRP C 151 34.77 5.98 -2.05
N ILE C 152 33.62 5.65 -2.62
CA ILE C 152 32.91 6.58 -3.50
C ILE C 152 31.78 7.31 -2.78
N GLY C 153 30.86 6.55 -2.18
CA GLY C 153 29.75 7.15 -1.48
C GLY C 153 30.12 7.92 -0.23
N LYS C 154 31.26 7.59 0.37
CA LYS C 154 31.69 8.27 1.58
C LYS C 154 33.04 8.95 1.39
N ARG C 155 33.57 8.90 0.17
CA ARG C 155 34.86 9.51 -0.13
C ARG C 155 35.97 9.03 0.80
N GLY C 156 35.82 7.82 1.31
CA GLY C 156 36.82 7.26 2.20
C GLY C 156 37.02 8.05 3.48
N GLU C 157 36.02 8.84 3.86
CA GLU C 157 36.10 9.65 5.07
C GLU C 157 35.89 8.83 6.35
N PRO C 158 34.92 7.90 6.35
CA PRO C 158 34.66 7.08 7.54
C PRO C 158 35.93 6.45 8.08
N ASP C 159 35.95 6.16 9.38
CA ASP C 159 37.10 5.54 10.00
C ASP C 159 36.98 4.03 9.85
N VAL C 160 38.06 3.40 9.39
CA VAL C 160 38.07 1.96 9.17
C VAL C 160 38.58 1.18 10.38
N ARG C 161 37.84 0.15 10.78
CA ARG C 161 38.23 -0.68 11.91
C ARG C 161 38.61 -2.09 11.48
N GLY C 162 38.20 -2.47 10.28
CA GLY C 162 38.51 -3.79 9.76
C GLY C 162 38.21 -3.94 8.28
N VAL C 163 38.66 -5.05 7.69
CA VAL C 163 38.41 -5.34 6.28
C VAL C 163 38.03 -6.80 6.11
N ASP C 164 37.04 -7.07 5.27
CA ASP C 164 36.60 -8.44 5.03
C ASP C 164 36.42 -8.73 3.54
N ILE C 165 37.17 -9.71 3.03
CA ILE C 165 37.08 -10.09 1.63
C ILE C 165 36.29 -11.37 1.57
N ARG C 166 34.99 -11.24 1.39
CA ARG C 166 34.10 -12.40 1.37
C ARG C 166 34.13 -13.20 0.08
N GLY C 167 34.19 -14.52 0.24
CA GLY C 167 34.17 -15.40 -0.90
C GLY C 167 35.51 -15.89 -1.40
N VAL C 168 36.58 -15.19 -1.05
CA VAL C 168 37.91 -15.56 -1.51
C VAL C 168 38.27 -16.99 -1.10
N SER C 169 37.97 -17.33 0.15
CA SER C 169 38.24 -18.66 0.70
C SER C 169 37.50 -19.73 -0.09
N GLU C 170 36.31 -19.41 -0.58
CA GLU C 170 35.51 -20.36 -1.34
C GLU C 170 35.78 -20.25 -2.84
N ALA C 171 36.51 -19.21 -3.25
CA ALA C 171 36.80 -18.99 -4.65
C ALA C 171 37.94 -19.87 -5.17
N SER C 172 38.04 -19.98 -6.49
CA SER C 172 39.10 -20.77 -7.09
C SER C 172 39.85 -19.90 -8.08
N ILE C 173 41.14 -20.16 -8.21
CA ILE C 173 41.96 -19.41 -9.14
C ILE C 173 41.49 -19.77 -10.53
N SER C 174 41.24 -18.75 -11.35
CA SER C 174 40.79 -18.94 -12.71
C SER C 174 41.59 -20.03 -13.42
N PRO C 175 40.91 -20.90 -14.16
CA PRO C 175 41.57 -21.98 -14.90
C PRO C 175 42.64 -21.44 -15.85
N LYS C 176 42.36 -20.30 -16.49
CA LYS C 176 43.34 -19.73 -17.40
C LYS C 176 44.53 -19.08 -16.70
N VAL C 177 44.34 -18.69 -15.44
CA VAL C 177 45.42 -18.09 -14.67
C VAL C 177 46.38 -19.20 -14.24
N LEU C 178 45.81 -20.34 -13.85
CA LEU C 178 46.63 -21.47 -13.43
C LEU C 178 47.40 -21.99 -14.64
N GLU C 179 46.79 -21.83 -15.81
CA GLU C 179 47.38 -22.27 -17.07
C GLU C 179 48.60 -21.38 -17.35
N ALA C 180 48.44 -20.08 -17.11
CA ALA C 180 49.53 -19.13 -17.34
C ALA C 180 50.65 -19.39 -16.36
N PHE C 181 50.30 -19.72 -15.12
CA PHE C 181 51.32 -20.00 -14.10
C PHE C 181 52.12 -21.24 -14.45
N GLU C 182 51.54 -22.09 -15.28
CA GLU C 182 52.17 -23.33 -15.69
C GLU C 182 53.28 -23.07 -16.70
N LYS C 183 53.20 -21.95 -17.40
CA LYS C 183 54.17 -21.59 -18.43
C LYS C 183 54.99 -20.34 -18.10
N GLU C 184 54.73 -19.73 -16.96
CA GLU C 184 55.43 -18.52 -16.56
C GLU C 184 56.26 -18.75 -15.32
N GLU C 185 57.29 -17.89 -15.15
CA GLU C 185 58.15 -17.99 -13.99
C GLU C 185 58.34 -16.61 -13.36
N ASN C 186 57.91 -15.57 -14.06
CA ASN C 186 58.04 -14.22 -13.54
C ASN C 186 56.70 -13.59 -13.19
N ILE C 187 56.58 -13.13 -11.95
CA ILE C 187 55.36 -12.50 -11.49
C ILE C 187 55.70 -11.11 -10.96
N LEU C 188 54.97 -10.10 -11.44
CA LEU C 188 55.20 -8.73 -11.01
C LEU C 188 53.99 -8.22 -10.23
N ILE C 189 54.22 -7.71 -9.02
CA ILE C 189 53.12 -7.17 -8.24
C ILE C 189 53.25 -5.67 -8.36
N GLY C 190 52.30 -5.07 -9.09
CA GLY C 190 52.32 -3.63 -9.30
C GLY C 190 52.20 -2.82 -8.03
N PRO C 191 52.51 -1.52 -8.08
CA PRO C 191 52.46 -0.62 -6.92
C PRO C 191 51.03 -0.20 -6.55
N SER C 192 50.28 -1.14 -6.00
CA SER C 192 48.90 -0.89 -5.59
C SER C 192 48.69 -1.24 -4.13
N ASN C 193 47.47 -0.98 -3.64
CA ASN C 193 47.11 -1.25 -2.27
C ASN C 193 47.26 -2.74 -2.01
N PRO C 194 48.16 -3.12 -1.10
CA PRO C 194 48.40 -4.53 -0.76
C PRO C 194 47.23 -5.22 -0.08
N ILE C 195 46.36 -4.44 0.58
CA ILE C 195 45.22 -5.00 1.28
C ILE C 195 44.00 -5.26 0.37
N THR C 196 43.49 -4.21 -0.24
CA THR C 196 42.30 -4.33 -1.10
C THR C 196 42.51 -4.57 -2.59
N SER C 197 43.63 -4.11 -3.14
CA SER C 197 43.90 -4.28 -4.57
C SER C 197 44.65 -5.59 -4.89
N ILE C 198 45.73 -5.86 -4.18
CA ILE C 198 46.52 -7.06 -4.41
C ILE C 198 46.14 -8.23 -3.50
N GLY C 199 45.97 -7.93 -2.22
CA GLY C 199 45.61 -8.96 -1.24
C GLY C 199 44.59 -9.98 -1.72
N PRO C 200 43.45 -9.54 -2.29
CA PRO C 200 42.43 -10.49 -2.76
C PRO C 200 43.02 -11.55 -3.70
N ILE C 201 43.93 -11.13 -4.57
CA ILE C 201 44.55 -12.06 -5.50
C ILE C 201 45.41 -13.10 -4.78
N ILE C 202 46.33 -12.64 -3.92
CA ILE C 202 47.20 -13.56 -3.22
C ILE C 202 46.46 -14.36 -2.14
N SER C 203 45.27 -13.90 -1.75
CA SER C 203 44.47 -14.60 -0.74
C SER C 203 43.75 -15.82 -1.30
N LEU C 204 43.62 -15.89 -2.63
CA LEU C 204 42.96 -17.04 -3.25
C LEU C 204 43.64 -18.33 -2.79
N PRO C 205 42.85 -19.40 -2.60
CA PRO C 205 43.43 -20.67 -2.17
C PRO C 205 44.44 -21.29 -3.14
N GLY C 206 45.63 -21.57 -2.61
CA GLY C 206 46.68 -22.18 -3.40
C GLY C 206 47.60 -21.19 -4.12
N MSE C 207 47.32 -19.90 -3.97
CA MSE C 207 48.11 -18.85 -4.62
C MSE C 207 49.43 -18.58 -3.93
O MSE C 207 50.44 -18.33 -4.59
CB MSE C 207 47.31 -17.54 -4.68
CG MSE C 207 47.99 -16.41 -5.46
SE MSE C 207 48.51 -16.93 -7.29
CE MSE C 207 46.85 -16.56 -8.25
N ARG C 208 49.43 -18.63 -2.61
CA ARG C 208 50.66 -18.39 -1.87
C ARG C 208 51.73 -19.42 -2.19
N GLU C 209 51.35 -20.68 -2.29
CA GLU C 209 52.32 -21.72 -2.59
C GLU C 209 52.80 -21.64 -4.03
N LEU C 210 51.94 -21.11 -4.88
CA LEU C 210 52.24 -20.95 -6.29
C LEU C 210 53.27 -19.82 -6.48
N LEU C 211 53.11 -18.74 -5.73
CA LEU C 211 54.03 -17.63 -5.84
C LEU C 211 55.43 -18.04 -5.37
N LYS C 212 55.50 -18.83 -4.30
CA LYS C 212 56.78 -19.29 -3.78
C LYS C 212 57.60 -20.01 -4.84
N LYS C 213 56.94 -20.70 -5.76
CA LYS C 213 57.67 -21.41 -6.81
C LYS C 213 58.01 -20.53 -8.00
N LYS C 214 58.04 -19.21 -7.80
CA LYS C 214 58.35 -18.31 -8.89
C LYS C 214 59.14 -17.08 -8.46
N LYS C 215 59.69 -16.36 -9.44
CA LYS C 215 60.45 -15.15 -9.15
C LYS C 215 59.42 -14.03 -9.03
N VAL C 216 59.31 -13.45 -7.86
CA VAL C 216 58.34 -12.40 -7.63
C VAL C 216 58.97 -11.04 -7.37
N VAL C 217 58.58 -10.05 -8.17
CA VAL C 217 59.07 -8.70 -8.00
C VAL C 217 57.88 -7.82 -7.60
N ALA C 218 58.09 -6.91 -6.65
CA ALA C 218 57.02 -6.03 -6.21
C ALA C 218 57.54 -4.60 -6.17
N VAL C 219 56.65 -3.64 -6.42
CA VAL C 219 57.02 -2.23 -6.41
C VAL C 219 56.22 -1.54 -5.31
N SER C 220 56.92 -0.90 -4.38
CA SER C 220 56.25 -0.22 -3.27
C SER C 220 55.22 0.83 -3.68
N PRO C 221 53.99 0.73 -3.14
CA PRO C 221 52.94 1.68 -3.45
C PRO C 221 53.02 2.92 -2.54
N ILE C 222 53.91 2.85 -1.56
CA ILE C 222 54.11 3.96 -0.62
C ILE C 222 55.43 4.68 -0.84
N ILE C 223 55.36 6.01 -0.88
CA ILE C 223 56.55 6.84 -1.06
C ILE C 223 56.76 7.60 0.24
N GLY C 224 57.21 6.87 1.27
CA GLY C 224 57.45 7.50 2.56
C GLY C 224 56.63 6.84 3.65
N ASN C 225 55.59 7.55 4.10
CA ASN C 225 54.71 7.07 5.16
C ASN C 225 53.23 7.05 4.71
N ALA C 226 53.02 7.28 3.41
CA ALA C 226 51.68 7.29 2.83
C ALA C 226 51.72 6.99 1.33
N PRO C 227 50.70 6.30 0.80
CA PRO C 227 50.63 5.95 -0.62
C PRO C 227 50.43 7.16 -1.51
N VAL C 228 50.79 7.02 -2.79
CA VAL C 228 50.65 8.10 -3.76
C VAL C 228 49.17 8.47 -3.89
N SER C 229 48.30 7.50 -3.60
CA SER C 229 46.86 7.71 -3.67
C SER C 229 46.10 6.49 -3.16
N GLY C 230 44.81 6.64 -2.92
CA GLY C 230 44.01 5.54 -2.43
C GLY C 230 43.83 5.55 -0.92
N PRO C 231 42.92 4.72 -0.41
CA PRO C 231 42.63 4.62 1.03
C PRO C 231 43.58 3.68 1.78
N ALA C 232 44.78 3.51 1.24
CA ALA C 232 45.79 2.63 1.85
C ALA C 232 46.19 3.12 3.24
N GLY C 233 46.12 4.43 3.44
CA GLY C 233 46.47 5.01 4.72
C GLY C 233 45.60 4.53 5.87
N LYS C 234 44.36 4.14 5.59
CA LYS C 234 43.47 3.67 6.63
C LYS C 234 43.28 2.15 6.63
N LEU C 235 43.15 1.57 5.45
CA LEU C 235 42.95 0.13 5.33
C LEU C 235 44.11 -0.71 5.83
N MSE C 236 45.33 -0.25 5.61
CA MSE C 236 46.50 -0.99 6.05
C MSE C 236 46.66 -1.07 7.56
O MSE C 236 46.74 -2.17 8.12
CB MSE C 236 47.77 -0.39 5.44
CG MSE C 236 47.90 -0.61 3.95
SE MSE C 236 49.61 0.02 3.29
CE MSE C 236 50.67 -1.51 3.80
N PRO C 237 46.69 0.09 8.25
CA PRO C 237 46.84 0.03 9.71
C PRO C 237 45.73 -0.80 10.35
N ALA C 238 44.51 -0.64 9.84
CA ALA C 238 43.37 -1.37 10.36
C ALA C 238 43.56 -2.88 10.23
N CYS C 239 44.61 -3.29 9.52
CA CYS C 239 44.88 -4.71 9.35
C CYS C 239 46.19 -5.12 10.03
N GLY C 240 46.72 -4.22 10.86
CA GLY C 240 47.96 -4.49 11.58
C GLY C 240 49.19 -4.44 10.69
N ILE C 241 49.17 -3.54 9.72
CA ILE C 241 50.27 -3.39 8.77
C ILE C 241 50.78 -1.95 8.81
N GLU C 242 52.07 -1.78 9.08
CA GLU C 242 52.63 -0.44 9.14
C GLU C 242 52.63 0.20 7.76
N VAL C 243 52.10 1.41 7.66
CA VAL C 243 52.04 2.10 6.37
C VAL C 243 53.41 2.65 5.95
N SER C 244 54.23 1.78 5.36
CA SER C 244 55.55 2.15 4.89
C SER C 244 56.05 1.12 3.89
N SER C 245 57.07 1.48 3.13
CA SER C 245 57.64 0.55 2.14
C SER C 245 58.08 -0.72 2.83
N MSE C 246 58.56 -0.59 4.06
CA MSE C 246 59.00 -1.73 4.83
C MSE C 246 57.82 -2.61 5.23
O MSE C 246 57.95 -3.84 5.36
CB MSE C 246 59.77 -1.25 6.07
CG MSE C 246 60.41 -2.36 6.88
SE MSE C 246 61.71 -3.38 5.87
CE MSE C 246 62.02 -4.81 7.15
N GLY C 247 56.67 -1.99 5.43
CA GLY C 247 55.48 -2.73 5.81
C GLY C 247 54.99 -3.59 4.66
N VAL C 248 54.97 -3.01 3.46
CA VAL C 248 54.53 -3.73 2.27
C VAL C 248 55.43 -4.94 2.06
N ALA C 249 56.73 -4.72 2.18
CA ALA C 249 57.72 -5.78 2.02
C ALA C 249 57.43 -6.94 2.97
N GLU C 250 57.16 -6.61 4.23
CA GLU C 250 56.85 -7.64 5.24
C GLU C 250 55.59 -8.38 4.88
N TYR C 251 54.64 -7.67 4.28
CA TYR C 251 53.38 -8.27 3.91
C TYR C 251 53.60 -9.39 2.88
N TYR C 252 54.48 -9.16 1.90
CA TYR C 252 54.74 -10.14 0.85
C TYR C 252 55.95 -11.01 1.17
N GLN C 253 56.49 -10.81 2.38
CA GLN C 253 57.66 -11.52 2.87
C GLN C 253 57.74 -13.00 2.51
N ASP C 254 56.61 -13.70 2.60
CA ASP C 254 56.58 -15.13 2.29
C ASP C 254 56.98 -15.53 0.87
N PHE C 255 56.95 -14.60 -0.08
CA PHE C 255 57.29 -14.97 -1.45
C PHE C 255 57.97 -13.86 -2.26
N LEU C 256 58.32 -12.76 -1.60
CA LEU C 256 58.97 -11.67 -2.30
C LEU C 256 60.47 -11.88 -2.52
N ASP C 257 60.89 -11.91 -3.77
CA ASP C 257 62.30 -12.09 -4.10
C ASP C 257 62.99 -10.74 -4.29
N VAL C 258 62.34 -9.84 -5.02
CA VAL C 258 62.91 -8.51 -5.25
C VAL C 258 61.90 -7.43 -4.94
N PHE C 259 62.34 -6.37 -4.27
CA PHE C 259 61.47 -5.27 -3.90
C PHE C 259 62.00 -3.95 -4.46
N VAL C 260 61.12 -3.13 -5.01
CA VAL C 260 61.54 -1.85 -5.57
C VAL C 260 60.81 -0.71 -4.85
N PHE C 261 61.52 0.07 -4.05
CA PHE C 261 60.88 1.18 -3.37
C PHE C 261 61.41 2.52 -3.88
N ASP C 262 60.71 3.60 -3.54
CA ASP C 262 61.07 4.92 -4.02
C ASP C 262 62.41 5.46 -3.50
N GLU C 263 62.98 6.40 -4.25
CA GLU C 263 64.25 7.02 -3.92
C GLU C 263 64.16 7.81 -2.61
N ARG C 264 63.20 8.72 -2.54
CA ARG C 264 63.02 9.54 -1.35
C ARG C 264 63.14 8.79 -0.02
N ASP C 265 62.76 7.51 0.01
CA ASP C 265 62.83 6.74 1.24
C ASP C 265 64.22 6.58 1.82
N ARG C 266 65.17 6.16 0.99
CA ARG C 266 66.55 5.97 1.43
C ARG C 266 66.53 5.19 2.74
N ALA C 267 66.13 3.93 2.65
CA ALA C 267 66.05 3.08 3.83
C ALA C 267 67.14 2.01 3.83
N ASP C 268 67.32 1.40 5.00
CA ASP C 268 68.30 0.34 5.21
C ASP C 268 68.12 -0.78 4.21
N GLU C 269 68.87 -0.71 3.11
CA GLU C 269 68.80 -1.74 2.08
C GLU C 269 69.17 -3.11 2.65
N PHE C 270 69.86 -3.11 3.79
CA PHE C 270 70.26 -4.36 4.44
C PHE C 270 69.06 -4.90 5.22
N ALA C 271 68.25 -3.99 5.73
CA ALA C 271 67.05 -4.36 6.48
C ALA C 271 66.15 -5.24 5.63
N PHE C 272 65.99 -4.87 4.36
CA PHE C 272 65.15 -5.64 3.45
C PHE C 272 65.76 -7.03 3.24
N GLU C 273 67.09 -7.08 3.21
CA GLU C 273 67.78 -8.35 3.04
C GLU C 273 67.41 -9.31 4.16
N ARG C 274 67.09 -8.76 5.33
CA ARG C 274 66.71 -9.58 6.47
C ARG C 274 65.38 -10.27 6.18
N LEU C 275 64.50 -9.59 5.45
CA LEU C 275 63.20 -10.13 5.08
C LEU C 275 63.37 -11.27 4.07
N GLY C 276 64.55 -11.34 3.46
CA GLY C 276 64.83 -12.39 2.51
C GLY C 276 64.57 -11.99 1.07
N CYS C 277 64.92 -10.75 0.73
CA CYS C 277 64.70 -10.28 -0.63
C CYS C 277 65.68 -9.17 -0.99
N HIS C 278 66.01 -9.07 -2.27
CA HIS C 278 66.92 -8.05 -2.73
C HIS C 278 66.11 -6.79 -3.04
N ALA C 279 66.53 -5.66 -2.51
CA ALA C 279 65.81 -4.41 -2.73
C ALA C 279 66.65 -3.39 -3.48
N SER C 280 65.98 -2.56 -4.27
CA SER C 280 66.64 -1.50 -5.02
C SER C 280 65.68 -0.33 -5.16
N ARG C 281 66.22 0.87 -5.30
CA ARG C 281 65.38 2.05 -5.41
C ARG C 281 65.20 2.56 -6.84
N ALA C 282 64.15 3.35 -7.03
CA ALA C 282 63.82 3.95 -8.32
C ALA C 282 62.77 5.01 -8.08
N ASP C 283 62.44 5.79 -9.11
CA ASP C 283 61.42 6.83 -8.99
C ASP C 283 60.07 6.17 -9.30
N THR C 284 59.31 5.86 -8.25
CA THR C 284 58.00 5.21 -8.40
C THR C 284 56.84 6.19 -8.58
N LEU C 285 57.13 7.48 -8.65
CA LEU C 285 56.07 8.48 -8.81
C LEU C 285 55.85 8.70 -10.29
N MSE C 286 54.95 7.93 -10.87
CA MSE C 286 54.67 8.00 -12.30
C MSE C 286 53.76 9.14 -12.71
O MSE C 286 52.55 8.98 -12.83
CB MSE C 286 54.08 6.68 -12.75
CG MSE C 286 54.95 5.50 -12.38
SE MSE C 286 54.02 3.82 -12.56
CE MSE C 286 53.31 3.67 -10.75
N THR C 287 54.35 10.30 -12.97
CA THR C 287 53.59 11.46 -13.37
C THR C 287 53.31 11.48 -14.86
N SER C 288 53.89 10.56 -15.60
CA SER C 288 53.66 10.51 -17.05
C SER C 288 54.01 9.14 -17.56
N THR C 289 53.68 8.88 -18.82
CA THR C 289 53.98 7.58 -19.42
C THR C 289 55.50 7.39 -19.45
N GLU C 290 56.25 8.47 -19.68
CA GLU C 290 57.70 8.36 -19.72
C GLU C 290 58.27 7.92 -18.39
N LYS C 291 57.73 8.46 -17.31
CA LYS C 291 58.18 8.07 -15.98
C LYS C 291 57.83 6.61 -15.73
N SER C 292 56.68 6.17 -16.24
CA SER C 292 56.26 4.78 -16.08
C SER C 292 57.18 3.88 -16.89
N LYS C 293 57.46 4.29 -18.12
CA LYS C 293 58.35 3.52 -18.99
C LYS C 293 59.70 3.36 -18.32
N GLU C 294 60.17 4.42 -17.66
CA GLU C 294 61.46 4.35 -16.99
C GLU C 294 61.44 3.42 -15.79
N LEU C 295 60.31 3.35 -15.11
CA LEU C 295 60.20 2.49 -13.96
C LEU C 295 60.03 1.05 -14.44
N ALA C 296 59.38 0.89 -15.59
CA ALA C 296 59.17 -0.44 -16.14
C ALA C 296 60.51 -1.06 -16.52
N GLU C 297 61.41 -0.25 -17.10
CA GLU C 297 62.72 -0.76 -17.50
C GLU C 297 63.51 -1.26 -16.29
N ILE C 298 63.42 -0.54 -15.19
CA ILE C 298 64.12 -0.92 -13.97
C ILE C 298 63.57 -2.24 -13.45
N VAL C 299 62.27 -2.41 -13.60
CA VAL C 299 61.60 -3.64 -13.18
C VAL C 299 62.04 -4.81 -14.05
N VAL C 300 62.12 -4.59 -15.35
CA VAL C 300 62.53 -5.66 -16.25
C VAL C 300 63.95 -6.09 -15.92
N GLN C 301 64.82 -5.11 -15.70
CA GLN C 301 66.22 -5.37 -15.35
C GLN C 301 66.24 -6.22 -14.08
N ALA C 302 65.31 -5.93 -13.18
CA ALA C 302 65.22 -6.67 -11.92
C ALA C 302 64.99 -8.15 -12.18
N PHE C 303 64.21 -8.47 -13.21
CA PHE C 303 63.93 -9.86 -13.54
C PHE C 303 65.13 -10.51 -14.24
N LEU C 304 65.82 -9.75 -15.08
CA LEU C 304 66.99 -10.24 -15.82
C LEU C 304 68.16 -10.59 -14.91
N GLU C 305 68.41 -9.77 -13.89
CA GLU C 305 69.52 -10.02 -12.95
C GLU C 305 69.24 -11.17 -12.01
N HIS C 306 70.24 -11.53 -11.21
CA HIS C 306 70.12 -12.61 -10.23
C HIS C 306 71.04 -12.38 -9.04
N MSE D 1 -12.66 6.61 -17.04
CA MSE D 1 -12.68 5.69 -18.20
C MSE D 1 -11.45 4.78 -18.24
O MSE D 1 -10.34 5.20 -17.90
CB MSE D 1 -12.72 6.48 -19.50
CG MSE D 1 -12.98 5.62 -20.72
SE MSE D 1 -12.70 6.65 -22.33
CE MSE D 1 -14.31 7.74 -22.27
N ILE D 2 -11.62 3.54 -18.70
CA ILE D 2 -10.49 2.64 -18.81
C ILE D 2 -10.18 2.41 -20.28
N ILE D 3 -8.92 2.49 -20.67
CA ILE D 3 -8.54 2.26 -22.05
C ILE D 3 -7.52 1.13 -22.14
N PHE D 4 -7.77 0.15 -23.00
CA PHE D 4 -6.85 -0.98 -23.21
C PHE D 4 -5.89 -0.49 -24.27
N SER D 5 -4.60 -0.48 -23.96
CA SER D 5 -3.63 0.01 -24.92
C SER D 5 -2.49 -0.94 -25.26
N GLY D 6 -2.06 -0.82 -26.51
CA GLY D 6 -0.96 -1.63 -27.03
C GLY D 6 -0.65 -1.10 -28.42
N GLY D 7 0.52 -1.42 -28.96
CA GLY D 7 0.82 -0.94 -30.30
C GLY D 7 0.94 0.57 -30.40
N THR D 8 0.72 1.11 -31.58
CA THR D 8 0.82 2.57 -31.73
C THR D 8 -0.52 3.23 -31.90
N GLY D 9 -1.49 2.46 -32.36
CA GLY D 9 -2.82 3.02 -32.56
C GLY D 9 -3.45 3.61 -31.32
N THR D 10 -3.52 2.84 -30.25
CA THR D 10 -4.15 3.34 -29.03
C THR D 10 -3.43 4.54 -28.44
N PRO D 11 -2.09 4.52 -28.43
CA PRO D 11 -1.46 5.70 -27.86
C PRO D 11 -1.75 6.96 -28.69
N LYS D 12 -1.97 6.79 -29.99
CA LYS D 12 -2.27 7.96 -30.83
C LYS D 12 -3.67 8.46 -30.49
N LEU D 13 -4.57 7.54 -30.17
CA LEU D 13 -5.92 7.93 -29.82
C LEU D 13 -5.89 8.56 -28.42
N LEU D 14 -5.06 8.02 -27.52
CA LEU D 14 -4.95 8.57 -26.17
C LEU D 14 -4.44 10.00 -26.22
N ASP D 15 -3.65 10.28 -27.24
CA ASP D 15 -3.08 11.61 -27.44
C ASP D 15 -4.20 12.62 -27.63
N GLY D 16 -5.33 12.15 -28.17
CA GLY D 16 -6.46 13.03 -28.37
C GLY D 16 -7.38 13.05 -27.16
N LEU D 17 -7.55 11.89 -26.54
CA LEU D 17 -8.42 11.74 -25.38
C LEU D 17 -7.98 12.57 -24.19
N LYS D 18 -6.67 12.75 -24.03
CA LYS D 18 -6.16 13.50 -22.90
C LYS D 18 -6.38 14.99 -23.13
N GLU D 19 -6.82 15.35 -24.32
CA GLU D 19 -7.09 16.74 -24.67
C GLU D 19 -8.56 17.10 -24.44
N ILE D 20 -9.42 16.11 -24.19
CA ILE D 20 -10.83 16.39 -24.00
C ILE D 20 -11.46 15.82 -22.74
N LEU D 21 -10.63 15.23 -21.90
CA LEU D 21 -11.12 14.70 -20.63
C LEU D 21 -10.05 14.96 -19.60
N PRO D 22 -10.45 15.01 -18.33
CA PRO D 22 -9.46 15.24 -17.29
C PRO D 22 -8.56 14.00 -17.16
N GLU D 23 -7.25 14.23 -17.24
CA GLU D 23 -6.27 13.15 -17.16
C GLU D 23 -6.38 12.24 -15.95
N GLU D 24 -6.80 12.77 -14.81
CA GLU D 24 -6.92 11.96 -13.61
C GLU D 24 -8.01 10.92 -13.77
N GLU D 25 -8.90 11.11 -14.73
CA GLU D 25 -9.99 10.18 -14.97
C GLU D 25 -9.65 9.09 -15.98
N LEU D 26 -8.48 9.19 -16.59
CA LEU D 26 -8.07 8.19 -17.57
C LEU D 26 -7.20 7.14 -16.91
N THR D 27 -7.61 5.88 -17.03
CA THR D 27 -6.90 4.74 -16.48
C THR D 27 -6.59 3.88 -17.70
N VAL D 28 -5.31 3.65 -17.94
CA VAL D 28 -4.90 2.88 -19.10
C VAL D 28 -4.37 1.50 -18.74
N VAL D 29 -5.05 0.45 -19.18
CA VAL D 29 -4.57 -0.90 -18.90
C VAL D 29 -3.70 -1.26 -20.11
N VAL D 30 -2.42 -1.52 -19.84
CA VAL D 30 -1.44 -1.80 -20.90
C VAL D 30 -1.00 -3.24 -21.11
N ASN D 31 -0.83 -3.60 -22.37
CA ASN D 31 -0.37 -4.92 -22.75
C ASN D 31 1.07 -5.12 -22.29
N THR D 32 1.41 -6.33 -21.86
CA THR D 32 2.79 -6.58 -21.42
C THR D 32 3.37 -7.80 -22.12
N ALA D 33 2.60 -8.39 -23.03
CA ALA D 33 3.05 -9.57 -23.74
C ALA D 33 4.28 -9.34 -24.63
N GLU D 34 4.76 -8.09 -24.71
CA GLU D 34 5.94 -7.77 -25.52
C GLU D 34 7.14 -7.45 -24.61
N ASP D 35 6.93 -7.44 -23.30
CA ASP D 35 8.00 -7.13 -22.35
C ASP D 35 9.17 -8.11 -22.45
N LEU D 36 10.37 -7.57 -22.55
CA LEU D 36 11.58 -8.38 -22.62
C LEU D 36 12.70 -7.78 -21.79
N TRP D 37 13.48 -8.64 -21.15
CA TRP D 37 14.64 -8.17 -20.41
C TRP D 37 15.68 -8.06 -21.53
N VAL D 38 16.29 -6.89 -21.67
CA VAL D 38 17.30 -6.66 -22.69
C VAL D 38 18.48 -5.95 -22.05
N SER D 39 19.68 -6.49 -22.24
CA SER D 39 20.87 -5.88 -21.68
C SER D 39 20.75 -5.64 -20.18
N GLY D 40 20.23 -6.64 -19.46
CA GLY D 40 20.10 -6.55 -18.02
C GLY D 40 18.88 -5.81 -17.49
N ASN D 41 18.03 -5.28 -18.35
CA ASN D 41 16.90 -4.55 -17.83
C ASN D 41 15.59 -4.77 -18.56
N LEU D 42 14.49 -4.76 -17.81
CA LEU D 42 13.18 -5.00 -18.38
C LEU D 42 12.65 -3.88 -19.27
N ILE D 43 12.26 -4.22 -20.48
CA ILE D 43 11.69 -3.24 -21.36
C ILE D 43 10.20 -3.56 -21.54
N SER D 44 9.36 -2.58 -21.19
CA SER D 44 7.92 -2.71 -21.34
C SER D 44 7.55 -1.63 -22.32
N PRO D 45 7.68 -1.93 -23.60
CA PRO D 45 7.40 -1.02 -24.70
C PRO D 45 6.04 -0.34 -24.71
N ASP D 46 4.96 -1.07 -24.46
CA ASP D 46 3.63 -0.47 -24.47
C ASP D 46 3.40 0.39 -23.23
N LEU D 47 3.98 -0.05 -22.12
CA LEU D 47 3.88 0.67 -20.87
C LEU D 47 4.66 1.99 -20.96
N ASP D 48 5.85 1.93 -21.54
CA ASP D 48 6.71 3.09 -21.70
C ASP D 48 6.18 4.13 -22.67
N THR D 49 5.61 3.65 -23.77
CA THR D 49 5.05 4.55 -24.76
C THR D 49 3.95 5.40 -24.09
N VAL D 50 3.14 4.78 -23.25
CA VAL D 50 2.09 5.50 -22.58
C VAL D 50 2.67 6.48 -21.55
N LEU D 51 3.68 6.04 -20.81
CA LEU D 51 4.33 6.88 -19.83
C LEU D 51 4.89 8.12 -20.51
N TYR D 52 5.55 7.90 -21.64
CA TYR D 52 6.18 8.98 -22.38
C TYR D 52 5.13 9.91 -23.00
N LEU D 53 4.05 9.33 -23.47
CA LEU D 53 3.00 10.12 -24.06
C LEU D 53 2.40 11.07 -22.99
N PHE D 54 2.15 10.57 -21.78
CA PHE D 54 1.58 11.42 -20.74
C PHE D 54 2.57 12.31 -19.99
N SER D 55 3.84 12.26 -20.36
CA SER D 55 4.83 13.10 -19.69
C SER D 55 5.49 14.00 -20.73
N ASP D 56 4.85 14.09 -21.89
CA ASP D 56 5.31 14.90 -23.00
C ASP D 56 6.76 14.69 -23.41
N GLN D 57 7.13 13.44 -23.61
CA GLN D 57 8.49 13.15 -24.04
C GLN D 57 8.54 12.07 -25.10
N ILE D 58 7.37 11.63 -25.57
CA ILE D 58 7.28 10.60 -26.60
C ILE D 58 7.81 11.10 -27.94
N ASP D 59 8.45 10.20 -28.70
CA ASP D 59 8.96 10.54 -30.03
C ASP D 59 7.76 10.46 -30.96
N ARG D 60 7.27 11.62 -31.39
CA ARG D 60 6.08 11.62 -32.24
C ARG D 60 6.32 11.22 -33.69
N LYS D 61 7.57 10.92 -34.01
CA LYS D 61 7.89 10.51 -35.36
C LYS D 61 7.72 9.00 -35.52
N ARG D 62 8.18 8.23 -34.55
CA ARG D 62 8.06 6.77 -34.60
C ARG D 62 7.01 6.28 -33.61
N TRP D 63 6.64 7.15 -32.71
CA TRP D 63 5.68 6.85 -31.65
C TRP D 63 6.16 5.79 -30.68
N TRP D 64 7.46 5.84 -30.37
CA TRP D 64 8.07 4.97 -29.39
C TRP D 64 9.39 5.62 -29.01
N GLY D 65 9.81 5.43 -27.78
CA GLY D 65 11.05 6.03 -27.35
C GLY D 65 10.89 7.50 -27.02
N ILE D 66 11.96 8.12 -26.57
CA ILE D 66 11.93 9.53 -26.18
C ILE D 66 12.37 10.45 -27.32
N GLU D 67 11.76 11.64 -27.37
CA GLU D 67 12.07 12.63 -28.41
C GLU D 67 13.52 13.11 -28.31
N ASN D 68 14.19 13.18 -29.46
CA ASN D 68 15.60 13.61 -29.54
C ASN D 68 16.45 13.03 -28.40
N ASP D 69 16.39 11.72 -28.26
CA ASP D 69 17.15 11.03 -27.24
C ASP D 69 18.51 10.72 -27.83
N THR D 70 19.49 10.50 -26.96
CA THR D 70 20.84 10.17 -27.40
C THR D 70 21.02 8.65 -27.43
N PHE D 71 22.00 8.19 -28.20
CA PHE D 71 22.27 6.76 -28.35
C PHE D 71 23.74 6.42 -28.17
N GLY D 72 24.35 6.97 -27.12
CA GLY D 72 25.74 6.72 -26.86
C GLY D 72 26.07 5.25 -26.75
N THR D 73 25.42 4.57 -25.80
CA THR D 73 25.68 3.16 -25.61
C THR D 73 25.35 2.29 -26.82
N TYR D 74 24.25 2.62 -27.49
CA TYR D 74 23.83 1.87 -28.66
C TYR D 74 24.87 1.98 -29.78
N GLU D 75 25.36 3.19 -30.00
CA GLU D 75 26.34 3.43 -31.05
C GLU D 75 27.65 2.71 -30.78
N ARG D 76 28.12 2.79 -29.53
CA ARG D 76 29.36 2.13 -29.16
C ARG D 76 29.30 0.65 -29.48
N MSE D 77 28.24 -0.01 -29.04
CA MSE D 77 28.09 -1.44 -29.31
C MSE D 77 28.00 -1.74 -30.79
O MSE D 77 28.43 -2.81 -31.24
CB MSE D 77 26.88 -1.98 -28.58
CG MSE D 77 27.12 -2.20 -27.11
SE MSE D 77 25.50 -2.63 -26.17
CE MSE D 77 25.43 -4.52 -26.56
N LYS D 78 27.43 -0.81 -31.54
CA LYS D 78 27.29 -1.00 -32.97
C LYS D 78 28.68 -0.99 -33.61
N GLU D 79 29.52 -0.05 -33.18
CA GLU D 79 30.88 0.07 -33.69
C GLU D 79 31.63 -1.26 -33.45
N LEU D 80 31.26 -1.95 -32.38
CA LEU D 80 31.87 -3.23 -32.01
C LEU D 80 31.14 -4.40 -32.64
N GLY D 81 30.12 -4.09 -33.43
CA GLY D 81 29.35 -5.12 -34.11
C GLY D 81 28.46 -5.97 -33.23
N ILE D 82 27.90 -5.38 -32.18
CA ILE D 82 27.02 -6.11 -31.27
C ILE D 82 25.63 -5.47 -31.31
N GLU D 83 24.60 -6.28 -31.55
CA GLU D 83 23.23 -5.78 -31.62
C GLU D 83 22.45 -6.05 -30.33
N GLU D 84 21.80 -5.03 -29.77
CA GLU D 84 21.03 -5.24 -28.54
C GLU D 84 19.71 -5.89 -28.88
N GLY D 85 19.24 -5.66 -30.10
CA GLY D 85 17.97 -6.22 -30.53
C GLY D 85 16.97 -5.14 -30.91
N LEU D 86 17.31 -3.90 -30.59
CA LEU D 86 16.45 -2.75 -30.91
C LEU D 86 17.23 -1.51 -30.54
N LYS D 87 16.89 -0.39 -31.15
CA LYS D 87 17.59 0.85 -30.88
C LYS D 87 17.20 1.41 -29.50
N LEU D 88 18.11 1.26 -28.53
CA LEU D 88 17.86 1.74 -27.17
C LEU D 88 18.56 3.06 -26.88
N GLY D 89 17.79 4.11 -26.64
CA GLY D 89 18.39 5.40 -26.33
C GLY D 89 18.82 5.50 -24.87
N ASP D 90 19.75 6.40 -24.58
CA ASP D 90 20.27 6.55 -23.23
C ASP D 90 19.20 6.98 -22.22
N ARG D 91 18.37 7.96 -22.59
CA ARG D 91 17.31 8.42 -21.67
C ARG D 91 16.28 7.31 -21.43
N ASP D 92 15.92 6.62 -22.50
CA ASP D 92 14.96 5.52 -22.46
C ASP D 92 15.50 4.41 -21.55
N ARG D 93 16.80 4.12 -21.65
CA ARG D 93 17.40 3.08 -20.84
C ARG D 93 17.27 3.42 -19.35
N ALA D 94 17.24 4.71 -19.03
CA ALA D 94 17.10 5.13 -17.64
C ALA D 94 15.77 4.60 -17.08
N THR D 95 14.75 4.59 -17.94
CA THR D 95 13.43 4.09 -17.57
C THR D 95 13.50 2.60 -17.26
N HIS D 96 14.20 1.86 -18.12
CA HIS D 96 14.36 0.42 -17.92
C HIS D 96 15.08 0.15 -16.60
N ILE D 97 16.16 0.88 -16.35
CA ILE D 97 16.92 0.69 -15.13
C ILE D 97 16.11 1.01 -13.85
N ILE D 98 15.45 2.17 -13.82
CA ILE D 98 14.65 2.56 -12.66
C ILE D 98 13.63 1.48 -12.39
N ARG D 99 12.93 1.07 -13.44
CA ARG D 99 11.92 0.04 -13.29
C ARG D 99 12.54 -1.27 -12.79
N SER D 100 13.67 -1.67 -13.40
CA SER D 100 14.30 -2.93 -13.03
C SER D 100 14.92 -2.93 -11.63
N ASN D 101 15.45 -1.80 -11.19
CA ASN D 101 15.99 -1.77 -9.84
C ASN D 101 14.86 -2.08 -8.86
N ILE D 102 13.69 -1.52 -9.11
CA ILE D 102 12.51 -1.76 -8.27
C ILE D 102 12.10 -3.23 -8.27
N ILE D 103 12.08 -3.84 -9.44
CA ILE D 103 11.70 -5.25 -9.53
C ILE D 103 12.80 -6.11 -8.88
N ARG D 104 14.06 -5.72 -9.06
CA ARG D 104 15.15 -6.46 -8.47
C ARG D 104 15.07 -6.41 -6.95
N ASP D 105 14.59 -5.30 -6.40
CA ASP D 105 14.44 -5.17 -4.94
C ASP D 105 13.25 -5.97 -4.39
N GLY D 106 12.46 -6.58 -5.25
CA GLY D 106 11.34 -7.37 -4.75
C GLY D 106 9.94 -6.85 -5.00
N ALA D 107 9.81 -5.66 -5.58
CA ALA D 107 8.50 -5.10 -5.88
C ALA D 107 8.03 -5.62 -7.24
N SER D 108 6.79 -5.32 -7.59
CA SER D 108 6.17 -5.77 -8.84
C SER D 108 6.22 -4.76 -9.97
N LEU D 109 5.87 -5.22 -11.17
CA LEU D 109 5.87 -4.35 -12.33
C LEU D 109 4.91 -3.17 -12.10
N THR D 110 3.78 -3.42 -11.42
CA THR D 110 2.84 -2.35 -11.17
C THR D 110 3.48 -1.32 -10.23
N ASP D 111 4.12 -1.81 -9.16
CA ASP D 111 4.82 -0.94 -8.22
C ASP D 111 5.80 -0.04 -8.96
N SER D 112 6.53 -0.60 -9.92
CA SER D 112 7.49 0.22 -10.65
C SER D 112 6.79 1.22 -11.57
N THR D 113 5.58 0.91 -12.01
CA THR D 113 4.87 1.83 -12.89
C THR D 113 4.34 3.01 -12.07
N VAL D 114 4.00 2.74 -10.82
CA VAL D 114 3.52 3.79 -9.94
C VAL D 114 4.64 4.80 -9.68
N LYS D 115 5.82 4.29 -9.37
CA LYS D 115 6.99 5.14 -9.10
C LYS D 115 7.38 5.97 -10.32
N LEU D 116 7.48 5.32 -11.48
CA LEU D 116 7.83 6.03 -12.70
C LEU D 116 6.80 7.10 -13.03
N SER D 117 5.53 6.84 -12.69
CA SER D 117 4.48 7.81 -12.96
C SER D 117 4.72 9.05 -12.09
N SER D 118 5.11 8.84 -10.83
CA SER D 118 5.40 9.95 -9.93
C SER D 118 6.56 10.75 -10.46
N LEU D 119 7.65 10.05 -10.75
CA LEU D 119 8.85 10.69 -11.25
C LEU D 119 8.56 11.52 -12.48
N PHE D 120 7.71 11.02 -13.36
CA PHE D 120 7.38 11.74 -14.59
C PHE D 120 6.31 12.79 -14.38
N GLY D 121 5.70 12.78 -13.20
CA GLY D 121 4.65 13.74 -12.88
C GLY D 121 3.41 13.55 -13.74
N ILE D 122 2.99 12.30 -13.89
CA ILE D 122 1.81 11.93 -14.68
C ILE D 122 0.56 11.85 -13.80
N LYS D 123 -0.55 12.40 -14.29
CA LYS D 123 -1.81 12.41 -13.54
C LYS D 123 -2.68 11.21 -13.90
N ALA D 124 -2.54 10.71 -15.12
CA ALA D 124 -3.33 9.56 -15.55
C ALA D 124 -2.90 8.32 -14.77
N ASN D 125 -3.80 7.35 -14.68
CA ASN D 125 -3.51 6.12 -13.94
C ASN D 125 -3.11 5.01 -14.94
N ILE D 126 -1.81 4.73 -15.00
CA ILE D 126 -1.25 3.73 -15.90
C ILE D 126 -0.99 2.41 -15.19
N LEU D 127 -1.64 1.36 -15.67
CA LEU D 127 -1.52 0.05 -15.06
C LEU D 127 -1.21 -1.10 -16.03
N PRO D 128 -0.22 -1.94 -15.69
CA PRO D 128 0.04 -3.04 -16.61
C PRO D 128 -1.07 -4.06 -16.40
N MSE D 129 -1.45 -4.76 -17.46
CA MSE D 129 -2.52 -5.75 -17.39
C MSE D 129 -2.32 -6.83 -16.33
O MSE D 129 -3.29 -7.34 -15.76
CB MSE D 129 -2.67 -6.45 -18.74
CG MSE D 129 -1.43 -7.26 -19.13
SE MSE D 129 -1.60 -8.10 -20.88
CE MSE D 129 -0.90 -9.90 -20.52
N SER D 130 -1.07 -7.21 -16.12
CA SER D 130 -0.78 -8.27 -15.19
C SER D 130 0.64 -8.10 -14.70
N ASP D 131 0.94 -8.69 -13.56
CA ASP D 131 2.28 -8.63 -12.99
C ASP D 131 3.03 -9.90 -13.38
N ASP D 132 2.30 -10.90 -13.89
CA ASP D 132 2.91 -12.16 -14.29
C ASP D 132 3.53 -12.07 -15.69
N PRO D 133 4.56 -12.87 -15.95
CA PRO D 133 5.22 -12.86 -17.26
C PRO D 133 4.37 -13.44 -18.40
N VAL D 134 4.28 -12.72 -19.50
CA VAL D 134 3.53 -13.18 -20.67
C VAL D 134 4.40 -12.84 -21.89
N SER D 135 4.59 -13.82 -22.77
CA SER D 135 5.45 -13.64 -23.94
C SER D 135 4.79 -14.01 -25.25
N THR D 136 4.82 -13.09 -26.21
CA THR D 136 4.23 -13.36 -27.49
C THR D 136 5.23 -13.95 -28.46
N TYR D 137 4.89 -15.11 -28.98
CA TYR D 137 5.76 -15.77 -29.94
C TYR D 137 5.03 -15.85 -31.26
N ILE D 138 5.77 -15.64 -32.35
CA ILE D 138 5.21 -15.73 -33.69
C ILE D 138 5.69 -17.02 -34.34
N GLU D 139 4.76 -17.84 -34.79
CA GLU D 139 5.12 -19.11 -35.43
C GLU D 139 5.21 -18.87 -36.93
N THR D 140 6.42 -18.94 -37.46
CA THR D 140 6.63 -18.71 -38.88
C THR D 140 7.10 -19.95 -39.60
N ALA D 141 7.15 -19.87 -40.93
CA ALA D 141 7.60 -21.00 -41.73
C ALA D 141 9.06 -21.29 -41.46
N GLU D 142 9.79 -20.29 -40.96
CA GLU D 142 11.23 -20.40 -40.63
C GLU D 142 11.43 -20.90 -39.20
N GLY D 143 10.35 -20.93 -38.42
CA GLY D 143 10.48 -21.38 -37.05
C GLY D 143 9.74 -20.45 -36.11
N ILE D 144 9.71 -20.81 -34.82
CA ILE D 144 9.02 -20.01 -33.83
C ILE D 144 9.99 -19.02 -33.19
N MSE D 145 9.59 -17.75 -33.09
CA MSE D 145 10.43 -16.71 -32.50
C MSE D 145 9.63 -15.68 -31.71
O MSE D 145 8.40 -15.62 -31.78
CB MSE D 145 11.20 -15.96 -33.59
CG MSE D 145 10.30 -15.18 -34.51
SE MSE D 145 11.18 -14.58 -36.14
CE MSE D 145 11.26 -16.30 -37.06
N HIS D 146 10.33 -14.85 -30.93
CA HIS D 146 9.67 -13.80 -30.16
C HIS D 146 9.21 -12.70 -31.11
N PHE D 147 8.12 -12.03 -30.73
CA PHE D 147 7.57 -10.95 -31.54
C PHE D 147 8.64 -9.97 -32.02
N GLN D 148 9.48 -9.51 -31.08
CA GLN D 148 10.55 -8.57 -31.41
C GLN D 148 11.44 -9.11 -32.54
N ASP D 149 11.79 -10.39 -32.46
CA ASP D 149 12.64 -11.01 -33.47
C ASP D 149 11.97 -10.97 -34.83
N PHE D 150 10.67 -11.20 -34.82
CA PHE D 150 9.89 -11.19 -36.04
C PHE D 150 9.66 -9.78 -36.58
N TRP D 151 9.27 -8.85 -35.71
CA TRP D 151 8.98 -7.48 -36.15
C TRP D 151 10.17 -6.56 -36.36
N ILE D 152 11.11 -6.55 -35.42
CA ILE D 152 12.28 -5.69 -35.54
C ILE D 152 13.44 -6.40 -36.22
N GLY D 153 13.76 -7.60 -35.76
CA GLY D 153 14.85 -8.35 -36.36
C GLY D 153 14.61 -8.74 -37.82
N LYS D 154 13.45 -9.34 -38.09
CA LYS D 154 13.13 -9.77 -39.46
C LYS D 154 12.26 -8.77 -40.21
N ARG D 155 12.03 -7.61 -39.61
CA ARG D 155 11.21 -6.58 -40.23
C ARG D 155 9.80 -7.01 -40.63
N GLY D 156 9.26 -8.00 -39.92
CA GLY D 156 7.93 -8.48 -40.24
C GLY D 156 7.85 -9.20 -41.57
N GLU D 157 8.98 -9.64 -42.10
CA GLU D 157 9.03 -10.33 -43.38
C GLU D 157 8.63 -11.82 -43.40
N PRO D 158 9.04 -12.60 -42.39
CA PRO D 158 8.69 -14.02 -42.35
C PRO D 158 7.20 -14.28 -42.66
N ASP D 159 6.89 -15.50 -43.10
CA ASP D 159 5.51 -15.87 -43.38
C ASP D 159 4.94 -16.42 -42.08
N VAL D 160 3.94 -15.74 -41.54
CA VAL D 160 3.32 -16.12 -40.29
C VAL D 160 2.30 -17.23 -40.46
N ARG D 161 2.39 -18.25 -39.60
CA ARG D 161 1.49 -19.39 -39.64
C ARG D 161 0.80 -19.61 -38.30
N GLY D 162 1.15 -18.80 -37.30
CA GLY D 162 0.50 -18.95 -36.01
C GLY D 162 0.97 -17.93 -34.99
N VAL D 163 0.20 -17.79 -33.92
CA VAL D 163 0.60 -16.86 -32.89
C VAL D 163 0.46 -17.58 -31.57
N ASP D 164 1.47 -17.44 -30.72
CA ASP D 164 1.43 -18.09 -29.41
C ASP D 164 1.73 -17.09 -28.28
N ILE D 165 0.71 -16.80 -27.48
CA ILE D 165 0.86 -15.89 -26.34
C ILE D 165 1.08 -16.78 -25.12
N ARG D 166 2.34 -17.09 -24.87
CA ARG D 166 2.69 -17.97 -23.78
C ARG D 166 2.57 -17.36 -22.39
N GLY D 167 1.99 -18.13 -21.49
CA GLY D 167 1.85 -17.69 -20.12
C GLY D 167 0.56 -16.97 -19.76
N VAL D 168 -0.22 -16.60 -20.77
CA VAL D 168 -1.46 -15.88 -20.53
C VAL D 168 -2.47 -16.66 -19.67
N SER D 169 -2.61 -17.95 -19.92
CA SER D 169 -3.54 -18.78 -19.14
C SER D 169 -3.05 -18.95 -17.69
N GLU D 170 -1.76 -18.83 -17.47
CA GLU D 170 -1.22 -18.99 -16.13
C GLU D 170 -1.16 -17.64 -15.41
N ALA D 171 -1.20 -16.56 -16.17
CA ALA D 171 -1.15 -15.23 -15.60
C ALA D 171 -2.48 -14.84 -15.00
N SER D 172 -2.45 -13.77 -14.22
CA SER D 172 -3.66 -13.28 -13.59
C SER D 172 -3.83 -11.80 -13.84
N ILE D 173 -5.08 -11.35 -13.85
CA ILE D 173 -5.34 -9.94 -14.04
C ILE D 173 -4.78 -9.20 -12.82
N SER D 174 -4.02 -8.15 -13.05
CA SER D 174 -3.45 -7.35 -11.95
C SER D 174 -4.52 -6.93 -10.93
N PRO D 175 -4.28 -7.19 -9.65
CA PRO D 175 -5.24 -6.81 -8.61
C PRO D 175 -5.64 -5.34 -8.71
N LYS D 176 -4.71 -4.47 -9.10
CA LYS D 176 -5.08 -3.07 -9.24
C LYS D 176 -6.00 -2.84 -10.43
N VAL D 177 -5.94 -3.70 -11.43
CA VAL D 177 -6.81 -3.53 -12.57
C VAL D 177 -8.20 -3.96 -12.15
N LEU D 178 -8.28 -4.99 -11.31
CA LEU D 178 -9.56 -5.45 -10.85
C LEU D 178 -10.20 -4.37 -9.96
N GLU D 179 -9.38 -3.67 -9.18
CA GLU D 179 -9.89 -2.62 -8.32
C GLU D 179 -10.41 -1.48 -9.20
N ALA D 180 -9.68 -1.13 -10.25
CA ALA D 180 -10.11 -0.07 -11.14
C ALA D 180 -11.43 -0.41 -11.83
N PHE D 181 -11.60 -1.67 -12.23
CA PHE D 181 -12.82 -2.12 -12.88
C PHE D 181 -14.02 -2.01 -11.96
N GLU D 182 -13.78 -2.24 -10.68
CA GLU D 182 -14.85 -2.17 -9.70
C GLU D 182 -15.48 -0.78 -9.68
N LYS D 183 -14.69 0.25 -9.99
CA LYS D 183 -15.18 1.61 -9.98
C LYS D 183 -15.52 2.19 -11.34
N GLU D 184 -15.02 1.58 -12.40
CA GLU D 184 -15.27 2.07 -13.75
C GLU D 184 -16.44 1.34 -14.38
N GLU D 185 -17.06 2.00 -15.35
CA GLU D 185 -18.19 1.42 -16.05
C GLU D 185 -17.97 1.46 -17.56
N ASN D 186 -17.06 2.32 -18.00
CA ASN D 186 -16.75 2.46 -19.43
C ASN D 186 -15.35 1.99 -19.81
N ILE D 187 -15.31 1.07 -20.77
CA ILE D 187 -14.05 0.53 -21.25
C ILE D 187 -13.91 0.82 -22.75
N LEU D 188 -12.74 1.32 -23.13
CA LEU D 188 -12.44 1.63 -24.51
C LEU D 188 -11.30 0.75 -25.04
N ILE D 189 -11.48 0.15 -26.21
CA ILE D 189 -10.44 -0.66 -26.81
C ILE D 189 -9.88 0.14 -27.97
N GLY D 190 -8.64 0.61 -27.80
CA GLY D 190 -8.02 1.42 -28.83
C GLY D 190 -7.88 0.71 -30.16
N PRO D 191 -7.61 1.44 -31.24
CA PRO D 191 -7.45 0.87 -32.58
C PRO D 191 -6.07 0.25 -32.78
N SER D 192 -5.84 -0.88 -32.11
CA SER D 192 -4.57 -1.59 -32.22
C SER D 192 -4.82 -3.01 -32.69
N ASN D 193 -3.71 -3.70 -32.99
CA ASN D 193 -3.76 -5.09 -33.43
C ASN D 193 -4.58 -5.89 -32.41
N PRO D 194 -5.69 -6.49 -32.84
CA PRO D 194 -6.55 -7.27 -31.95
C PRO D 194 -5.93 -8.61 -31.55
N ILE D 195 -4.88 -9.02 -32.24
CA ILE D 195 -4.24 -10.29 -31.93
C ILE D 195 -3.13 -10.24 -30.88
N THR D 196 -2.21 -9.30 -31.04
CA THR D 196 -1.07 -9.18 -30.12
C THR D 196 -1.03 -7.92 -29.25
N SER D 197 -1.83 -6.91 -29.58
CA SER D 197 -1.82 -5.70 -28.77
C SER D 197 -2.97 -5.67 -27.77
N ILE D 198 -4.14 -6.13 -28.19
CA ILE D 198 -5.30 -6.16 -27.33
C ILE D 198 -5.58 -7.57 -26.86
N GLY D 199 -5.35 -8.53 -27.76
CA GLY D 199 -5.58 -9.94 -27.48
C GLY D 199 -5.06 -10.44 -26.15
N PRO D 200 -3.80 -10.18 -25.82
CA PRO D 200 -3.25 -10.65 -24.55
C PRO D 200 -4.05 -10.15 -23.34
N ILE D 201 -4.47 -8.89 -23.39
CA ILE D 201 -5.25 -8.32 -22.30
C ILE D 201 -6.60 -9.02 -22.15
N ILE D 202 -7.34 -9.15 -23.24
CA ILE D 202 -8.65 -9.79 -23.13
C ILE D 202 -8.56 -11.32 -22.98
N SER D 203 -7.36 -11.87 -23.18
CA SER D 203 -7.15 -13.32 -23.05
C SER D 203 -6.91 -13.73 -21.61
N LEU D 204 -6.61 -12.76 -20.76
CA LEU D 204 -6.36 -13.08 -19.36
C LEU D 204 -7.61 -13.74 -18.80
N PRO D 205 -7.44 -14.76 -17.92
CA PRO D 205 -8.59 -15.44 -17.34
C PRO D 205 -9.54 -14.54 -16.58
N GLY D 206 -10.82 -14.63 -16.95
CA GLY D 206 -11.86 -13.85 -16.32
C GLY D 206 -12.13 -12.50 -16.97
N MSE D 207 -11.19 -12.00 -17.78
CA MSE D 207 -11.36 -10.70 -18.41
C MSE D 207 -12.61 -10.59 -19.28
O MSE D 207 -13.35 -9.62 -19.19
CB MSE D 207 -10.11 -10.33 -19.23
CG MSE D 207 -10.14 -8.92 -19.79
SE MSE D 207 -10.45 -7.53 -18.42
CE MSE D 207 -8.61 -7.18 -17.86
N ARG D 208 -12.84 -11.59 -20.13
CA ARG D 208 -14.01 -11.58 -21.00
C ARG D 208 -15.31 -11.46 -20.21
N GLU D 209 -15.44 -12.24 -19.14
CA GLU D 209 -16.65 -12.20 -18.36
C GLU D 209 -16.72 -10.85 -17.63
N LEU D 210 -15.56 -10.26 -17.40
CA LEU D 210 -15.53 -8.98 -16.73
C LEU D 210 -16.01 -7.89 -17.71
N LEU D 211 -15.55 -7.93 -18.96
CA LEU D 211 -15.94 -6.95 -19.96
C LEU D 211 -17.43 -6.97 -20.26
N LYS D 212 -18.04 -8.14 -20.15
CA LYS D 212 -19.47 -8.31 -20.41
C LYS D 212 -20.33 -7.43 -19.49
N LYS D 213 -19.93 -7.27 -18.24
CA LYS D 213 -20.70 -6.46 -17.33
C LYS D 213 -20.40 -4.97 -17.43
N LYS D 214 -19.79 -4.56 -18.55
CA LYS D 214 -19.46 -3.16 -18.72
C LYS D 214 -19.77 -2.61 -20.10
N LYS D 215 -19.70 -1.30 -20.25
CA LYS D 215 -19.98 -0.66 -21.54
C LYS D 215 -18.66 -0.60 -22.29
N VAL D 216 -18.56 -1.40 -23.34
CA VAL D 216 -17.34 -1.47 -24.12
C VAL D 216 -17.46 -0.88 -25.53
N VAL D 217 -16.52 0.00 -25.86
CA VAL D 217 -16.48 0.64 -27.16
C VAL D 217 -15.11 0.30 -27.77
N ALA D 218 -15.09 -0.05 -29.04
CA ALA D 218 -13.83 -0.36 -29.72
C ALA D 218 -13.77 0.41 -31.03
N VAL D 219 -12.57 0.80 -31.43
CA VAL D 219 -12.33 1.52 -32.68
C VAL D 219 -11.52 0.58 -33.54
N SER D 220 -12.02 0.30 -34.74
CA SER D 220 -11.31 -0.61 -35.62
C SER D 220 -9.95 -0.09 -36.06
N PRO D 221 -8.94 -0.98 -36.12
CA PRO D 221 -7.58 -0.59 -36.53
C PRO D 221 -7.40 -0.88 -38.02
N ILE D 222 -8.43 -1.48 -38.63
CA ILE D 222 -8.36 -1.80 -40.05
C ILE D 222 -9.17 -0.89 -40.95
N ILE D 223 -8.52 -0.34 -41.96
CA ILE D 223 -9.19 0.54 -42.93
C ILE D 223 -9.20 -0.22 -44.25
N GLY D 224 -10.34 -0.80 -44.57
CA GLY D 224 -10.44 -1.56 -45.81
C GLY D 224 -10.13 -3.02 -45.57
N ASN D 225 -8.95 -3.45 -46.02
CA ASN D 225 -8.52 -4.84 -45.89
C ASN D 225 -7.10 -4.93 -45.34
N ALA D 226 -6.61 -3.81 -44.81
CA ALA D 226 -5.28 -3.76 -44.22
C ALA D 226 -5.23 -2.75 -43.08
N PRO D 227 -4.36 -3.00 -42.09
CA PRO D 227 -4.26 -2.07 -40.97
C PRO D 227 -3.54 -0.80 -41.39
N VAL D 228 -3.67 0.24 -40.60
CA VAL D 228 -2.99 1.50 -40.89
C VAL D 228 -1.48 1.28 -40.80
N SER D 229 -1.06 0.46 -39.84
CA SER D 229 0.36 0.14 -39.61
C SER D 229 0.46 -1.15 -38.80
N GLY D 230 1.61 -1.81 -38.86
CA GLY D 230 1.77 -3.03 -38.09
C GLY D 230 1.58 -4.29 -38.90
N PRO D 231 1.89 -5.45 -38.31
CA PRO D 231 1.76 -6.75 -38.99
C PRO D 231 0.39 -7.42 -38.83
N ALA D 232 -0.65 -6.65 -38.48
CA ALA D 232 -1.98 -7.24 -38.30
C ALA D 232 -2.44 -7.98 -39.55
N GLY D 233 -1.92 -7.54 -40.70
CA GLY D 233 -2.26 -8.17 -41.97
C GLY D 233 -1.83 -9.62 -42.02
N LYS D 234 -0.75 -9.95 -41.33
CA LYS D 234 -0.28 -11.33 -41.32
C LYS D 234 -0.76 -12.06 -40.08
N LEU D 235 -0.73 -11.40 -38.94
CA LEU D 235 -1.12 -12.04 -37.69
C LEU D 235 -2.59 -12.45 -37.63
N MSE D 236 -3.47 -11.62 -38.19
CA MSE D 236 -4.89 -11.93 -38.15
C MSE D 236 -5.27 -13.18 -38.93
O MSE D 236 -5.91 -14.08 -38.39
CB MSE D 236 -5.68 -10.72 -38.61
CG MSE D 236 -5.57 -9.57 -37.63
SE MSE D 236 -6.67 -8.06 -38.15
CE MSE D 236 -8.40 -8.85 -37.79
N PRO D 237 -4.89 -13.25 -40.22
CA PRO D 237 -5.24 -14.43 -41.02
C PRO D 237 -4.61 -15.69 -40.44
N ALA D 238 -3.41 -15.55 -39.85
CA ALA D 238 -2.73 -16.68 -39.25
C ALA D 238 -3.51 -17.20 -38.04
N CYS D 239 -4.55 -16.47 -37.64
CA CYS D 239 -5.39 -16.88 -36.52
C CYS D 239 -6.81 -17.14 -36.98
N GLY D 240 -6.97 -17.26 -38.28
CA GLY D 240 -8.29 -17.54 -38.84
C GLY D 240 -9.26 -16.38 -38.77
N ILE D 241 -8.72 -15.16 -38.81
CA ILE D 241 -9.56 -13.97 -38.75
C ILE D 241 -9.45 -13.16 -40.02
N GLU D 242 -10.59 -12.80 -40.61
CA GLU D 242 -10.65 -12.01 -41.83
C GLU D 242 -10.09 -10.61 -41.53
N VAL D 243 -9.22 -10.09 -42.38
CA VAL D 243 -8.66 -8.76 -42.13
C VAL D 243 -9.61 -7.65 -42.58
N SER D 244 -10.59 -7.34 -41.72
CA SER D 244 -11.57 -6.31 -42.03
C SER D 244 -12.22 -5.81 -40.74
N SER D 245 -12.81 -4.63 -40.78
CA SER D 245 -13.46 -4.10 -39.60
C SER D 245 -14.49 -5.09 -39.10
N MSE D 246 -15.06 -5.86 -40.01
CA MSE D 246 -16.05 -6.84 -39.63
C MSE D 246 -15.35 -7.98 -38.87
O MSE D 246 -15.89 -8.51 -37.89
CB MSE D 246 -16.76 -7.39 -40.87
CG MSE D 246 -17.94 -8.30 -40.56
SE MSE D 246 -19.38 -7.44 -39.56
CE MSE D 246 -20.61 -8.94 -39.42
N GLY D 247 -14.16 -8.35 -39.32
CA GLY D 247 -13.43 -9.41 -38.65
C GLY D 247 -13.11 -9.00 -37.23
N VAL D 248 -12.74 -7.74 -37.05
CA VAL D 248 -12.42 -7.23 -35.71
C VAL D 248 -13.64 -7.27 -34.81
N ALA D 249 -14.78 -6.82 -35.34
CA ALA D 249 -16.01 -6.79 -34.57
C ALA D 249 -16.41 -8.18 -34.07
N GLU D 250 -16.23 -9.19 -34.94
CA GLU D 250 -16.57 -10.57 -34.57
C GLU D 250 -15.65 -11.06 -33.47
N TYR D 251 -14.40 -10.64 -33.55
CA TYR D 251 -13.39 -11.02 -32.57
C TYR D 251 -13.79 -10.58 -31.16
N TYR D 252 -14.45 -9.42 -31.07
CA TYR D 252 -14.88 -8.89 -29.77
C TYR D 252 -16.36 -9.10 -29.46
N GLN D 253 -17.04 -9.71 -30.42
CA GLN D 253 -18.47 -10.02 -30.36
C GLN D 253 -19.02 -10.33 -28.97
N ASP D 254 -18.29 -11.14 -28.23
CA ASP D 254 -18.69 -11.53 -26.90
C ASP D 254 -18.98 -10.37 -25.93
N PHE D 255 -18.36 -9.22 -26.13
CA PHE D 255 -18.57 -8.10 -25.21
C PHE D 255 -18.66 -6.72 -25.85
N LEU D 256 -18.53 -6.65 -27.15
CA LEU D 256 -18.57 -5.36 -27.82
C LEU D 256 -19.94 -4.69 -27.77
N ASP D 257 -19.99 -3.43 -27.34
CA ASP D 257 -21.27 -2.74 -27.30
C ASP D 257 -21.40 -1.73 -28.43
N VAL D 258 -20.32 -0.98 -28.68
CA VAL D 258 -20.32 0.05 -29.73
C VAL D 258 -19.07 -0.11 -30.57
N PHE D 259 -19.19 -0.03 -31.88
CA PHE D 259 -18.04 -0.20 -32.73
C PHE D 259 -17.86 1.01 -33.64
N VAL D 260 -16.62 1.45 -33.80
CA VAL D 260 -16.34 2.59 -34.64
C VAL D 260 -15.33 2.23 -35.72
N PHE D 261 -15.74 2.19 -36.99
CA PHE D 261 -14.80 1.88 -38.06
C PHE D 261 -14.67 3.05 -39.03
N ASP D 262 -13.74 2.96 -39.97
CA ASP D 262 -13.52 4.06 -40.89
C ASP D 262 -14.60 4.30 -41.93
N GLU D 263 -14.71 5.54 -42.41
CA GLU D 263 -15.69 5.94 -43.40
C GLU D 263 -15.47 5.25 -44.75
N ARG D 264 -14.20 5.15 -45.13
CA ARG D 264 -13.87 4.52 -46.41
C ARG D 264 -14.49 3.16 -46.61
N ASP D 265 -15.05 2.56 -45.56
CA ASP D 265 -15.63 1.23 -45.72
C ASP D 265 -17.11 1.15 -46.07
N ARG D 266 -17.94 1.94 -45.41
CA ARG D 266 -19.37 1.90 -45.70
C ARG D 266 -19.82 0.43 -45.71
N ALA D 267 -20.02 -0.13 -44.52
CA ALA D 267 -20.44 -1.52 -44.42
C ALA D 267 -21.88 -1.66 -43.93
N ASP D 268 -22.46 -2.83 -44.20
CA ASP D 268 -23.84 -3.12 -43.81
C ASP D 268 -24.04 -2.88 -42.33
N GLU D 269 -24.88 -1.91 -41.99
CA GLU D 269 -25.17 -1.61 -40.59
C GLU D 269 -25.98 -2.74 -39.95
N PHE D 270 -26.66 -3.53 -40.79
CA PHE D 270 -27.44 -4.66 -40.30
C PHE D 270 -26.50 -5.81 -39.91
N ALA D 271 -25.36 -5.88 -40.60
CA ALA D 271 -24.36 -6.90 -40.33
C ALA D 271 -23.85 -6.76 -38.89
N PHE D 272 -23.52 -5.54 -38.50
CA PHE D 272 -23.03 -5.29 -37.15
C PHE D 272 -24.14 -5.52 -36.14
N GLU D 273 -25.36 -5.10 -36.49
CA GLU D 273 -26.51 -5.28 -35.60
C GLU D 273 -26.65 -6.75 -35.24
N ARG D 274 -26.44 -7.61 -36.24
CA ARG D 274 -26.55 -9.05 -36.03
C ARG D 274 -25.51 -9.55 -35.02
N LEU D 275 -24.34 -8.90 -34.99
CA LEU D 275 -23.28 -9.25 -34.05
C LEU D 275 -23.63 -8.78 -32.65
N GLY D 276 -24.60 -7.88 -32.55
CA GLY D 276 -25.01 -7.38 -31.25
C GLY D 276 -24.28 -6.13 -30.78
N CYS D 277 -24.00 -5.21 -31.70
CA CYS D 277 -23.31 -3.97 -31.32
C CYS D 277 -23.66 -2.83 -32.26
N HIS D 278 -23.86 -1.65 -31.69
CA HIS D 278 -24.18 -0.49 -32.50
C HIS D 278 -22.89 -0.03 -33.17
N ALA D 279 -22.94 0.21 -34.46
CA ALA D 279 -21.74 0.65 -35.18
C ALA D 279 -21.94 2.00 -35.84
N SER D 280 -20.83 2.73 -36.00
CA SER D 280 -20.86 4.03 -36.65
C SER D 280 -19.50 4.25 -37.28
N ARG D 281 -19.43 5.13 -38.28
CA ARG D 281 -18.19 5.38 -38.96
C ARG D 281 -17.60 6.75 -38.65
N ALA D 282 -16.31 6.90 -38.88
CA ALA D 282 -15.62 8.15 -38.61
C ALA D 282 -14.26 8.06 -39.27
N ASP D 283 -13.49 9.15 -39.24
CA ASP D 283 -12.15 9.12 -39.84
C ASP D 283 -11.17 8.60 -38.79
N THR D 284 -10.85 7.31 -38.87
CA THR D 284 -9.94 6.69 -37.91
C THR D 284 -8.46 6.87 -38.26
N LEU D 285 -8.20 7.51 -39.38
CA LEU D 285 -6.82 7.73 -39.79
C LEU D 285 -6.27 8.96 -39.10
N MSE D 286 -5.54 8.74 -38.00
CA MSE D 286 -4.99 9.83 -37.22
C MSE D 286 -3.62 10.29 -37.72
O MSE D 286 -2.60 9.74 -37.33
CB MSE D 286 -4.86 9.39 -35.77
CG MSE D 286 -6.17 8.93 -35.19
SE MSE D 286 -5.94 8.17 -33.44
CE MSE D 286 -5.67 6.31 -33.96
N THR D 287 -3.63 11.33 -38.55
CA THR D 287 -2.39 11.86 -39.10
C THR D 287 -1.85 13.06 -38.30
N SER D 288 -2.51 13.39 -37.20
CA SER D 288 -2.07 14.50 -36.38
C SER D 288 -2.83 14.54 -35.07
N THR D 289 -2.40 15.39 -34.14
CA THR D 289 -3.05 15.49 -32.86
C THR D 289 -4.51 15.91 -33.05
N GLU D 290 -4.77 16.82 -33.98
CA GLU D 290 -6.13 17.25 -34.22
C GLU D 290 -7.04 16.11 -34.70
N LYS D 291 -6.54 15.28 -35.61
CA LYS D 291 -7.31 14.15 -36.09
C LYS D 291 -7.61 13.19 -34.93
N SER D 292 -6.62 12.99 -34.06
CA SER D 292 -6.79 12.11 -32.90
C SER D 292 -7.83 12.71 -31.96
N LYS D 293 -7.80 14.03 -31.81
CA LYS D 293 -8.75 14.72 -30.96
C LYS D 293 -10.15 14.53 -31.52
N GLU D 294 -10.30 14.76 -32.83
CA GLU D 294 -11.60 14.59 -33.46
C GLU D 294 -12.14 13.18 -33.27
N LEU D 295 -11.26 12.18 -33.43
CA LEU D 295 -11.70 10.80 -33.26
C LEU D 295 -12.00 10.52 -31.78
N ALA D 296 -11.23 11.13 -30.88
CA ALA D 296 -11.47 10.91 -29.46
C ALA D 296 -12.84 11.48 -29.07
N GLU D 297 -13.22 12.61 -29.69
CA GLU D 297 -14.51 13.22 -29.38
C GLU D 297 -15.65 12.29 -29.84
N ILE D 298 -15.48 11.68 -31.00
CA ILE D 298 -16.51 10.77 -31.48
C ILE D 298 -16.62 9.57 -30.55
N VAL D 299 -15.48 9.12 -30.04
CA VAL D 299 -15.48 8.00 -29.11
C VAL D 299 -16.20 8.41 -27.83
N VAL D 300 -15.93 9.60 -27.31
CA VAL D 300 -16.61 10.03 -26.08
C VAL D 300 -18.11 10.08 -26.32
N GLN D 301 -18.49 10.58 -27.48
CA GLN D 301 -19.90 10.66 -27.83
C GLN D 301 -20.51 9.25 -27.85
N ALA D 302 -19.74 8.25 -28.31
CA ALA D 302 -20.23 6.87 -28.36
C ALA D 302 -20.59 6.37 -26.96
N PHE D 303 -19.84 6.80 -25.95
CA PHE D 303 -20.11 6.39 -24.58
C PHE D 303 -21.32 7.14 -24.03
N LEU D 304 -21.51 8.38 -24.48
CA LEU D 304 -22.64 9.19 -24.03
C LEU D 304 -23.96 8.75 -24.62
N GLU D 305 -23.97 8.45 -25.92
CA GLU D 305 -25.19 8.01 -26.61
C GLU D 305 -25.78 6.72 -26.05
N HIS D 306 -25.24 5.58 -26.47
CA HIS D 306 -25.72 4.27 -26.03
C HIS D 306 -25.42 4.01 -24.56
P PO4 E . 0.96 -11.44 13.87
O1 PO4 E . 1.76 -12.58 13.37
O2 PO4 E . -0.03 -11.04 12.84
O3 PO4 E . 1.84 -10.30 14.17
O4 PO4 E . 0.25 -11.87 15.11
N1 FO1 F . -9.60 -11.52 15.27
C1 FO1 F . -10.17 -12.57 14.62
O1 FO1 F . -9.40 -13.35 14.03
N2 FO1 F . -11.61 -12.72 14.65
C2 FO1 F . -12.40 -11.78 15.35
O2 FO1 F . -13.64 -11.77 15.47
C3 FO1 F . -11.80 -10.59 16.09
C4 FO1 F . -12.54 -9.59 16.84
C5 FO1 F . -11.88 -8.50 17.51
C6 FO1 F . -12.63 -7.50 18.26
C7 FO1 F . -11.94 -6.42 18.95
C9 FO1 F . -10.43 -6.35 18.87
O10 FO1 F . -9.69 -5.41 19.43
C11 FO1 F . -9.67 -7.28 18.15
C12 FO1 F . -10.31 -8.40 17.45
N3 FO1 F . -9.59 -9.45 16.66
C13 FO1 F . -10.29 -10.54 15.99
C14 FO1 F . -8.07 -9.40 16.55
C15 FO1 F . -7.35 -8.56 15.44
O3 FO1 F . -7.76 -9.14 14.15
P PO4 G . -45.97 12.37 25.92
O1 PO4 G . -47.36 12.04 26.31
O2 PO4 G . -45.51 13.58 26.66
O3 PO4 G . -45.92 12.65 24.46
O4 PO4 G . -45.07 11.23 26.23
N1 FO1 H . -36.42 7.81 28.91
C1 FO1 H . -36.06 8.05 30.20
O1 FO1 H . -36.83 8.74 30.88
N2 FO1 H . -34.82 7.50 30.71
C2 FO1 H . -34.00 6.71 29.86
O2 FO1 H . -32.92 6.19 30.14
C3 FO1 H . -34.38 6.42 28.41
C4 FO1 H . -33.60 5.63 27.46
C5 FO1 H . -34.04 5.39 26.12
C6 FO1 H . -33.26 4.59 25.20
C7 FO1 H . -33.72 4.34 23.83
C9 FO1 H . -35.03 4.95 23.39
O10 FO1 H . -35.55 4.81 22.17
C11 FO1 H . -35.83 5.75 24.23
C12 FO1 H . -35.40 6.02 25.63
N3 FO1 H . -36.17 6.84 26.62
C13 FO1 H . -35.70 7.04 27.98
C14 FO1 H . -37.50 7.48 26.21
C15 FO1 H . -37.59 8.83 25.43
O3 FO1 H . -36.72 9.79 26.11
P PO4 I . 45.38 1.85 -5.19
O1 PO4 I . 44.99 2.05 -3.77
O2 PO4 I . 45.31 0.41 -5.51
O3 PO4 I . 46.78 2.33 -5.40
O4 PO4 I . 44.45 2.61 -6.06
N1 FO1 J . 35.86 5.96 -8.93
C1 FO1 J . 35.45 7.06 -8.25
O1 FO1 J . 36.18 7.47 -7.33
N2 FO1 J . 34.20 7.69 -8.61
C2 FO1 J . 33.44 7.16 -9.68
O2 FO1 J . 32.36 7.58 -10.11
C3 FO1 J . 33.87 5.92 -10.47
C4 FO1 J . 33.16 5.30 -11.58
C5 FO1 J . 33.64 4.13 -12.27
C6 FO1 J . 32.92 3.54 -13.37
C7 FO1 J . 33.44 2.35 -14.06
C9 FO1 J . 34.75 1.76 -13.60
O10 FO1 J . 35.33 0.70 -14.15
C11 FO1 J . 35.50 2.30 -12.53
C12 FO1 J . 35.02 3.50 -11.80
N3 FO1 J . 35.73 4.16 -10.65
C13 FO1 J . 35.19 5.34 -9.99
C14 FO1 J . 37.06 3.58 -10.16
C15 FO1 J . 37.13 2.38 -9.17
O3 FO1 J . 36.46 2.80 -7.94
P PO4 K . -0.31 -2.20 -33.70
O1 PO4 K . -1.10 -2.90 -34.75
O2 PO4 K . 0.30 -3.22 -32.80
O3 PO4 K . -1.20 -1.30 -32.92
O4 PO4 K . 0.76 -1.41 -34.35
N1 FO1 L . 10.17 -0.63 -32.89
C1 FO1 L . 10.83 -0.84 -34.07
O1 FO1 L . 10.13 -1.13 -35.05
N2 FO1 L . 12.27 -0.71 -34.10
C2 FO1 L . 12.99 -0.37 -32.93
O2 FO1 L . 14.21 -0.23 -32.79
C3 FO1 L . 12.29 -0.13 -31.60
C4 FO1 L . 12.94 0.24 -30.35
C5 FO1 L . 12.22 0.45 -29.14
C6 FO1 L . 12.89 0.80 -27.90
C7 FO1 L . 12.11 1.02 -26.68
C9 FO1 L . 10.61 0.86 -26.74
O10 FO1 L . 9.79 1.02 -25.71
C11 FO1 L . 9.93 0.52 -27.91
C12 FO1 L . 10.65 0.29 -29.17
N3 FO1 L . 10.00 -0.07 -30.47
C13 FO1 L . 10.78 -0.28 -31.67
C14 FO1 L . 8.50 -0.24 -30.53
C15 FO1 L . 7.81 -1.61 -30.24
O3 FO1 L . 8.38 -2.56 -31.19
#